data_7CJB
#
_entry.id   7CJB
#
_cell.length_a   94.831
_cell.length_b   94.831
_cell.length_c   361.605
_cell.angle_alpha   90.000
_cell.angle_beta   90.000
_cell.angle_gamma   90.000
#
_symmetry.space_group_name_H-M   'P 41 2 2'
#
loop_
_entity.id
_entity.type
_entity.pdbx_description
1 polymer 'von Hippel-Lindau disease tumor suppressor'
2 polymer Elongin-B
3 polymer Elongin-C
4 polymer THR-LEU-TYR-TYR-MET-ALA-PRO-GLU-HIS-LEU-ASN-ASP-VAL-ASN-ALA
5 non-polymer GLYCEROL
#
loop_
_entity_poly.entity_id
_entity_poly.type
_entity_poly.pdbx_seq_one_letter_code
_entity_poly.pdbx_strand_id
1 'polypeptide(L)'
;GPGSEAGRPRPVLRSVNSREPSQVIFCNRSPRVVLPVWLNFDGEPQPYPTLPPGTGRRIHSYRGHLWLFRDAGTHDGLLV
NQTELFVPSLNVDGQPIFANITLPVYTLKERCLQVVRSLVKPENYRRLDIVRSLYEDLEDHPNVQKDLERLTQERIAHQR
MGD
;
A,E,I,M
2 'polypeptide(L)'
;GPGSMDVFLMIRRHKTTIFTDAKESSTVFELKRIVEGILKRPPDEQRLYKDDQLLDDGKTLGEAGFTSQTARPQAPATVG
LAFRADDTFEALSIEPFSSPPELPDVMKPQDSGSSANEQAVQ
;
B,F,J,N
3 'polypeptide(L)'
;GPGSMYVKLISSDGHEFIVKREHALTSGTIKAMLSGPGQFAENETNEVNFREIPSHVLSKVCMYFTYKVRYTNSSTEIPE
FPIAPEIALELLMAANFLDC
;
C,G,K,O
4 'polypeptide(L)' TLYYMA(HYP)EHLNDVNA D,H,L,P
#
loop_
_chem_comp.id
_chem_comp.type
_chem_comp.name
_chem_comp.formula
GOL non-polymer GLYCEROL 'C3 H8 O3'
#
# COMPACT_ATOMS: atom_id res chain seq x y z
N ARG A 10 54.41 33.60 22.81
CA ARG A 10 53.04 33.93 23.34
C ARG A 10 52.11 32.73 23.15
N PRO A 11 51.25 32.41 24.16
CA PRO A 11 50.52 31.14 24.21
C PRO A 11 49.65 30.88 22.99
N VAL A 12 49.62 29.61 22.53
CA VAL A 12 48.87 29.28 21.32
C VAL A 12 47.35 29.50 21.51
N LEU A 13 46.76 29.00 22.62
CA LEU A 13 45.33 29.11 22.84
C LEU A 13 44.97 30.39 23.59
N ARG A 14 44.46 31.37 22.86
CA ARG A 14 44.16 32.72 23.32
C ARG A 14 43.18 33.37 22.36
N SER A 15 42.35 34.28 22.89
CA SER A 15 41.49 35.04 22.01
C SER A 15 42.31 36.05 21.23
N VAL A 16 41.88 36.36 20.01
CA VAL A 16 42.49 37.43 19.24
C VAL A 16 41.67 38.70 19.46
N ASN A 17 42.36 39.85 19.49
CA ASN A 17 41.72 41.13 19.69
C ASN A 17 41.12 41.64 18.38
N SER A 18 40.00 41.06 17.98
CA SER A 18 39.42 41.32 16.66
C SER A 18 38.72 42.67 16.61
N ARG A 19 38.15 43.03 17.76
CA ARG A 19 37.28 44.20 17.89
C ARG A 19 36.02 44.11 17.02
N GLU A 20 35.70 42.88 16.58
CA GLU A 20 34.56 42.64 15.72
C GLU A 20 33.46 41.95 16.52
N PRO A 21 32.41 42.68 16.93
CA PRO A 21 31.40 42.10 17.83
C PRO A 21 30.71 40.87 17.24
N SER A 22 30.42 39.90 18.10
CA SER A 22 29.68 38.70 17.75
C SER A 22 28.69 38.44 18.89
N GLN A 23 27.40 38.54 18.56
CA GLN A 23 26.35 38.25 19.54
C GLN A 23 26.20 36.75 19.71
N VAL A 24 26.24 36.28 20.96
CA VAL A 24 26.19 34.86 21.29
C VAL A 24 25.12 34.63 22.36
N ILE A 25 24.54 33.43 22.32
CA ILE A 25 23.67 32.97 23.38
C ILE A 25 24.21 31.65 23.92
N PHE A 26 24.68 31.69 25.17
CA PHE A 26 25.03 30.49 25.94
C PHE A 26 23.72 29.80 26.32
N CYS A 27 23.57 28.53 25.89
CA CYS A 27 22.37 27.77 26.19
C CYS A 27 22.80 26.51 26.94
N ASN A 28 22.42 26.44 28.22
CA ASN A 28 22.86 25.34 29.06
C ASN A 28 21.88 24.19 28.89
N ARG A 29 22.27 23.20 28.11
CA ARG A 29 21.47 22.01 27.85
C ARG A 29 22.04 20.81 28.60
N SER A 30 22.45 21.06 29.85
CA SER A 30 23.05 20.07 30.73
C SER A 30 22.32 20.17 32.04
N PRO A 31 22.45 19.14 32.91
CA PRO A 31 21.88 19.22 34.25
C PRO A 31 22.80 19.93 35.26
N ARG A 32 23.97 20.40 34.80
CA ARG A 32 24.97 21.00 35.66
C ARG A 32 24.83 22.52 35.68
N VAL A 33 25.34 23.12 36.78
CA VAL A 33 25.60 24.55 36.77
C VAL A 33 26.85 24.79 35.93
N VAL A 34 26.74 25.61 34.89
CA VAL A 34 27.82 25.80 33.95
C VAL A 34 28.62 27.06 34.27
N LEU A 35 29.96 26.92 34.26
CA LEU A 35 30.88 28.04 34.32
C LEU A 35 31.44 28.30 32.92
N PRO A 36 31.05 29.38 32.22
CA PRO A 36 31.72 29.74 30.98
C PRO A 36 33.08 30.36 31.29
N VAL A 37 34.11 29.94 30.55
CA VAL A 37 35.47 30.38 30.81
C VAL A 37 36.03 30.97 29.52
N TRP A 38 36.41 32.25 29.56
CA TRP A 38 36.94 32.97 28.41
C TRP A 38 38.44 32.94 28.52
N LEU A 39 39.13 32.59 27.42
CA LEU A 39 40.58 32.69 27.35
C LEU A 39 40.92 34.11 26.87
N ASN A 40 41.62 34.88 27.70
CA ASN A 40 41.82 36.28 27.40
C ASN A 40 42.94 36.39 26.37
N PHE A 41 43.43 37.61 26.13
CA PHE A 41 44.35 37.86 25.03
C PHE A 41 45.75 37.35 25.33
N ASP A 42 45.99 36.96 26.60
CA ASP A 42 47.24 36.36 27.04
C ASP A 42 47.04 34.86 27.31
N GLY A 43 45.90 34.31 26.95
CA GLY A 43 45.67 32.88 27.15
C GLY A 43 45.23 32.51 28.56
N GLU A 44 44.97 33.52 29.40
CA GLU A 44 44.63 33.23 30.78
C GLU A 44 43.12 33.02 30.87
N PRO A 45 42.66 31.93 31.53
CA PRO A 45 41.23 31.67 31.69
C PRO A 45 40.57 32.69 32.62
N GLN A 46 39.42 33.28 32.23
CA GLN A 46 38.69 34.28 33.00
C GLN A 46 37.25 33.80 33.15
N PRO A 47 36.72 33.58 34.37
CA PRO A 47 35.37 33.06 34.53
C PRO A 47 34.29 34.13 34.29
N TYR A 48 33.17 33.76 33.66
CA TYR A 48 32.01 34.60 33.49
C TYR A 48 30.95 34.06 34.45
N PRO A 49 29.91 34.85 34.84
CA PRO A 49 28.87 34.30 35.71
C PRO A 49 28.32 32.97 35.19
N THR A 50 27.99 32.08 36.12
CA THR A 50 27.44 30.76 35.93
C THR A 50 26.00 30.79 35.39
N LEU A 51 25.61 29.69 34.75
CA LEU A 51 24.30 29.47 34.15
C LEU A 51 23.63 28.30 34.85
N PRO A 52 22.45 28.48 35.50
CA PRO A 52 21.69 27.36 36.04
C PRO A 52 21.34 26.36 34.94
N PRO A 53 21.05 25.07 35.27
CA PRO A 53 20.60 24.11 34.26
C PRO A 53 19.37 24.60 33.52
N GLY A 54 19.37 24.41 32.20
CA GLY A 54 18.22 24.65 31.34
C GLY A 54 17.92 26.13 31.16
N THR A 55 18.91 27.01 31.45
CA THR A 55 18.78 28.44 31.25
C THR A 55 19.70 28.89 30.11
N GLY A 56 19.40 30.04 29.56
CA GLY A 56 20.30 30.61 28.56
C GLY A 56 20.54 32.08 28.88
N ARG A 57 21.54 32.66 28.20
CA ARG A 57 22.07 33.98 28.52
C ARG A 57 22.71 34.61 27.28
N ARG A 58 22.39 35.89 27.03
CA ARG A 58 22.98 36.64 25.93
C ARG A 58 24.33 37.20 26.33
N ILE A 59 25.31 37.05 25.43
CA ILE A 59 26.66 37.54 25.60
C ILE A 59 27.05 38.41 24.42
N HIS A 60 27.73 39.52 24.70
CA HIS A 60 28.44 40.27 23.68
C HIS A 60 29.90 39.84 23.71
N SER A 61 30.28 39.01 22.74
CA SER A 61 31.62 38.51 22.59
C SER A 61 32.15 39.06 21.28
N TYR A 62 33.15 38.39 20.70
CA TYR A 62 33.83 38.96 19.55
C TYR A 62 34.37 37.86 18.67
N ARG A 63 34.53 38.18 17.39
CA ARG A 63 35.09 37.20 16.48
C ARG A 63 36.49 36.78 16.93
N GLY A 64 36.74 35.47 16.89
CA GLY A 64 38.03 34.89 17.21
C GLY A 64 38.33 34.83 18.71
N HIS A 65 37.35 35.10 19.57
CA HIS A 65 37.55 34.87 20.99
C HIS A 65 37.36 33.39 21.30
N LEU A 66 38.07 32.83 22.30
CA LEU A 66 37.96 31.42 22.64
C LEU A 66 37.28 31.25 23.99
N TRP A 67 36.40 30.24 24.08
CA TRP A 67 35.59 29.90 25.25
C TRP A 67 35.66 28.38 25.49
N LEU A 68 35.61 28.02 26.77
CA LEU A 68 35.31 26.64 27.10
C LEU A 68 34.39 26.64 28.31
N PHE A 69 33.83 25.47 28.66
CA PHE A 69 32.74 25.47 29.62
C PHE A 69 32.85 24.28 30.55
N ARG A 70 32.52 24.49 31.82
CA ARG A 70 32.84 23.51 32.85
C ARG A 70 31.74 23.50 33.91
N ASP A 71 31.56 22.34 34.57
CA ASP A 71 30.78 22.30 35.78
C ASP A 71 31.41 23.30 36.76
N ALA A 72 30.57 24.21 37.28
CA ALA A 72 31.04 25.29 38.15
C ALA A 72 31.50 24.73 39.49
N GLY A 73 30.87 23.64 39.93
CA GLY A 73 31.14 23.07 41.23
C GLY A 73 32.33 22.12 41.20
N THR A 74 32.49 21.38 40.11
CA THR A 74 33.48 20.31 40.09
C THR A 74 34.53 20.48 39.00
N HIS A 75 34.32 21.38 38.06
CA HIS A 75 35.19 21.59 36.92
C HIS A 75 35.22 20.42 35.96
N ASP A 76 34.22 19.53 36.04
CA ASP A 76 34.10 18.46 35.06
C ASP A 76 34.06 19.13 33.68
N GLY A 77 34.72 18.56 32.65
CA GLY A 77 34.57 19.14 31.32
C GLY A 77 33.16 18.93 30.78
N LEU A 78 32.68 19.95 30.06
CA LEU A 78 31.47 19.96 29.25
C LEU A 78 31.80 20.24 27.79
N LEU A 79 30.88 19.87 26.91
CA LEU A 79 30.99 20.15 25.49
C LEU A 79 30.16 21.40 25.15
N VAL A 80 30.63 22.13 24.12
CA VAL A 80 29.91 23.25 23.54
C VAL A 80 29.87 23.03 22.02
N ASN A 81 28.66 23.03 21.45
CA ASN A 81 28.42 22.62 20.08
C ASN A 81 29.22 21.36 19.78
N GLN A 82 29.15 20.42 20.75
CA GLN A 82 29.69 19.07 20.65
C GLN A 82 31.22 19.05 20.58
N THR A 83 31.89 20.16 20.96
CA THR A 83 33.35 20.15 20.98
C THR A 83 33.89 20.82 22.25
N GLU A 84 35.23 20.90 22.38
CA GLU A 84 35.84 21.36 23.61
C GLU A 84 35.82 22.89 23.69
N LEU A 85 36.09 23.53 22.55
CA LEU A 85 36.26 24.97 22.44
C LEU A 85 35.19 25.58 21.54
N PHE A 86 34.83 26.82 21.86
CA PHE A 86 33.85 27.62 21.15
C PHE A 86 34.45 28.96 20.72
N VAL A 87 34.34 29.26 19.41
CA VAL A 87 34.84 30.50 18.84
C VAL A 87 33.71 31.23 18.12
N PRO A 88 33.15 32.35 18.66
CA PRO A 88 32.07 33.09 18.01
C PRO A 88 32.49 33.46 16.59
N SER A 89 31.58 33.29 15.62
CA SER A 89 31.90 33.56 14.23
C SER A 89 31.16 34.84 13.82
N LEU A 90 31.18 35.14 12.51
CA LEU A 90 30.39 36.19 11.89
C LEU A 90 28.89 35.96 12.17
N ASN A 91 28.18 37.04 12.55
CA ASN A 91 26.74 36.94 12.72
C ASN A 91 26.10 37.09 11.36
N VAL A 92 25.73 35.96 10.76
CA VAL A 92 25.21 35.92 9.41
C VAL A 92 23.74 36.34 9.47
N ASP A 93 23.41 37.33 8.66
CA ASP A 93 22.06 37.88 8.66
C ASP A 93 21.69 38.40 10.06
N GLY A 94 22.69 38.97 10.74
CA GLY A 94 22.49 39.65 12.01
C GLY A 94 22.00 38.72 13.13
N GLN A 95 21.88 37.43 12.83
CA GLN A 95 21.38 36.46 13.79
C GLN A 95 22.48 36.03 14.74
N PRO A 96 22.25 36.04 16.07
CA PRO A 96 23.17 35.44 17.02
C PRO A 96 23.48 33.95 16.86
N ILE A 97 24.67 33.64 17.38
CA ILE A 97 25.25 32.30 17.38
C ILE A 97 24.93 31.65 18.72
N PHE A 98 24.57 30.34 18.62
CA PHE A 98 24.30 29.51 19.77
C PHE A 98 25.54 28.76 20.21
N ALA A 99 25.82 28.82 21.53
CA ALA A 99 26.74 27.92 22.19
C ALA A 99 25.91 26.96 23.03
N ASN A 100 25.70 25.75 22.50
CA ASN A 100 24.90 24.74 23.15
C ASN A 100 25.82 23.85 23.99
N ILE A 101 25.67 23.97 25.31
CA ILE A 101 26.54 23.35 26.28
C ILE A 101 25.86 22.05 26.75
N THR A 102 26.58 20.93 26.64
CA THR A 102 25.99 19.64 26.93
C THR A 102 26.97 18.79 27.73
N LEU A 103 26.47 17.70 28.34
CA LEU A 103 27.34 16.63 28.82
C LEU A 103 28.01 15.93 27.64
N PRO A 104 29.31 15.58 27.78
CA PRO A 104 29.91 14.57 26.93
C PRO A 104 29.44 13.18 27.38
N VAL A 105 29.69 12.18 26.55
CA VAL A 105 29.54 10.84 27.04
C VAL A 105 30.84 10.52 27.79
N TYR A 106 30.89 10.83 29.08
CA TYR A 106 32.02 10.44 29.92
C TYR A 106 32.25 8.93 29.82
N THR A 107 33.50 8.55 30.08
CA THR A 107 33.85 7.13 30.23
C THR A 107 33.14 6.64 31.49
N LEU A 108 32.89 5.33 31.61
CA LEU A 108 32.22 4.87 32.81
C LEU A 108 33.10 5.14 34.03
N LYS A 109 34.43 4.92 33.88
CA LYS A 109 35.39 5.25 34.92
C LYS A 109 35.30 6.71 35.39
N GLU A 110 35.45 7.64 34.43
CA GLU A 110 35.42 9.05 34.80
C GLU A 110 34.09 9.37 35.51
N ARG A 111 32.97 8.83 35.02
CA ARG A 111 31.69 9.11 35.65
C ARG A 111 31.66 8.55 37.07
N CYS A 112 32.23 7.37 37.31
CA CYS A 112 32.24 6.83 38.66
C CYS A 112 33.10 7.72 39.56
N LEU A 113 34.23 8.21 39.04
CA LEU A 113 35.06 9.11 39.81
C LEU A 113 34.29 10.39 40.18
N GLN A 114 33.48 10.92 39.25
CA GLN A 114 32.71 12.12 39.56
C GLN A 114 31.81 11.83 40.74
N VAL A 115 31.11 10.70 40.70
CA VAL A 115 30.14 10.41 41.75
C VAL A 115 30.86 10.18 43.08
N VAL A 116 31.98 9.47 43.07
CA VAL A 116 32.66 9.22 44.33
C VAL A 116 33.20 10.55 44.90
N ARG A 117 33.80 11.38 44.04
CA ARG A 117 34.24 12.71 44.48
C ARG A 117 33.08 13.51 45.12
N SER A 118 31.88 13.44 44.54
CA SER A 118 30.76 14.24 45.06
C SER A 118 30.34 13.77 46.46
N LEU A 119 30.64 12.52 46.82
CA LEU A 119 30.17 11.92 48.05
C LEU A 119 31.23 11.87 49.15
N VAL A 120 32.50 11.99 48.78
CA VAL A 120 33.59 11.82 49.72
C VAL A 120 34.43 13.09 49.71
N LYS A 121 34.71 13.61 50.91
CA LYS A 121 35.56 14.77 51.09
C LYS A 121 37.02 14.38 50.79
N PRO A 122 37.81 15.25 50.14
CA PRO A 122 39.15 14.82 49.71
C PRO A 122 40.05 14.28 50.81
N GLU A 123 39.93 14.82 52.03
CA GLU A 123 40.71 14.36 53.17
C GLU A 123 40.50 12.86 53.44
N ASN A 124 39.39 12.29 52.96
CA ASN A 124 38.98 10.94 53.29
C ASN A 124 39.14 9.99 52.11
N TYR A 125 39.54 10.50 50.92
CA TYR A 125 39.66 9.61 49.75
C TYR A 125 40.44 8.36 50.13
N ARG A 126 41.48 8.47 50.95
CA ARG A 126 42.38 7.35 51.22
C ARG A 126 41.80 6.40 52.27
N ARG A 127 40.63 6.74 52.83
CA ARG A 127 39.91 5.85 53.72
C ARG A 127 38.90 5.00 52.96
N LEU A 128 38.97 4.95 51.64
CA LEU A 128 38.10 4.09 50.84
C LEU A 128 38.89 2.86 50.43
N ASP A 129 38.19 1.72 50.32
CA ASP A 129 38.88 0.45 50.13
C ASP A 129 39.06 0.16 48.64
N ILE A 130 40.08 0.79 48.06
CA ILE A 130 40.40 0.70 46.64
C ILE A 130 41.91 0.57 46.51
N VAL A 131 42.34 0.10 45.35
CA VAL A 131 43.74 -0.06 44.98
C VAL A 131 44.37 1.32 44.80
N ARG A 132 45.69 1.36 44.87
CA ARG A 132 46.53 2.58 44.84
C ARG A 132 46.22 3.48 43.63
N SER A 133 46.11 2.86 42.45
CA SER A 133 45.93 3.62 41.22
C SER A 133 44.63 4.43 41.24
N LEU A 134 43.62 3.94 41.97
CA LEU A 134 42.34 4.67 41.94
C LEU A 134 42.30 5.85 42.91
N TYR A 135 43.04 5.76 44.01
CA TYR A 135 43.22 6.91 44.89
C TYR A 135 43.78 8.10 44.11
N GLU A 136 44.88 7.87 43.35
CA GLU A 136 45.50 8.85 42.50
C GLU A 136 44.50 9.47 41.52
N ASP A 137 43.74 8.55 40.92
CA ASP A 137 42.75 8.92 39.91
C ASP A 137 41.75 9.87 40.58
N LEU A 138 41.24 9.49 41.75
CA LEU A 138 40.26 10.31 42.46
C LEU A 138 40.82 11.70 42.77
N GLU A 139 42.11 11.76 43.22
CA GLU A 139 42.77 12.98 43.66
C GLU A 139 43.06 13.94 42.51
N ASP A 140 43.23 13.41 41.31
CA ASP A 140 43.54 14.16 40.11
C ASP A 140 42.27 14.80 39.53
N HIS A 141 41.72 15.79 40.26
CA HIS A 141 40.50 16.51 39.92
C HIS A 141 40.58 17.11 38.52
N PRO A 142 39.46 17.21 37.77
CA PRO A 142 39.57 17.82 36.44
C PRO A 142 39.86 19.32 36.64
N ASN A 143 40.58 19.91 35.68
CA ASN A 143 41.35 21.12 35.93
C ASN A 143 41.49 21.90 34.62
N VAL A 144 41.03 23.16 34.61
CA VAL A 144 41.06 23.94 33.38
C VAL A 144 42.49 24.10 32.84
N GLN A 145 43.44 24.39 33.76
CA GLN A 145 44.82 24.65 33.36
C GLN A 145 45.42 23.39 32.71
N LYS A 146 45.20 22.20 33.28
CA LYS A 146 45.71 20.99 32.64
C LYS A 146 45.01 20.74 31.29
N ASP A 147 43.74 21.11 31.16
CA ASP A 147 43.07 20.92 29.88
C ASP A 147 43.69 21.81 28.80
N LEU A 148 44.00 23.07 29.13
CA LEU A 148 44.62 23.95 28.15
C LEU A 148 45.98 23.40 27.72
N GLU A 149 46.75 22.85 28.65
CA GLU A 149 48.05 22.31 28.26
C GLU A 149 47.87 21.12 27.33
N ARG A 150 46.91 20.23 27.63
CA ARG A 150 46.62 19.08 26.76
C ARG A 150 46.16 19.55 25.37
N LEU A 151 45.31 20.59 25.31
CA LEU A 151 44.79 21.06 24.02
C LEU A 151 45.91 21.68 23.18
N THR A 152 46.79 22.46 23.82
CA THR A 152 47.93 23.06 23.14
C THR A 152 48.85 22.00 22.55
N GLN A 153 49.24 20.99 23.35
CA GLN A 153 49.99 19.83 22.89
C GLN A 153 49.32 19.11 21.73
N GLU A 154 47.99 18.90 21.80
CA GLU A 154 47.29 18.25 20.69
C GLU A 154 47.39 19.10 19.42
N ARG A 155 47.31 20.44 19.57
CA ARG A 155 47.25 21.36 18.44
C ARG A 155 48.62 21.56 17.82
N ILE A 156 49.71 21.03 18.38
CA ILE A 156 51.02 20.96 17.76
C ILE A 156 51.17 19.60 17.02
N SER B 4 12.71 9.00 20.83
CA SER B 4 11.31 9.21 20.30
C SER B 4 10.71 7.85 19.95
N MET B 5 11.39 7.14 19.07
CA MET B 5 10.83 5.88 18.58
C MET B 5 11.33 4.69 19.40
N ASP B 6 12.60 4.69 19.84
CA ASP B 6 13.25 3.49 20.35
C ASP B 6 13.00 3.35 21.85
N VAL B 7 12.86 2.10 22.28
CA VAL B 7 12.63 1.74 23.67
C VAL B 7 13.70 0.71 24.05
N PHE B 8 14.25 0.84 25.26
CA PHE B 8 15.39 0.05 25.66
C PHE B 8 14.95 -0.89 26.77
N LEU B 9 15.23 -2.19 26.59
CA LEU B 9 14.63 -3.23 27.40
C LEU B 9 15.67 -4.14 28.04
N MET B 10 15.26 -4.78 29.12
CA MET B 10 15.88 -5.97 29.68
C MET B 10 14.84 -7.08 29.71
N ILE B 11 15.07 -8.16 28.95
CA ILE B 11 14.21 -9.32 28.93
C ILE B 11 14.84 -10.35 29.85
N ARG B 12 14.13 -10.67 30.95
CA ARG B 12 14.69 -11.41 32.06
C ARG B 12 13.88 -12.68 32.35
N ARG B 13 14.58 -13.79 32.48
CA ARG B 13 14.01 -15.04 32.91
C ARG B 13 15.06 -15.77 33.69
N HIS B 14 14.71 -16.24 34.89
CA HIS B 14 15.64 -16.95 35.75
C HIS B 14 16.88 -16.08 35.97
N LYS B 15 18.06 -16.59 35.53
CA LYS B 15 19.32 -15.89 35.67
C LYS B 15 19.82 -15.34 34.35
N THR B 16 18.93 -15.17 33.37
CA THR B 16 19.27 -14.66 32.04
C THR B 16 18.66 -13.27 31.94
N THR B 17 19.45 -12.33 31.44
CA THR B 17 18.98 -10.97 31.14
C THR B 17 19.51 -10.58 29.75
N ILE B 18 18.57 -10.29 28.81
CA ILE B 18 18.91 -9.86 27.47
C ILE B 18 18.70 -8.35 27.38
N PHE B 19 19.74 -7.62 26.97
CA PHE B 19 19.67 -6.19 26.71
C PHE B 19 19.41 -6.00 25.22
N THR B 20 18.31 -5.32 24.87
CA THR B 20 17.98 -5.07 23.48
C THR B 20 17.07 -3.84 23.40
N ASP B 21 16.92 -3.35 22.16
CA ASP B 21 16.03 -2.26 21.87
C ASP B 21 15.02 -2.72 20.82
N ALA B 22 13.96 -1.94 20.65
CA ALA B 22 12.95 -2.16 19.62
C ALA B 22 12.16 -0.86 19.50
N LYS B 23 11.37 -0.82 18.44
CA LYS B 23 10.54 0.35 18.21
C LYS B 23 9.25 0.25 19.02
N GLU B 24 8.80 1.42 19.53
CA GLU B 24 7.54 1.57 20.23
C GLU B 24 6.39 0.98 19.41
N SER B 25 6.49 1.08 18.09
CA SER B 25 5.44 0.61 17.20
C SER B 25 5.49 -0.90 16.95
N SER B 26 6.62 -1.56 17.32
CA SER B 26 6.74 -2.99 17.05
C SER B 26 5.90 -3.75 18.08
N THR B 27 5.61 -5.01 17.81
CA THR B 27 4.65 -5.75 18.62
C THR B 27 5.37 -6.68 19.61
N VAL B 28 4.62 -7.18 20.60
CA VAL B 28 5.10 -8.23 21.50
C VAL B 28 5.60 -9.44 20.73
N PHE B 29 4.85 -9.85 19.70
CA PHE B 29 5.23 -11.02 18.89
C PHE B 29 6.58 -10.79 18.20
N GLU B 30 6.76 -9.59 17.64
CA GLU B 30 8.04 -9.23 17.06
C GLU B 30 9.14 -9.29 18.11
N LEU B 31 8.83 -8.95 19.37
CA LEU B 31 9.85 -9.04 20.42
C LEU B 31 10.16 -10.51 20.72
N LYS B 32 9.15 -11.38 20.69
CA LYS B 32 9.38 -12.81 20.88
C LYS B 32 10.27 -13.34 19.74
N ARG B 33 10.10 -12.82 18.52
CA ARG B 33 11.01 -13.21 17.45
C ARG B 33 12.46 -12.82 17.77
N ILE B 34 12.69 -11.62 18.30
CA ILE B 34 14.04 -11.23 18.71
C ILE B 34 14.61 -12.21 19.74
N VAL B 35 13.84 -12.53 20.80
CA VAL B 35 14.24 -13.53 21.80
C VAL B 35 14.56 -14.85 21.10
N GLU B 36 13.71 -15.24 20.13
CA GLU B 36 13.90 -16.51 19.44
C GLU B 36 15.30 -16.61 18.81
N GLY B 37 15.74 -15.54 18.14
CA GLY B 37 17.07 -15.53 17.53
C GLY B 37 18.17 -15.70 18.56
N ILE B 38 17.97 -15.21 19.80
CA ILE B 38 19.02 -15.28 20.82
C ILE B 38 18.94 -16.58 21.61
N LEU B 39 17.75 -16.95 22.07
CA LEU B 39 17.64 -18.08 23.00
C LEU B 39 17.12 -19.35 22.33
N LYS B 40 16.86 -19.33 21.02
CA LYS B 40 16.56 -20.50 20.21
C LYS B 40 15.30 -21.26 20.67
N ARG B 41 14.29 -20.50 21.10
CA ARG B 41 12.98 -21.00 21.45
C ARG B 41 11.94 -20.20 20.66
N PRO B 42 11.03 -20.86 19.92
CA PRO B 42 9.99 -20.19 19.13
C PRO B 42 8.98 -19.39 19.97
N PRO B 43 8.38 -18.36 19.33
CA PRO B 43 7.37 -17.53 19.98
C PRO B 43 6.20 -18.26 20.64
N ASP B 44 5.76 -19.36 20.03
CA ASP B 44 4.69 -20.14 20.66
C ASP B 44 5.16 -20.87 21.91
N GLU B 45 6.45 -20.79 22.25
CA GLU B 45 6.99 -21.34 23.49
C GLU B 45 7.52 -20.24 24.43
N GLN B 46 7.17 -18.98 24.19
CA GLN B 46 7.45 -17.91 25.13
C GLN B 46 6.17 -17.25 25.59
N ARG B 47 6.21 -16.71 26.79
CA ARG B 47 5.29 -15.70 27.25
C ARG B 47 6.11 -14.54 27.78
N LEU B 48 5.69 -13.33 27.42
CA LEU B 48 6.31 -12.08 27.86
C LEU B 48 5.37 -11.31 28.78
N TYR B 49 5.94 -10.66 29.79
CA TYR B 49 5.20 -10.02 30.87
C TYR B 49 5.70 -8.60 31.07
N LYS B 50 4.76 -7.70 31.41
CA LYS B 50 5.11 -6.46 32.06
C LYS B 50 4.60 -6.55 33.48
N ASP B 51 5.54 -6.59 34.42
CA ASP B 51 5.23 -6.94 35.80
C ASP B 51 4.63 -8.36 35.84
N ASP B 52 3.40 -8.50 36.38
CA ASP B 52 2.70 -9.78 36.37
C ASP B 52 1.70 -9.92 35.24
N GLN B 53 1.71 -9.00 34.29
CA GLN B 53 0.68 -8.99 33.26
C GLN B 53 1.17 -9.64 31.97
N LEU B 54 0.54 -10.75 31.57
CA LEU B 54 0.87 -11.44 30.33
C LEU B 54 0.51 -10.53 29.15
N LEU B 55 1.48 -10.32 28.24
CA LEU B 55 1.28 -9.42 27.13
C LEU B 55 0.74 -10.18 25.93
N ASP B 56 -0.29 -9.58 25.30
CA ASP B 56 -0.93 -10.04 24.08
C ASP B 56 0.03 -9.88 22.88
N ASP B 57 0.10 -10.90 22.01
CA ASP B 57 1.08 -10.89 20.93
C ASP B 57 0.87 -9.72 19.97
N GLY B 58 -0.38 -9.37 19.67
CA GLY B 58 -0.68 -8.34 18.69
C GLY B 58 -0.46 -6.91 19.16
N LYS B 59 -0.24 -6.66 20.47
CA LYS B 59 -0.08 -5.31 21.03
C LYS B 59 1.29 -4.74 20.72
N THR B 60 1.33 -3.43 20.45
CA THR B 60 2.62 -2.75 20.35
C THR B 60 3.22 -2.61 21.75
N LEU B 61 4.55 -2.44 21.74
CA LEU B 61 5.30 -2.19 22.98
C LEU B 61 4.82 -0.90 23.62
N GLY B 62 4.55 0.14 22.82
CA GLY B 62 4.09 1.38 23.43
C GLY B 62 2.73 1.17 24.08
N GLU B 63 1.92 0.32 23.43
CA GLU B 63 0.60 0.03 23.99
C GLU B 63 0.70 -0.69 25.34
N ALA B 64 1.78 -1.48 25.47
CA ALA B 64 2.02 -2.27 26.67
C ALA B 64 2.68 -1.50 27.81
N GLY B 65 3.02 -0.22 27.56
CA GLY B 65 3.59 0.64 28.58
C GLY B 65 5.09 0.90 28.45
N PHE B 66 5.76 0.41 27.41
CA PHE B 66 7.16 0.71 27.17
C PHE B 66 7.26 1.93 26.26
N THR B 67 7.83 3.08 26.67
CA THR B 67 7.88 4.21 25.78
C THR B 67 9.26 4.78 25.90
N SER B 68 9.59 5.75 25.05
CA SER B 68 10.88 6.43 25.11
C SER B 68 11.14 6.99 26.50
N GLN B 69 10.06 7.42 27.15
CA GLN B 69 10.21 8.10 28.43
C GLN B 69 10.54 7.12 29.55
N THR B 70 10.08 5.86 29.42
CA THR B 70 9.98 4.91 30.52
C THR B 70 11.02 3.82 30.38
N ALA B 71 11.56 3.71 29.16
CA ALA B 71 12.44 2.63 28.75
C ALA B 71 13.65 3.23 28.05
N ARG B 72 14.56 3.77 28.89
CA ARG B 72 15.65 4.61 28.40
C ARG B 72 16.96 3.81 28.40
N PRO B 73 17.94 4.19 27.56
CA PRO B 73 19.19 3.43 27.48
C PRO B 73 19.82 3.15 28.84
N GLN B 74 19.85 4.17 29.72
CA GLN B 74 20.56 4.11 30.98
C GLN B 74 19.69 3.55 32.10
N ALA B 75 18.41 3.31 31.82
CA ALA B 75 17.41 2.84 32.79
C ALA B 75 16.37 2.01 32.01
N PRO B 76 16.77 0.87 31.41
CA PRO B 76 15.87 0.16 30.50
C PRO B 76 14.75 -0.53 31.29
N ALA B 77 13.61 -0.74 30.63
CA ALA B 77 12.44 -1.35 31.24
C ALA B 77 12.56 -2.86 31.20
N THR B 78 12.00 -3.53 32.21
CA THR B 78 12.08 -4.99 32.31
C THR B 78 10.86 -5.64 31.65
N VAL B 79 11.15 -6.65 30.84
CA VAL B 79 10.14 -7.51 30.26
C VAL B 79 10.37 -8.91 30.82
N GLY B 80 9.40 -9.45 31.55
CA GLY B 80 9.50 -10.83 32.05
C GLY B 80 9.31 -11.84 30.92
N LEU B 81 10.07 -12.94 30.97
CA LEU B 81 9.99 -14.05 30.03
C LEU B 81 9.79 -15.38 30.75
N ALA B 82 8.83 -16.18 30.33
CA ALA B 82 8.67 -17.57 30.78
C ALA B 82 8.56 -18.50 29.57
N PHE B 83 9.20 -19.70 29.63
CA PHE B 83 9.19 -20.68 28.56
C PHE B 83 8.12 -21.77 28.76
N ARG B 84 7.71 -22.40 27.65
CA ARG B 84 6.89 -23.61 27.75
C ARG B 84 7.77 -24.82 28.05
N ALA B 85 7.22 -25.89 28.67
CA ALA B 85 8.02 -27.03 29.08
C ALA B 85 7.36 -28.30 28.53
N ASP B 86 7.58 -28.49 27.23
CA ASP B 86 6.84 -29.41 26.37
C ASP B 86 5.37 -28.99 26.36
N ASP B 87 4.61 -29.46 27.36
CA ASP B 87 3.15 -29.36 27.41
C ASP B 87 2.68 -28.07 28.10
N THR B 88 3.44 -27.53 29.05
CA THR B 88 2.90 -26.66 30.09
C THR B 88 3.82 -25.47 30.33
N PHE B 89 3.29 -24.23 30.45
CA PHE B 89 4.12 -23.06 30.71
C PHE B 89 4.51 -22.95 32.19
N GLU B 90 5.82 -22.76 32.39
CA GLU B 90 6.43 -22.52 33.69
C GLU B 90 5.96 -21.16 34.22
N ALA B 91 5.96 -21.02 35.55
CA ALA B 91 5.65 -19.75 36.19
C ALA B 91 6.78 -18.76 35.90
N LEU B 92 6.41 -17.49 35.73
CA LEU B 92 7.39 -16.42 35.62
C LEU B 92 8.23 -16.35 36.90
N SER B 93 9.55 -16.44 36.73
CA SER B 93 10.47 -16.34 37.85
C SER B 93 11.76 -15.65 37.44
N ILE B 94 11.97 -14.46 37.97
CA ILE B 94 13.16 -13.66 37.70
C ILE B 94 14.01 -13.59 38.97
N GLU B 95 15.22 -14.15 38.93
CA GLU B 95 16.15 -14.15 40.06
C GLU B 95 16.70 -12.74 40.23
N PRO B 96 16.63 -12.17 41.47
CA PRO B 96 17.08 -10.81 41.69
C PRO B 96 18.60 -10.74 41.51
N PHE B 97 19.08 -9.53 41.18
CA PHE B 97 20.51 -9.25 41.17
C PHE B 97 21.03 -9.27 42.59
N SER B 98 22.37 -9.31 42.71
CA SER B 98 23.01 -9.30 44.02
C SER B 98 22.77 -7.96 44.70
N SER B 99 23.07 -7.95 46.00
CA SER B 99 22.90 -6.77 46.84
C SER B 99 24.25 -6.09 47.08
N PRO B 100 24.34 -4.75 46.93
CA PRO B 100 25.59 -4.05 47.23
C PRO B 100 25.87 -4.09 48.73
N PRO B 101 27.15 -3.97 49.17
CA PRO B 101 27.48 -3.89 50.59
C PRO B 101 26.89 -2.64 51.23
N GLU B 102 26.80 -2.66 52.57
CA GLU B 102 26.41 -1.48 53.33
C GLU B 102 27.30 -0.30 52.92
N LEU B 103 26.68 0.88 52.67
CA LEU B 103 27.37 2.07 52.21
C LEU B 103 28.40 2.47 53.26
N PRO B 104 29.69 2.72 52.87
CA PRO B 104 30.72 3.10 53.84
C PRO B 104 30.39 4.45 54.51
N ASP B 105 30.79 4.58 55.79
CA ASP B 105 30.53 5.77 56.57
C ASP B 105 31.07 7.01 55.87
N VAL B 106 32.24 6.90 55.24
CA VAL B 106 32.85 8.00 54.51
C VAL B 106 32.01 8.43 53.29
N MET B 107 31.02 7.61 52.91
CA MET B 107 30.16 7.95 51.78
C MET B 107 28.75 8.35 52.22
N LYS B 108 28.50 8.43 53.54
CA LYS B 108 27.20 8.86 54.05
C LYS B 108 27.13 10.38 54.05
N PRO B 109 26.20 11.01 53.28
CA PRO B 109 26.14 12.46 53.17
C PRO B 109 25.66 13.15 54.44
N GLY C 3 31.51 -14.94 14.40
CA GLY C 3 31.43 -13.81 15.34
C GLY C 3 29.99 -13.29 15.44
N SER C 4 29.19 -13.98 16.25
CA SER C 4 27.79 -13.75 16.58
C SER C 4 27.45 -12.26 16.77
N MET C 5 26.14 -11.95 16.69
CA MET C 5 25.58 -10.62 16.85
C MET C 5 25.53 -10.22 18.33
N TYR C 6 25.40 -11.21 19.23
CA TYR C 6 25.28 -11.06 20.68
C TYR C 6 26.34 -11.92 21.38
N VAL C 7 26.65 -11.56 22.63
CA VAL C 7 27.62 -12.27 23.43
C VAL C 7 27.08 -12.33 24.86
N LYS C 8 27.60 -13.29 25.62
CA LYS C 8 27.09 -13.57 26.95
C LYS C 8 28.17 -13.21 27.98
N LEU C 9 27.84 -12.28 28.86
CA LEU C 9 28.73 -11.93 29.97
C LEU C 9 28.17 -12.52 31.25
N ILE C 10 28.95 -13.29 32.02
CA ILE C 10 28.48 -13.92 33.23
C ILE C 10 29.21 -13.28 34.41
N SER C 11 28.38 -12.94 35.38
CA SER C 11 28.86 -12.37 36.62
C SER C 11 29.34 -13.44 37.61
N SER C 12 29.95 -12.97 38.70
CA SER C 12 30.53 -13.85 39.71
C SER C 12 29.44 -14.69 40.39
N ASP C 13 28.21 -14.15 40.49
CA ASP C 13 27.11 -14.85 41.11
C ASP C 13 26.27 -15.63 40.08
N GLY C 14 26.73 -15.77 38.85
CA GLY C 14 26.10 -16.68 37.91
C GLY C 14 25.04 -16.05 37.00
N HIS C 15 24.74 -14.75 37.14
CA HIS C 15 23.78 -14.13 36.24
C HIS C 15 24.40 -13.98 34.86
N GLU C 16 23.59 -14.28 33.84
CA GLU C 16 24.01 -14.14 32.46
C GLU C 16 23.37 -12.91 31.84
N PHE C 17 24.18 -12.09 31.18
CA PHE C 17 23.78 -10.89 30.46
C PHE C 17 24.10 -11.07 28.98
N ILE C 18 23.05 -11.03 28.16
CA ILE C 18 23.25 -11.07 26.74
C ILE C 18 23.09 -9.67 26.17
N VAL C 19 24.17 -9.20 25.52
CA VAL C 19 24.25 -7.87 24.99
C VAL C 19 24.77 -7.94 23.56
N LYS C 20 24.48 -6.93 22.75
CA LYS C 20 25.03 -6.88 21.42
C LYS C 20 26.55 -6.94 21.52
N ARG C 21 27.16 -7.70 20.58
CA ARG C 21 28.62 -7.74 20.48
C ARG C 21 29.21 -6.32 20.41
N GLU C 22 28.69 -5.49 19.48
CA GLU C 22 29.16 -4.12 19.29
C GLU C 22 29.22 -3.35 20.62
N HIS C 23 28.14 -3.48 21.41
CA HIS C 23 28.06 -2.79 22.68
C HIS C 23 29.19 -3.26 23.60
N ALA C 24 29.39 -4.58 23.63
CA ALA C 24 30.37 -5.12 24.55
C ALA C 24 31.78 -4.62 24.21
N LEU C 25 32.02 -4.35 22.92
CA LEU C 25 33.33 -3.90 22.49
C LEU C 25 33.67 -2.51 23.02
N THR C 26 32.69 -1.83 23.67
CA THR C 26 33.03 -0.59 24.34
C THR C 26 34.10 -0.82 25.43
N SER C 27 34.14 -2.03 26.02
CA SER C 27 35.21 -2.43 26.88
C SER C 27 36.39 -3.00 26.07
N GLY C 28 37.56 -2.35 26.18
CA GLY C 28 38.78 -2.92 25.62
C GLY C 28 39.10 -4.28 26.22
N THR C 29 38.79 -4.43 27.51
CA THR C 29 39.02 -5.69 28.21
C THR C 29 38.14 -6.80 27.63
N ILE C 30 36.85 -6.55 27.46
CA ILE C 30 35.95 -7.56 26.92
C ILE C 30 36.33 -7.85 25.47
N LYS C 31 36.66 -6.79 24.71
CA LYS C 31 37.01 -6.96 23.31
C LYS C 31 38.20 -7.91 23.18
N ALA C 32 39.26 -7.75 24.00
CA ALA C 32 40.37 -8.70 24.01
C ALA C 32 39.98 -10.16 24.33
N MET C 33 39.12 -10.34 25.34
CA MET C 33 38.71 -11.66 25.80
C MET C 33 37.93 -12.43 24.74
N LEU C 34 37.26 -11.68 23.84
CA LEU C 34 36.40 -12.33 22.87
C LEU C 34 37.18 -12.86 21.65
N SER C 35 38.49 -12.59 21.53
CA SER C 35 39.24 -13.09 20.39
C SER C 35 39.79 -14.50 20.66
N GLU C 44 38.31 -17.13 18.88
CA GLU C 44 37.08 -16.30 18.93
C GLU C 44 35.98 -17.07 19.69
N THR C 45 35.60 -16.56 20.88
CA THR C 45 34.62 -17.17 21.79
C THR C 45 33.40 -16.26 21.98
N ASN C 46 32.41 -16.78 22.73
CA ASN C 46 31.07 -16.20 22.74
C ASN C 46 30.60 -15.88 24.15
N GLU C 47 31.05 -16.66 25.14
CA GLU C 47 30.79 -16.37 26.54
C GLU C 47 32.00 -15.68 27.13
N VAL C 48 31.83 -14.93 28.23
CA VAL C 48 32.94 -14.33 28.94
C VAL C 48 32.57 -14.26 30.43
N ASN C 49 33.45 -14.82 31.28
CA ASN C 49 33.19 -14.99 32.69
C ASN C 49 33.95 -13.97 33.53
N PHE C 50 33.20 -13.29 34.38
CA PHE C 50 33.74 -12.25 35.23
C PHE C 50 33.65 -12.64 36.68
N ARG C 51 34.67 -13.36 37.15
CA ARG C 51 34.64 -13.83 38.52
C ARG C 51 34.78 -12.72 39.57
N GLU C 52 35.06 -11.49 39.16
CA GLU C 52 35.17 -10.44 40.17
C GLU C 52 34.00 -9.44 40.16
N ILE C 53 33.07 -9.61 39.24
CA ILE C 53 32.06 -8.60 39.07
C ILE C 53 30.70 -9.16 39.43
N PRO C 54 30.02 -8.74 40.51
CA PRO C 54 28.71 -9.30 40.82
C PRO C 54 27.62 -8.75 39.91
N SER C 55 26.50 -9.48 39.83
CA SER C 55 25.38 -9.15 38.97
C SER C 55 24.86 -7.72 39.18
N HIS C 56 24.87 -7.22 40.42
CA HIS C 56 24.34 -5.87 40.55
C HIS C 56 25.27 -4.83 39.95
N VAL C 57 26.55 -5.19 39.71
CA VAL C 57 27.49 -4.28 39.06
C VAL C 57 27.47 -4.50 37.54
N LEU C 58 27.47 -5.77 37.12
CA LEU C 58 27.60 -6.08 35.71
C LEU C 58 26.36 -5.63 34.95
N SER C 59 25.18 -5.66 35.60
CA SER C 59 23.98 -5.14 34.96
C SER C 59 24.14 -3.65 34.64
N LYS C 60 24.69 -2.87 35.57
CA LYS C 60 24.89 -1.45 35.38
C LYS C 60 25.90 -1.18 34.25
N VAL C 61 26.97 -1.97 34.22
CA VAL C 61 27.96 -1.86 33.16
C VAL C 61 27.27 -2.05 31.80
N CYS C 62 26.37 -3.04 31.67
CA CYS C 62 25.62 -3.21 30.42
C CYS C 62 24.73 -2.02 30.12
N MET C 63 24.09 -1.44 31.13
CA MET C 63 23.31 -0.23 30.89
C MET C 63 24.25 0.86 30.34
N TYR C 64 25.48 0.93 30.90
CA TYR C 64 26.41 1.93 30.41
C TYR C 64 26.73 1.67 28.93
N PHE C 65 26.90 0.41 28.54
CA PHE C 65 27.18 0.13 27.13
C PHE C 65 26.06 0.65 26.24
N THR C 66 24.80 0.45 26.63
CA THR C 66 23.67 0.95 25.86
C THR C 66 23.74 2.47 25.75
N TYR C 67 23.96 3.13 26.89
CA TYR C 67 23.99 4.58 27.00
C TYR C 67 25.06 5.17 26.08
N LYS C 68 26.26 4.61 26.16
CA LYS C 68 27.42 5.04 25.39
C LYS C 68 27.13 4.92 23.90
N VAL C 69 26.65 3.76 23.45
CA VAL C 69 26.39 3.59 22.04
C VAL C 69 25.27 4.50 21.58
N ARG C 70 24.26 4.71 22.42
CA ARG C 70 23.17 5.57 21.98
C ARG C 70 23.59 7.01 21.82
N TYR C 71 24.35 7.55 22.78
CA TYR C 71 24.58 8.99 22.85
C TYR C 71 25.93 9.47 22.29
N THR C 72 26.88 8.56 22.07
CA THR C 72 28.11 9.03 21.44
C THR C 72 27.81 9.47 20.02
N ASN C 73 28.18 10.72 19.71
CA ASN C 73 28.03 11.29 18.38
C ASN C 73 26.57 11.65 18.11
N SER C 74 25.82 12.07 19.13
CA SER C 74 24.46 12.55 18.93
C SER C 74 24.40 14.07 19.06
N SER C 75 23.58 14.73 18.22
CA SER C 75 23.41 16.18 18.25
C SER C 75 22.44 16.58 19.36
N THR C 76 21.71 15.58 19.85
CA THR C 76 20.72 15.73 20.91
C THR C 76 21.38 16.10 22.25
N GLU C 77 20.52 16.46 23.21
CA GLU C 77 20.85 16.62 24.61
C GLU C 77 21.06 15.22 25.19
N ILE C 78 22.15 15.06 25.95
CA ILE C 78 22.51 13.82 26.58
C ILE C 78 22.08 13.89 28.04
N PRO C 79 21.42 12.84 28.55
CA PRO C 79 21.12 12.76 29.97
C PRO C 79 22.32 12.27 30.77
N GLU C 80 22.36 12.65 32.04
CA GLU C 80 23.34 12.17 33.00
C GLU C 80 23.25 10.64 33.16
N PHE C 81 24.40 9.95 33.21
CA PHE C 81 24.37 8.52 33.51
C PHE C 81 24.24 8.35 35.03
N PRO C 82 23.13 7.81 35.54
CA PRO C 82 22.91 7.74 36.99
C PRO C 82 23.67 6.58 37.63
N ILE C 83 24.32 6.86 38.76
CA ILE C 83 25.03 5.86 39.55
C ILE C 83 24.63 6.06 41.01
N ALA C 84 23.98 5.03 41.54
CA ALA C 84 23.55 5.06 42.92
C ALA C 84 24.76 5.04 43.85
N PRO C 85 24.70 5.78 44.97
CA PRO C 85 25.80 5.78 45.94
C PRO C 85 26.29 4.37 46.33
N GLU C 86 25.36 3.42 46.46
CA GLU C 86 25.66 2.10 47.00
C GLU C 86 26.53 1.26 46.06
N ILE C 87 26.54 1.59 44.77
CA ILE C 87 27.20 0.77 43.76
C ILE C 87 28.45 1.44 43.20
N ALA C 88 28.72 2.70 43.60
CA ALA C 88 29.74 3.54 42.94
C ALA C 88 31.13 2.91 42.97
N LEU C 89 31.55 2.50 44.19
CA LEU C 89 32.89 1.96 44.38
C LEU C 89 33.12 0.73 43.51
N GLU C 90 32.18 -0.22 43.60
CA GLU C 90 32.32 -1.45 42.82
C GLU C 90 32.25 -1.19 41.33
N LEU C 91 31.37 -0.27 40.92
CA LEU C 91 31.27 0.08 39.51
C LEU C 91 32.58 0.74 39.02
N LEU C 92 33.20 1.55 39.90
CA LEU C 92 34.47 2.21 39.57
C LEU C 92 35.55 1.16 39.32
N MET C 93 35.66 0.19 40.24
CA MET C 93 36.61 -0.90 40.06
C MET C 93 36.39 -1.65 38.75
N ALA C 94 35.12 -1.98 38.48
CA ALA C 94 34.77 -2.65 37.24
C ALA C 94 35.15 -1.83 36.01
N ALA C 95 34.80 -0.53 36.02
CA ALA C 95 35.11 0.32 34.87
C ALA C 95 36.62 0.35 34.62
N ASN C 96 37.38 0.40 35.72
CA ASN C 96 38.84 0.43 35.65
C ASN C 96 39.36 -0.89 35.07
N PHE C 97 38.80 -2.02 35.53
CA PHE C 97 39.23 -3.30 34.96
C PHE C 97 38.82 -3.45 33.49
N LEU C 98 37.61 -3.03 33.14
CA LEU C 98 37.04 -3.17 31.82
C LEU C 98 37.60 -2.13 30.84
N ASP C 99 38.18 -1.03 31.39
CA ASP C 99 38.67 0.06 30.53
C ASP C 99 37.56 0.62 29.65
N CYS C 100 36.51 1.14 30.28
CA CYS C 100 35.49 1.86 29.55
C CYS C 100 34.97 3.04 30.39
N LEU D 2 47.11 49.60 22.01
CA LEU D 2 46.32 48.62 22.77
C LEU D 2 44.94 49.19 23.09
N TYR D 3 43.88 48.48 22.65
CA TYR D 3 42.48 48.71 23.02
C TYR D 3 41.73 47.37 23.09
N TYR D 4 41.77 46.79 24.31
CA TYR D 4 41.27 45.45 24.60
C TYR D 4 39.78 45.52 24.93
N MET D 5 38.94 44.85 24.13
CA MET D 5 37.54 44.69 24.49
C MET D 5 37.24 43.23 24.81
N ALA D 6 37.09 42.91 26.11
CA ALA D 6 36.68 41.60 26.63
C ALA D 6 35.19 41.39 26.40
N HYP D 7 34.66 40.15 26.34
CA HYP D 7 33.22 39.92 26.22
C HYP D 7 32.53 40.54 27.42
O HYP D 7 33.08 40.52 28.51
CB HYP D 7 33.09 38.40 26.36
CG HYP D 7 34.40 37.88 25.81
CD HYP D 7 35.42 38.88 26.29
OD1 HYP D 7 34.36 37.83 24.39
N GLU D 8 31.33 41.09 27.20
CA GLU D 8 30.52 41.64 28.27
C GLU D 8 29.23 40.84 28.43
N HIS D 9 28.74 40.82 29.67
CA HIS D 9 27.37 40.42 29.98
C HIS D 9 26.44 41.62 29.87
N LEU D 10 26.86 42.67 29.13
CA LEU D 10 26.15 43.94 28.92
C LEU D 10 24.77 43.61 28.35
N ASN D 11 24.75 42.49 27.62
CA ASN D 11 23.53 41.84 27.15
C ASN D 11 22.75 41.38 28.40
N PRO E 9 57.95 18.83 -21.27
CA PRO E 9 56.87 18.50 -22.22
C PRO E 9 55.55 19.16 -21.81
N ARG E 10 54.42 18.51 -22.17
CA ARG E 10 53.07 18.88 -21.84
C ARG E 10 52.13 17.68 -22.06
N PRO E 11 51.21 17.38 -21.11
CA PRO E 11 50.50 16.09 -21.05
C PRO E 11 49.71 15.77 -22.31
N VAL E 12 49.68 14.50 -22.69
CA VAL E 12 48.94 14.06 -23.88
C VAL E 12 47.42 14.31 -23.73
N LEU E 13 46.82 13.86 -22.61
CA LEU E 13 45.38 14.01 -22.40
C LEU E 13 45.07 15.31 -21.68
N ARG E 14 44.57 16.29 -22.44
CA ARG E 14 44.26 17.65 -22.00
C ARG E 14 43.29 18.28 -22.99
N SER E 15 42.45 19.20 -22.50
CA SER E 15 41.58 19.92 -23.40
C SER E 15 42.41 20.92 -24.19
N VAL E 16 41.98 21.19 -25.43
CA VAL E 16 42.60 22.23 -26.21
C VAL E 16 41.74 23.49 -26.07
N ASN E 17 42.41 24.66 -26.05
CA ASN E 17 41.74 25.95 -25.99
C ASN E 17 41.21 26.31 -27.39
N SER E 18 40.05 25.73 -27.72
CA SER E 18 39.50 25.86 -29.08
C SER E 18 38.81 27.20 -29.26
N ARG E 19 38.16 27.63 -28.18
CA ARG E 19 37.27 28.78 -28.19
C ARG E 19 36.06 28.59 -29.11
N GLU E 20 35.76 27.32 -29.43
CA GLU E 20 34.62 26.97 -30.27
C GLU E 20 33.52 26.36 -29.40
N PRO E 21 32.49 27.13 -29.00
CA PRO E 21 31.49 26.60 -28.08
C PRO E 21 30.76 25.36 -28.61
N SER E 22 30.44 24.45 -27.69
CA SER E 22 29.61 23.29 -27.96
C SER E 22 28.64 23.14 -26.81
N GLN E 23 27.34 23.27 -27.10
CA GLN E 23 26.31 23.05 -26.08
C GLN E 23 26.11 21.55 -25.86
N VAL E 24 26.19 21.11 -24.59
CA VAL E 24 26.15 19.71 -24.22
C VAL E 24 25.13 19.51 -23.12
N ILE E 25 24.51 18.33 -23.10
CA ILE E 25 23.65 17.90 -22.01
C ILE E 25 24.19 16.59 -21.45
N PHE E 26 24.69 16.65 -20.21
CA PHE E 26 25.04 15.49 -19.41
C PHE E 26 23.73 14.80 -18.99
N CYS E 27 23.56 13.52 -19.38
CA CYS E 27 22.36 12.78 -19.05
C CYS E 27 22.78 11.53 -18.26
N ASN E 28 22.44 11.51 -16.97
CA ASN E 28 22.89 10.44 -16.10
C ASN E 28 21.88 9.30 -16.23
N ARG E 29 22.26 8.27 -16.98
CA ARG E 29 21.46 7.08 -17.21
C ARG E 29 22.03 5.91 -16.42
N SER E 30 22.44 6.18 -15.19
CA SER E 30 23.02 5.20 -14.29
C SER E 30 22.29 5.34 -12.97
N PRO E 31 22.42 4.34 -12.07
CA PRO E 31 21.88 4.46 -10.71
C PRO E 31 22.81 5.18 -9.75
N ARG E 32 23.98 5.62 -10.23
CA ARG E 32 25.00 6.26 -9.40
C ARG E 32 24.85 7.78 -9.41
N VAL E 33 25.37 8.40 -8.35
CA VAL E 33 25.64 9.83 -8.37
C VAL E 33 26.89 10.04 -9.23
N VAL E 34 26.77 10.84 -10.30
CA VAL E 34 27.85 10.99 -11.25
C VAL E 34 28.65 12.26 -10.96
N LEU E 35 29.98 12.11 -10.99
CA LEU E 35 30.89 13.24 -10.96
C LEU E 35 31.45 13.47 -12.38
N PRO E 36 31.04 14.54 -13.10
CA PRO E 36 31.70 14.87 -14.37
C PRO E 36 33.08 15.49 -14.08
N VAL E 37 34.10 15.05 -14.81
CA VAL E 37 35.46 15.49 -14.55
C VAL E 37 36.02 16.05 -15.86
N TRP E 38 36.42 17.32 -15.86
CA TRP E 38 36.97 18.01 -16.99
C TRP E 38 38.47 17.96 -16.88
N LEU E 39 39.16 17.60 -17.96
CA LEU E 39 40.61 17.71 -18.03
C LEU E 39 40.95 19.11 -18.54
N ASN E 40 41.65 19.90 -17.71
CA ASN E 40 41.84 21.30 -18.04
C ASN E 40 42.96 21.40 -19.06
N PHE E 41 43.42 22.62 -19.33
CA PHE E 41 44.36 22.85 -20.42
C PHE E 41 45.77 22.37 -20.10
N ASP E 42 45.99 22.02 -18.82
CA ASP E 42 47.23 21.44 -18.33
C ASP E 42 47.07 19.96 -18.01
N GLY E 43 45.94 19.37 -18.39
CA GLY E 43 45.73 17.95 -18.18
C GLY E 43 45.31 17.58 -16.77
N GLU E 44 45.00 18.59 -15.95
CA GLU E 44 44.64 18.33 -14.57
C GLU E 44 43.13 18.09 -14.52
N PRO E 45 42.68 17.00 -13.84
CA PRO E 45 41.25 16.75 -13.67
C PRO E 45 40.60 17.79 -12.76
N GLN E 46 39.46 18.37 -13.17
CA GLN E 46 38.71 19.39 -12.42
C GLN E 46 37.28 18.88 -12.28
N PRO E 47 36.74 18.68 -11.05
CA PRO E 47 35.37 18.22 -10.90
C PRO E 47 34.33 19.31 -11.18
N TYR E 48 33.20 18.95 -11.81
CA TYR E 48 32.05 19.81 -12.01
C TYR E 48 30.98 19.28 -11.05
N PRO E 49 29.93 20.09 -10.69
CA PRO E 49 28.91 19.58 -9.78
C PRO E 49 28.35 18.23 -10.25
N THR E 50 28.04 17.38 -9.25
CA THR E 50 27.48 16.04 -9.42
C THR E 50 26.05 16.05 -9.94
N LEU E 51 25.67 14.93 -10.56
CA LEU E 51 24.35 14.71 -11.14
C LEU E 51 23.68 13.55 -10.40
N PRO E 52 22.51 13.77 -9.75
CA PRO E 52 21.73 12.67 -9.18
C PRO E 52 21.37 11.65 -10.25
N PRO E 53 21.08 10.37 -9.88
CA PRO E 53 20.63 9.37 -10.86
C PRO E 53 19.39 9.86 -11.61
N GLY E 54 19.38 9.62 -12.93
CA GLY E 54 18.25 9.86 -13.79
C GLY E 54 17.95 11.34 -14.02
N THR E 55 18.95 12.22 -13.76
CA THR E 55 18.82 13.64 -14.00
C THR E 55 19.75 14.05 -15.14
N GLY E 56 19.47 15.18 -15.74
CA GLY E 56 20.31 15.74 -16.79
C GLY E 56 20.61 17.20 -16.47
N ARG E 57 21.59 17.75 -17.20
CA ARG E 57 22.13 19.07 -16.94
C ARG E 57 22.76 19.67 -18.19
N ARG E 58 22.44 20.94 -18.49
CA ARG E 58 23.00 21.64 -19.63
C ARG E 58 24.37 22.23 -19.25
N ILE E 59 25.34 22.05 -20.15
CA ILE E 59 26.69 22.57 -20.01
C ILE E 59 27.08 23.37 -21.24
N HIS E 60 27.76 24.48 -21.03
CA HIS E 60 28.48 25.18 -22.10
C HIS E 60 29.94 24.74 -22.08
N SER E 61 30.29 23.86 -23.00
CA SER E 61 31.61 23.31 -23.13
C SER E 61 32.17 23.74 -24.49
N TYR E 62 33.14 23.04 -25.02
CA TYR E 62 33.85 23.56 -26.19
C TYR E 62 34.44 22.42 -26.99
N ARG E 63 34.63 22.68 -28.28
CA ARG E 63 35.22 21.65 -29.11
C ARG E 63 36.64 21.33 -28.62
N GLY E 64 36.94 20.03 -28.61
CA GLY E 64 38.25 19.53 -28.25
C GLY E 64 38.50 19.54 -26.75
N HIS E 65 37.51 19.85 -25.92
CA HIS E 65 37.67 19.66 -24.49
C HIS E 65 37.46 18.19 -24.15
N LEU E 66 38.16 17.68 -23.10
CA LEU E 66 37.98 16.28 -22.70
C LEU E 66 37.27 16.20 -21.37
N TRP E 67 36.37 15.20 -21.26
CA TRP E 67 35.58 14.87 -20.09
C TRP E 67 35.66 13.37 -19.80
N LEU E 68 35.63 13.04 -18.52
CA LEU E 68 35.30 11.68 -18.14
C LEU E 68 34.36 11.71 -16.95
N PHE E 69 33.80 10.55 -16.58
CA PHE E 69 32.71 10.57 -15.61
C PHE E 69 32.84 9.40 -14.65
N ARG E 70 32.55 9.65 -13.38
CA ARG E 70 32.88 8.69 -12.33
C ARG E 70 31.79 8.70 -11.26
N ASP E 71 31.61 7.57 -10.57
CA ASP E 71 30.82 7.56 -9.35
C ASP E 71 31.44 8.59 -8.40
N ALA E 72 30.63 9.50 -7.90
CA ALA E 72 31.08 10.60 -7.07
C ALA E 72 31.54 10.08 -5.71
N GLY E 73 30.92 9.00 -5.24
CA GLY E 73 31.20 8.48 -3.92
C GLY E 73 32.39 7.52 -3.92
N THR E 74 32.53 6.74 -5.00
CA THR E 74 33.51 5.66 -5.01
C THR E 74 34.56 5.79 -6.10
N HIS E 75 34.34 6.68 -7.05
CA HIS E 75 35.22 6.86 -8.21
C HIS E 75 35.23 5.65 -9.14
N ASP E 76 34.23 4.78 -9.04
CA ASP E 76 34.10 3.69 -10.00
C ASP E 76 34.08 4.31 -11.40
N GLY E 77 34.73 3.71 -12.39
CA GLY E 77 34.60 4.23 -13.75
C GLY E 77 33.18 4.05 -14.29
N LEU E 78 32.71 5.06 -15.03
CA LEU E 78 31.49 5.05 -15.83
C LEU E 78 31.81 5.28 -17.29
N LEU E 79 30.86 4.89 -18.15
CA LEU E 79 30.98 5.14 -19.58
C LEU E 79 30.14 6.38 -19.95
N VAL E 80 30.59 7.07 -21.01
CA VAL E 80 29.87 8.16 -21.64
C VAL E 80 29.82 7.88 -23.13
N ASN E 81 28.60 7.84 -23.69
CA ASN E 81 28.36 7.39 -25.05
C ASN E 81 29.18 6.13 -25.32
N GLN E 82 29.16 5.22 -24.33
CA GLN E 82 29.75 3.89 -24.42
C GLN E 82 31.28 3.90 -24.48
N THR E 83 31.92 5.05 -24.13
CA THR E 83 33.39 5.07 -24.08
C THR E 83 33.90 5.75 -22.81
N GLU E 84 35.23 5.78 -22.61
CA GLU E 84 35.80 6.31 -21.37
C GLU E 84 35.82 7.84 -21.36
N LEU E 85 36.12 8.43 -22.52
CA LEU E 85 36.29 9.88 -22.70
C LEU E 85 35.23 10.43 -23.65
N PHE E 86 34.87 11.68 -23.38
CA PHE E 86 33.90 12.45 -24.15
C PHE E 86 34.50 13.76 -24.61
N VAL E 87 34.42 14.02 -25.93
CA VAL E 87 34.90 15.24 -26.55
C VAL E 87 33.76 15.94 -27.31
N PRO E 88 33.22 17.08 -26.80
CA PRO E 88 32.05 17.75 -27.40
C PRO E 88 32.31 18.02 -28.87
N SER E 89 31.29 17.72 -29.70
CA SER E 89 31.45 17.80 -31.14
C SER E 89 30.65 18.99 -31.66
N LEU E 90 30.58 19.11 -33.00
CA LEU E 90 29.92 20.21 -33.68
C LEU E 90 28.42 20.17 -33.37
N ASN E 91 27.81 21.34 -33.07
CA ASN E 91 26.38 21.38 -32.85
C ASN E 91 25.70 21.54 -34.21
N VAL E 92 25.14 20.46 -34.75
CA VAL E 92 24.54 20.49 -36.07
C VAL E 92 23.14 21.08 -35.92
N ASP E 93 22.82 22.11 -36.69
CA ASP E 93 21.48 22.69 -36.65
C ASP E 93 21.16 23.19 -35.25
N GLY E 94 22.18 23.73 -34.56
CA GLY E 94 22.01 24.37 -33.26
C GLY E 94 21.56 23.40 -32.17
N GLN E 95 21.43 22.11 -32.51
CA GLN E 95 20.99 21.07 -31.60
C GLN E 95 22.12 20.63 -30.66
N PRO E 96 21.89 20.64 -29.33
CA PRO E 96 22.89 20.13 -28.40
C PRO E 96 23.24 18.65 -28.51
N ILE E 97 24.44 18.38 -28.00
CA ILE E 97 25.06 17.05 -28.01
C ILE E 97 24.78 16.41 -26.65
N PHE E 98 24.45 15.10 -26.71
CA PHE E 98 24.20 14.30 -25.53
C PHE E 98 25.46 13.58 -25.09
N ALA E 99 25.75 13.68 -23.78
CA ALA E 99 26.69 12.82 -23.09
C ALA E 99 25.87 11.87 -22.22
N ASN E 100 25.69 10.65 -22.71
CA ASN E 100 24.87 9.65 -22.03
C ASN E 100 25.78 8.80 -21.17
N ILE E 101 25.64 8.96 -19.84
CA ILE E 101 26.52 8.38 -18.86
C ILE E 101 25.85 7.11 -18.35
N THR E 102 26.58 5.98 -18.42
CA THR E 102 25.98 4.70 -18.10
C THR E 102 26.96 3.86 -17.28
N LEU E 103 26.44 2.80 -16.65
CA LEU E 103 27.31 1.72 -16.16
C LEU E 103 27.95 0.99 -17.33
N PRO E 104 29.23 0.64 -17.19
CA PRO E 104 29.84 -0.37 -18.05
C PRO E 104 29.35 -1.74 -17.60
N VAL E 105 29.61 -2.76 -18.44
CA VAL E 105 29.44 -4.08 -17.93
C VAL E 105 30.73 -4.39 -17.19
N TYR E 106 30.77 -4.07 -15.87
CA TYR E 106 31.91 -4.42 -15.06
C TYR E 106 32.18 -5.94 -15.15
N THR E 107 33.43 -6.32 -14.89
CA THR E 107 33.79 -7.71 -14.76
C THR E 107 33.10 -8.23 -13.49
N LEU E 108 32.85 -9.54 -13.37
CA LEU E 108 32.18 -9.98 -12.16
C LEU E 108 33.07 -9.70 -10.95
N LYS E 109 34.39 -9.91 -11.09
CA LYS E 109 35.37 -9.57 -10.07
C LYS E 109 35.29 -8.10 -9.63
N GLU E 110 35.41 -7.19 -10.60
CA GLU E 110 35.38 -5.75 -10.25
C GLU E 110 34.07 -5.43 -9.53
N ARG E 111 32.95 -5.98 -10.01
CA ARG E 111 31.67 -5.70 -9.35
C ARG E 111 31.66 -6.24 -7.92
N CYS E 112 32.24 -7.41 -7.69
CA CYS E 112 32.27 -7.94 -6.33
C CYS E 112 33.14 -7.06 -5.44
N LEU E 113 34.26 -6.56 -5.98
CA LEU E 113 35.10 -5.65 -5.24
C LEU E 113 34.33 -4.38 -4.86
N GLN E 114 33.51 -3.85 -5.78
CA GLN E 114 32.72 -2.67 -5.46
C GLN E 114 31.82 -2.96 -4.26
N VAL E 115 31.14 -4.10 -4.30
CA VAL E 115 30.20 -4.41 -3.22
C VAL E 115 30.94 -4.61 -1.91
N VAL E 116 32.08 -5.31 -1.92
CA VAL E 116 32.79 -5.55 -0.67
C VAL E 116 33.30 -4.22 -0.12
N ARG E 117 33.89 -3.38 -0.99
CA ARG E 117 34.30 -2.05 -0.57
C ARG E 117 33.16 -1.26 0.09
N SER E 118 31.95 -1.33 -0.47
CA SER E 118 30.83 -0.55 0.06
C SER E 118 30.43 -1.02 1.47
N LEU E 119 30.75 -2.26 1.83
CA LEU E 119 30.30 -2.86 3.07
C LEU E 119 31.37 -2.89 4.16
N VAL E 120 32.65 -2.77 3.76
CA VAL E 120 33.73 -2.93 4.70
C VAL E 120 34.56 -1.65 4.68
N LYS E 121 34.85 -1.13 5.87
CA LYS E 121 35.72 0.01 6.07
C LYS E 121 37.16 -0.38 5.73
N PRO E 122 37.95 0.51 5.07
CA PRO E 122 39.28 0.08 4.63
C PRO E 122 40.20 -0.46 5.72
N GLU E 123 40.09 0.06 6.94
CA GLU E 123 40.89 -0.42 8.06
C GLU E 123 40.68 -1.92 8.33
N ASN E 124 39.57 -2.47 7.85
CA ASN E 124 39.17 -3.83 8.17
C ASN E 124 39.33 -4.77 6.97
N TYR E 125 39.70 -4.25 5.79
CA TYR E 125 39.86 -5.13 4.62
C TYR E 125 40.68 -6.36 4.99
N ARG E 126 41.73 -6.20 5.80
CA ARG E 126 42.68 -7.27 6.08
C ARG E 126 42.15 -8.23 7.13
N ARG E 127 40.98 -7.93 7.71
CA ARG E 127 40.31 -8.83 8.62
C ARG E 127 39.32 -9.73 7.90
N LEU E 128 39.39 -9.82 6.57
CA LEU E 128 38.51 -10.70 5.82
C LEU E 128 39.28 -11.97 5.50
N ASP E 129 38.54 -13.08 5.37
CA ASP E 129 39.13 -14.35 5.02
C ASP E 129 39.26 -14.49 3.50
N ILE E 130 40.32 -13.90 2.96
CA ILE E 130 40.60 -13.89 1.53
C ILE E 130 42.10 -14.11 1.38
N VAL E 131 42.49 -14.55 0.18
CA VAL E 131 43.88 -14.73 -0.21
C VAL E 131 44.52 -13.36 -0.39
N ARG E 132 45.85 -13.30 -0.32
CA ARG E 132 46.66 -12.08 -0.36
C ARG E 132 46.35 -11.20 -1.58
N SER E 133 46.24 -11.81 -2.76
CA SER E 133 46.04 -11.04 -3.99
C SER E 133 44.73 -10.25 -3.95
N LEU E 134 43.74 -10.73 -3.22
CA LEU E 134 42.45 -10.03 -3.23
C LEU E 134 42.40 -8.86 -2.26
N TYR E 135 43.14 -8.94 -1.15
CA TYR E 135 43.33 -7.79 -0.27
C TYR E 135 43.88 -6.60 -1.05
N GLU E 136 44.96 -6.83 -1.81
CA GLU E 136 45.58 -5.83 -2.67
C GLU E 136 44.57 -5.21 -3.63
N ASP E 137 43.81 -6.13 -4.23
CA ASP E 137 42.81 -5.76 -5.22
C ASP E 137 41.81 -4.83 -4.55
N LEU E 138 41.32 -5.21 -3.37
CA LEU E 138 40.33 -4.40 -2.64
C LEU E 138 40.89 -3.01 -2.34
N GLU E 139 42.18 -2.95 -1.89
CA GLU E 139 42.85 -1.73 -1.46
C GLU E 139 43.11 -0.75 -2.61
N ASP E 140 43.29 -1.28 -3.81
CA ASP E 140 43.57 -0.53 -5.03
C ASP E 140 42.28 0.09 -5.59
N HIS E 141 41.75 1.08 -4.86
CA HIS E 141 40.52 1.80 -5.18
C HIS E 141 40.58 2.38 -6.58
N PRO E 142 39.44 2.47 -7.31
CA PRO E 142 39.51 3.08 -8.64
C PRO E 142 39.83 4.57 -8.49
N ASN E 143 40.51 5.13 -9.48
CA ASN E 143 41.29 6.34 -9.30
C ASN E 143 41.42 7.07 -10.64
N VAL E 144 40.97 8.32 -10.69
CA VAL E 144 41.00 9.08 -11.93
C VAL E 144 42.44 9.20 -12.48
N GLN E 145 43.38 9.52 -11.58
CA GLN E 145 44.77 9.76 -11.97
C GLN E 145 45.36 8.48 -12.58
N LYS E 146 45.13 7.31 -11.97
CA LYS E 146 45.64 6.08 -12.57
C LYS E 146 44.95 5.78 -13.90
N ASP E 147 43.67 6.16 -14.05
CA ASP E 147 43.01 5.93 -15.33
C ASP E 147 43.66 6.78 -16.45
N LEU E 148 43.96 8.05 -16.15
CA LEU E 148 44.58 8.87 -17.16
C LEU E 148 45.95 8.29 -17.56
N GLU E 149 46.72 7.79 -16.59
CA GLU E 149 48.01 7.23 -16.94
C GLU E 149 47.85 5.99 -17.83
N ARG E 150 46.89 5.13 -17.52
CA ARG E 150 46.59 3.96 -18.35
C ARG E 150 46.14 4.37 -19.76
N LEU E 151 45.31 5.41 -19.87
CA LEU E 151 44.82 5.83 -21.18
C LEU E 151 45.96 6.41 -22.02
N THR E 152 46.83 7.21 -21.41
CA THR E 152 47.99 7.76 -22.08
C THR E 152 48.91 6.66 -22.61
N GLN E 153 49.28 5.68 -21.78
CA GLN E 153 50.01 4.47 -22.17
C GLN E 153 49.34 3.78 -23.36
N GLU E 154 48.03 3.55 -23.27
CA GLU E 154 47.32 2.85 -24.34
C GLU E 154 47.43 3.63 -25.66
N ARG E 155 47.40 4.98 -25.55
CA ARG E 155 47.58 5.88 -26.66
C ARG E 155 49.03 5.82 -27.18
N ILE E 156 49.29 4.86 -28.06
CA ILE E 156 50.65 4.39 -28.31
C ILE E 156 50.87 4.28 -29.82
N ALA E 157 51.88 5.01 -30.34
CA ALA E 157 52.37 4.86 -31.71
C ALA E 157 53.11 3.52 -31.83
N SER F 4 12.65 -5.22 -23.91
CA SER F 4 11.17 -5.00 -24.00
C SER F 4 10.48 -6.29 -24.43
N MET F 5 11.08 -6.99 -25.39
CA MET F 5 10.46 -8.21 -25.87
C MET F 5 10.98 -9.45 -25.14
N ASP F 6 12.25 -9.49 -24.75
CA ASP F 6 12.90 -10.71 -24.28
C ASP F 6 12.68 -10.89 -22.78
N VAL F 7 12.54 -12.15 -22.37
CA VAL F 7 12.36 -12.55 -20.99
C VAL F 7 13.41 -13.60 -20.67
N PHE F 8 13.98 -13.53 -19.48
CA PHE F 8 15.11 -14.37 -19.11
C PHE F 8 14.64 -15.34 -18.04
N LEU F 9 14.88 -16.63 -18.26
CA LEU F 9 14.29 -17.68 -17.46
C LEU F 9 15.34 -18.63 -16.86
N MET F 10 14.95 -19.29 -15.79
CA MET F 10 15.57 -20.50 -15.26
C MET F 10 14.50 -21.59 -15.23
N ILE F 11 14.70 -22.65 -16.02
CA ILE F 11 13.82 -23.80 -16.04
C ILE F 11 14.46 -24.85 -15.14
N ARG F 12 13.77 -25.17 -14.04
CA ARG F 12 14.36 -25.93 -12.95
C ARG F 12 13.55 -27.20 -12.66
N ARG F 13 14.24 -28.32 -12.54
CA ARG F 13 13.66 -29.58 -12.18
C ARG F 13 14.72 -30.34 -11.43
N HIS F 14 14.37 -30.83 -10.22
CA HIS F 14 15.30 -31.60 -9.42
C HIS F 14 16.54 -30.74 -9.16
N LYS F 15 17.72 -31.24 -9.61
CA LYS F 15 18.98 -30.54 -9.45
C LYS F 15 19.48 -29.95 -10.77
N THR F 16 18.59 -29.75 -11.73
CA THR F 16 18.93 -29.22 -13.04
C THR F 16 18.32 -27.83 -13.13
N THR F 17 19.10 -26.89 -13.67
CA THR F 17 18.64 -25.54 -13.97
C THR F 17 19.11 -25.16 -15.37
N ILE F 18 18.17 -24.83 -16.27
CA ILE F 18 18.47 -24.38 -17.62
C ILE F 18 18.29 -22.86 -17.68
N PHE F 19 19.33 -22.14 -18.10
CA PHE F 19 19.29 -20.70 -18.32
C PHE F 19 19.01 -20.46 -19.79
N THR F 20 17.92 -19.75 -20.10
CA THR F 20 17.54 -19.49 -21.47
C THR F 20 16.66 -18.24 -21.52
N ASP F 21 16.46 -17.74 -22.74
CA ASP F 21 15.62 -16.60 -22.99
C ASP F 21 14.57 -17.00 -24.02
N ALA F 22 13.52 -16.18 -24.14
CA ALA F 22 12.48 -16.35 -25.12
C ALA F 22 11.73 -15.02 -25.21
N LYS F 23 10.90 -14.95 -26.23
CA LYS F 23 10.07 -13.77 -26.41
C LYS F 23 8.81 -13.85 -25.53
N GLU F 24 8.42 -12.69 -24.99
CA GLU F 24 7.19 -12.55 -24.23
C GLU F 24 5.99 -13.10 -25.00
N SER F 25 6.04 -12.96 -26.33
CA SER F 25 4.94 -13.39 -27.18
C SER F 25 4.98 -14.89 -27.49
N SER F 26 6.10 -15.57 -27.20
CA SER F 26 6.19 -16.99 -27.48
C SER F 26 5.38 -17.76 -26.44
N THR F 27 5.07 -19.01 -26.76
CA THR F 27 4.11 -19.77 -25.96
C THR F 27 4.85 -20.74 -25.03
N VAL F 28 4.10 -21.24 -24.02
CA VAL F 28 4.58 -22.32 -23.17
C VAL F 28 5.03 -23.52 -24.00
N PHE F 29 4.24 -23.88 -25.02
CA PHE F 29 4.58 -25.03 -25.86
C PHE F 29 5.90 -24.83 -26.57
N GLU F 30 6.10 -23.61 -27.12
CA GLU F 30 7.38 -23.28 -27.73
C GLU F 30 8.51 -23.41 -26.71
N LEU F 31 8.24 -23.08 -25.44
CA LEU F 31 9.29 -23.24 -24.43
C LEU F 31 9.57 -24.72 -24.16
N LYS F 32 8.52 -25.57 -24.18
CA LYS F 32 8.73 -26.99 -24.03
C LYS F 32 9.56 -27.54 -25.19
N ARG F 33 9.38 -26.98 -26.40
CA ARG F 33 10.23 -27.38 -27.51
C ARG F 33 11.71 -27.05 -27.22
N ILE F 34 11.99 -25.87 -26.68
CA ILE F 34 13.36 -25.53 -26.31
C ILE F 34 13.94 -26.54 -25.30
N VAL F 35 13.19 -26.84 -24.23
CA VAL F 35 13.58 -27.87 -23.25
C VAL F 35 13.85 -29.19 -23.98
N GLU F 36 12.97 -29.54 -24.93
CA GLU F 36 13.09 -30.81 -25.63
C GLU F 36 14.47 -30.94 -26.31
N GLY F 37 14.93 -29.87 -26.99
CA GLY F 37 16.24 -29.88 -27.61
C GLY F 37 17.37 -30.10 -26.62
N ILE F 38 17.21 -29.63 -25.36
CA ILE F 38 18.29 -29.75 -24.38
C ILE F 38 18.18 -31.06 -23.60
N LEU F 39 16.99 -31.41 -23.12
CA LEU F 39 16.88 -32.53 -22.20
C LEU F 39 16.32 -33.79 -22.88
N LYS F 40 16.00 -33.75 -24.18
CA LYS F 40 15.64 -34.92 -24.98
C LYS F 40 14.37 -35.63 -24.50
N ARG F 41 13.41 -34.83 -24.02
CA ARG F 41 12.09 -35.29 -23.63
C ARG F 41 11.07 -34.45 -24.40
N PRO F 42 10.11 -35.07 -25.15
CA PRO F 42 9.09 -34.36 -25.90
C PRO F 42 8.12 -33.55 -25.03
N PRO F 43 7.53 -32.50 -25.64
CA PRO F 43 6.54 -31.67 -24.95
C PRO F 43 5.38 -32.37 -24.25
N ASP F 44 4.90 -33.45 -24.87
CA ASP F 44 3.84 -34.22 -24.24
C ASP F 44 4.32 -34.98 -23.00
N GLU F 45 5.62 -34.94 -22.70
CA GLU F 45 6.17 -35.53 -21.47
C GLU F 45 6.76 -34.47 -20.53
N GLN F 46 6.44 -33.20 -20.74
CA GLN F 46 6.78 -32.16 -19.77
C GLN F 46 5.52 -31.48 -19.27
N ARG F 47 5.58 -31.01 -18.02
CA ARG F 47 4.73 -29.93 -17.56
C ARG F 47 5.61 -28.82 -17.03
N LEU F 48 5.20 -27.59 -17.39
CA LEU F 48 5.84 -26.36 -16.94
C LEU F 48 4.94 -25.60 -15.99
N TYR F 49 5.54 -24.99 -14.96
CA TYR F 49 4.85 -24.39 -13.84
C TYR F 49 5.37 -22.98 -13.61
N LYS F 50 4.46 -22.07 -13.22
CA LYS F 50 4.98 -20.83 -12.69
C LYS F 50 5.45 -21.06 -11.25
N ASP F 51 4.48 -21.15 -10.34
CA ASP F 51 4.80 -21.48 -8.95
C ASP F 51 4.42 -22.94 -8.74
N ASP F 52 3.20 -23.16 -8.23
CA ASP F 52 2.55 -24.48 -8.29
C ASP F 52 1.55 -24.59 -9.45
N GLN F 53 1.51 -23.59 -10.32
CA GLN F 53 0.44 -23.46 -11.29
C GLN F 53 0.85 -24.00 -12.66
N LEU F 54 0.17 -25.06 -13.11
CA LEU F 54 0.45 -25.71 -14.38
C LEU F 54 0.11 -24.72 -15.49
N LEU F 55 1.05 -24.53 -16.42
CA LEU F 55 0.87 -23.58 -17.50
C LEU F 55 0.28 -24.30 -18.71
N ASP F 56 -0.74 -23.65 -19.29
CA ASP F 56 -1.40 -24.07 -20.52
C ASP F 56 -0.48 -23.90 -21.73
N ASP F 57 -0.46 -24.90 -22.63
CA ASP F 57 0.48 -24.88 -23.74
C ASP F 57 0.27 -23.66 -24.65
N GLY F 58 -0.99 -23.29 -24.89
CA GLY F 58 -1.31 -22.20 -25.81
C GLY F 58 -1.01 -20.79 -25.32
N LYS F 59 -0.74 -20.61 -24.01
CA LYS F 59 -0.54 -19.28 -23.41
C LYS F 59 0.84 -18.73 -23.74
N THR F 60 0.88 -17.39 -23.95
CA THR F 60 2.17 -16.74 -24.07
C THR F 60 2.80 -16.67 -22.69
N LEU F 61 4.15 -16.51 -22.71
CA LEU F 61 4.93 -16.31 -21.50
C LEU F 61 4.47 -15.03 -20.80
N GLY F 62 4.21 -13.97 -21.57
CA GLY F 62 3.79 -12.73 -20.93
C GLY F 62 2.45 -12.91 -20.25
N GLU F 63 1.60 -13.74 -20.89
CA GLU F 63 0.29 -14.02 -20.31
C GLU F 63 0.40 -14.77 -18.98
N ALA F 64 1.46 -15.59 -18.90
CA ALA F 64 1.69 -16.42 -17.72
C ALA F 64 2.40 -15.69 -16.57
N GLY F 65 2.77 -14.41 -16.81
CA GLY F 65 3.37 -13.60 -15.77
C GLY F 65 4.86 -13.33 -15.94
N PHE F 66 5.50 -13.82 -17.00
CA PHE F 66 6.91 -13.56 -17.25
C PHE F 66 7.03 -12.34 -18.16
N THR F 67 7.64 -11.22 -17.75
CA THR F 67 7.68 -10.06 -18.61
C THR F 67 9.09 -9.53 -18.52
N SER F 68 9.42 -8.54 -19.33
CA SER F 68 10.73 -7.91 -19.30
C SER F 68 11.03 -7.39 -17.90
N GLN F 69 9.98 -6.95 -17.20
CA GLN F 69 10.20 -6.34 -15.90
C GLN F 69 10.54 -7.37 -14.82
N THR F 70 10.04 -8.60 -14.99
CA THR F 70 9.96 -9.59 -13.93
C THR F 70 10.97 -10.69 -14.15
N ALA F 71 11.48 -10.76 -15.38
CA ALA F 71 12.31 -11.83 -15.88
C ALA F 71 13.52 -11.24 -16.58
N ARG F 72 14.47 -10.75 -15.77
CA ARG F 72 15.57 -9.92 -16.24
C ARG F 72 16.84 -10.76 -16.34
N PRO F 73 17.80 -10.38 -17.20
CA PRO F 73 19.05 -11.15 -17.33
C PRO F 73 19.71 -11.47 -15.99
N GLN F 74 19.78 -10.48 -15.10
CA GLN F 74 20.52 -10.56 -13.85
C GLN F 74 19.68 -11.17 -12.72
N ALA F 75 18.39 -11.37 -12.98
CA ALA F 75 17.43 -11.89 -11.99
C ALA F 75 16.34 -12.63 -12.76
N PRO F 76 16.69 -13.77 -13.41
CA PRO F 76 15.75 -14.44 -14.31
C PRO F 76 14.63 -15.10 -13.52
N ALA F 77 13.46 -15.27 -14.13
CA ALA F 77 12.29 -15.84 -13.48
C ALA F 77 12.36 -17.36 -13.56
N THR F 78 11.84 -18.06 -12.54
CA THR F 78 11.89 -19.50 -12.48
C THR F 78 10.64 -20.12 -13.08
N VAL F 79 10.86 -21.12 -13.93
CA VAL F 79 9.80 -21.93 -14.49
C VAL F 79 10.03 -23.35 -14.00
N GLY F 80 9.07 -23.90 -13.26
CA GLY F 80 9.18 -25.28 -12.80
C GLY F 80 8.93 -26.27 -13.94
N LEU F 81 9.69 -27.37 -13.92
CA LEU F 81 9.54 -28.46 -14.88
C LEU F 81 9.33 -29.80 -14.16
N ALA F 82 8.31 -30.57 -14.56
CA ALA F 82 8.13 -31.92 -14.07
C ALA F 82 7.85 -32.87 -15.24
N PHE F 83 8.03 -34.15 -14.93
CA PHE F 83 7.75 -35.25 -15.87
C PHE F 83 6.60 -36.16 -15.40
N GLU F 90 6.95 -36.97 -13.11
CA GLU F 90 5.47 -36.91 -12.89
C GLU F 90 5.11 -36.20 -11.58
N ALA F 91 6.03 -35.42 -10.96
CA ALA F 91 5.65 -34.52 -9.87
C ALA F 91 6.69 -33.42 -9.60
N LEU F 92 6.20 -32.17 -9.53
CA LEU F 92 7.11 -31.04 -9.49
C LEU F 92 7.95 -31.06 -8.21
N SER F 93 9.26 -31.04 -8.36
CA SER F 93 10.17 -30.94 -7.23
C SER F 93 11.45 -30.21 -7.65
N ILE F 94 11.69 -29.03 -7.09
CA ILE F 94 12.89 -28.26 -7.34
C ILE F 94 13.75 -28.24 -6.08
N GLU F 95 14.96 -28.84 -6.14
CA GLU F 95 15.90 -28.86 -5.01
C GLU F 95 16.49 -27.46 -4.84
N PRO F 96 16.44 -26.88 -3.62
CA PRO F 96 16.96 -25.53 -3.40
C PRO F 96 18.47 -25.52 -3.60
N PHE F 97 19.00 -24.34 -3.93
CA PHE F 97 20.43 -24.09 -3.95
C PHE F 97 20.97 -24.13 -2.53
N SER F 98 22.30 -24.19 -2.40
CA SER F 98 22.94 -24.19 -1.09
C SER F 98 22.75 -22.83 -0.44
N SER F 99 23.04 -22.80 0.86
CA SER F 99 22.89 -21.62 1.68
C SER F 99 24.25 -20.94 1.89
N PRO F 100 24.36 -19.60 1.72
CA PRO F 100 25.61 -18.90 2.03
C PRO F 100 25.86 -18.92 3.53
N PRO F 101 27.14 -18.81 3.99
CA PRO F 101 27.43 -18.74 5.42
C PRO F 101 26.86 -17.47 6.04
N GLU F 102 26.80 -17.45 7.38
CA GLU F 102 26.48 -16.24 8.13
C GLU F 102 27.41 -15.11 7.67
N LEU F 103 26.82 -13.91 7.43
CA LEU F 103 27.58 -12.73 7.03
C LEU F 103 28.58 -12.40 8.12
N PRO F 104 29.88 -12.16 7.81
CA PRO F 104 30.86 -11.80 8.83
C PRO F 104 30.51 -10.46 9.50
N ASP F 105 30.84 -10.34 10.80
CA ASP F 105 30.53 -9.15 11.56
C ASP F 105 31.13 -7.92 10.92
N VAL F 106 32.33 -8.03 10.37
CA VAL F 106 33.05 -6.97 9.66
C VAL F 106 32.26 -6.50 8.42
N MET F 107 31.28 -7.30 7.97
CA MET F 107 30.50 -6.93 6.79
C MET F 107 29.07 -6.53 7.15
N LYS F 108 28.74 -6.44 8.45
CA LYS F 108 27.40 -6.03 8.87
C LYS F 108 27.29 -4.51 8.87
N PRO F 109 26.40 -3.90 8.04
CA PRO F 109 26.37 -2.45 7.87
C PRO F 109 25.82 -1.71 9.09
N SER G 4 27.46 -28.68 -27.80
CA SER G 4 28.32 -27.64 -28.36
C SER G 4 27.63 -26.31 -28.12
N MET G 5 26.31 -26.24 -28.39
CA MET G 5 25.50 -25.04 -28.27
C MET G 5 25.15 -24.71 -26.82
N TYR G 6 25.00 -25.75 -25.97
CA TYR G 6 24.88 -25.64 -24.52
C TYR G 6 25.94 -26.50 -23.83
N VAL G 7 26.26 -26.13 -22.59
CA VAL G 7 27.25 -26.86 -21.81
C VAL G 7 26.76 -26.91 -20.38
N LYS G 8 27.30 -27.88 -19.62
CA LYS G 8 26.82 -28.18 -18.29
C LYS G 8 27.89 -27.83 -17.28
N LEU G 9 27.56 -26.92 -16.37
CA LEU G 9 28.47 -26.58 -15.27
C LEU G 9 27.93 -27.20 -13.98
N ILE G 10 28.74 -27.96 -13.24
CA ILE G 10 28.28 -28.63 -12.04
C ILE G 10 29.03 -28.03 -10.86
N SER G 11 28.20 -27.70 -9.86
CA SER G 11 28.71 -27.17 -8.61
C SER G 11 29.19 -28.26 -7.65
N SER G 12 29.82 -27.83 -6.56
CA SER G 12 30.42 -28.73 -5.58
C SER G 12 29.34 -29.58 -4.91
N ASP G 13 28.12 -29.04 -4.77
CA ASP G 13 27.01 -29.75 -4.16
C ASP G 13 26.15 -30.48 -5.18
N GLY G 14 26.60 -30.61 -6.43
CA GLY G 14 25.95 -31.48 -7.38
C GLY G 14 24.90 -30.83 -8.27
N HIS G 15 24.58 -29.54 -8.09
CA HIS G 15 23.62 -28.87 -8.97
C HIS G 15 24.22 -28.72 -10.36
N GLU G 16 23.40 -29.00 -11.37
CA GLU G 16 23.80 -28.84 -12.76
C GLU G 16 23.14 -27.61 -13.36
N PHE G 17 23.95 -26.78 -14.01
CA PHE G 17 23.52 -25.58 -14.71
C PHE G 17 23.83 -25.72 -16.19
N ILE G 18 22.77 -25.66 -17.00
CA ILE G 18 22.95 -25.70 -18.43
C ILE G 18 22.77 -24.30 -18.99
N VAL G 19 23.83 -23.83 -19.65
CA VAL G 19 23.92 -22.48 -20.15
C VAL G 19 24.41 -22.53 -21.59
N LYS G 20 24.12 -21.48 -22.36
CA LYS G 20 24.64 -21.38 -23.69
C LYS G 20 26.17 -21.45 -23.63
N ARG G 21 26.75 -22.18 -24.61
CA ARG G 21 28.20 -22.25 -24.72
C ARG G 21 28.83 -20.86 -24.79
N GLU G 22 28.30 -20.01 -25.68
CA GLU G 22 28.79 -18.65 -25.85
C GLU G 22 28.88 -17.90 -24.52
N HIS G 23 27.81 -18.03 -23.71
CA HIS G 23 27.76 -17.37 -22.42
C HIS G 23 28.91 -17.86 -21.54
N ALA G 24 29.10 -19.18 -21.53
CA ALA G 24 30.10 -19.76 -20.65
C ALA G 24 31.50 -19.27 -20.99
N LEU G 25 31.72 -18.97 -22.28
CA LEU G 25 33.03 -18.51 -22.72
C LEU G 25 33.39 -17.15 -22.17
N THR G 26 32.42 -16.48 -21.49
CA THR G 26 32.79 -15.24 -20.81
C THR G 26 33.86 -15.50 -19.74
N SER G 27 33.90 -16.73 -19.17
CA SER G 27 34.98 -17.15 -18.32
C SER G 27 36.13 -17.70 -19.16
N GLY G 28 37.31 -17.08 -19.04
CA GLY G 28 38.52 -17.62 -19.64
C GLY G 28 38.83 -19.02 -19.08
N THR G 29 38.54 -19.19 -17.78
CA THR G 29 38.80 -20.48 -17.14
C THR G 29 37.89 -21.57 -17.73
N ILE G 30 36.59 -21.29 -17.86
CA ILE G 30 35.68 -22.29 -18.41
C ILE G 30 36.02 -22.54 -19.88
N LYS G 31 36.36 -21.47 -20.61
CA LYS G 31 36.66 -21.60 -22.02
C LYS G 31 37.85 -22.54 -22.22
N ALA G 32 38.93 -22.40 -21.42
CA ALA G 32 40.05 -23.35 -21.48
C ALA G 32 39.66 -24.82 -21.18
N MET G 33 38.82 -25.02 -20.17
CA MET G 33 38.42 -26.36 -19.73
C MET G 33 37.62 -27.09 -20.80
N LEU G 34 36.92 -26.31 -21.65
CA LEU G 34 36.02 -26.93 -22.61
C LEU G 34 36.74 -27.43 -23.88
N SER G 35 38.05 -27.18 -24.03
CA SER G 35 38.75 -27.62 -25.24
C SER G 35 39.20 -29.10 -25.13
N THR G 45 28.63 -29.13 -25.56
CA THR G 45 28.54 -30.63 -25.57
C THR G 45 29.65 -31.19 -24.66
N ASN G 46 29.86 -30.51 -23.53
CA ASN G 46 30.79 -30.95 -22.50
C ASN G 46 30.25 -30.53 -21.12
N GLU G 47 30.62 -31.33 -20.11
CA GLU G 47 30.41 -31.00 -18.71
C GLU G 47 31.67 -30.35 -18.16
N VAL G 48 31.52 -29.59 -17.06
CA VAL G 48 32.65 -29.00 -16.36
C VAL G 48 32.33 -28.96 -14.87
N ASN G 49 33.20 -29.56 -14.04
CA ASN G 49 32.92 -29.79 -12.63
C ASN G 49 33.72 -28.81 -11.78
N PHE G 50 33.01 -28.12 -10.91
CA PHE G 50 33.59 -27.12 -10.03
C PHE G 50 33.49 -27.55 -8.59
N ARG G 51 34.50 -28.29 -8.15
CA ARG G 51 34.55 -28.80 -6.78
C ARG G 51 34.63 -27.70 -5.71
N GLU G 52 34.95 -26.46 -6.09
CA GLU G 52 35.09 -25.43 -5.07
C GLU G 52 33.96 -24.40 -5.09
N ILE G 53 33.01 -24.54 -5.99
CA ILE G 53 32.03 -23.48 -6.14
C ILE G 53 30.66 -24.04 -5.77
N PRO G 54 30.00 -23.62 -4.68
CA PRO G 54 28.68 -24.17 -4.35
C PRO G 54 27.57 -23.60 -5.23
N SER G 55 26.46 -24.31 -5.31
CA SER G 55 25.33 -23.97 -6.16
C SER G 55 24.81 -22.56 -5.91
N HIS G 56 24.84 -22.06 -4.68
CA HIS G 56 24.32 -20.71 -4.52
C HIS G 56 25.26 -19.66 -5.13
N VAL G 57 26.52 -20.03 -5.40
CA VAL G 57 27.47 -19.12 -6.05
C VAL G 57 27.43 -19.34 -7.56
N LEU G 58 27.42 -20.60 -7.98
CA LEU G 58 27.53 -20.89 -9.40
C LEU G 58 26.27 -20.43 -10.14
N SER G 59 25.11 -20.46 -9.48
CA SER G 59 23.90 -19.92 -10.09
C SER G 59 24.06 -18.43 -10.41
N LYS G 60 24.62 -17.67 -9.47
CA LYS G 60 24.83 -16.24 -9.66
C LYS G 60 25.81 -15.96 -10.79
N VAL G 61 26.88 -16.76 -10.85
CA VAL G 61 27.85 -16.65 -11.93
C VAL G 61 27.15 -16.83 -13.27
N CYS G 62 26.25 -17.80 -13.39
CA CYS G 62 25.49 -17.97 -14.65
C CYS G 62 24.60 -16.77 -14.92
N MET G 63 23.96 -16.20 -13.89
CA MET G 63 23.18 -14.98 -14.12
C MET G 63 24.12 -13.89 -14.65
N TYR G 64 25.35 -13.83 -14.12
CA TYR G 64 26.28 -12.83 -14.61
C TYR G 64 26.58 -13.08 -16.10
N PHE G 65 26.75 -14.34 -16.51
CA PHE G 65 26.99 -14.61 -17.92
C PHE G 65 25.87 -14.07 -18.78
N THR G 66 24.62 -14.27 -18.37
CA THR G 66 23.47 -13.74 -19.13
C THR G 66 23.55 -12.23 -19.22
N TYR G 67 23.79 -11.58 -18.07
CA TYR G 67 23.82 -10.14 -17.95
C TYR G 67 24.88 -9.55 -18.87
N LYS G 68 26.10 -10.12 -18.82
CA LYS G 68 27.24 -9.69 -19.61
C LYS G 68 26.93 -9.78 -21.10
N VAL G 69 26.42 -10.93 -21.55
CA VAL G 69 26.13 -11.09 -22.97
C VAL G 69 25.00 -10.17 -23.39
N ARG G 70 24.01 -9.95 -22.52
CA ARG G 70 22.91 -9.09 -22.94
C ARG G 70 23.37 -7.62 -23.09
N TYR G 71 24.15 -7.12 -22.13
CA TYR G 71 24.39 -5.68 -22.05
C TYR G 71 25.74 -5.21 -22.60
N THR G 72 26.68 -6.12 -22.87
CA THR G 72 27.90 -5.74 -23.59
C THR G 72 27.52 -5.22 -24.96
N ASN G 73 27.99 -4.01 -25.24
CA ASN G 73 27.82 -3.38 -26.54
C ASN G 73 26.38 -2.90 -26.73
N SER G 74 25.69 -2.48 -25.65
CA SER G 74 24.32 -2.03 -25.81
C SER G 74 24.23 -0.51 -25.65
N SER G 75 23.40 0.14 -26.49
CA SER G 75 23.22 1.59 -26.46
C SER G 75 22.21 1.97 -25.38
N THR G 76 21.50 0.95 -24.88
CA THR G 76 20.49 1.14 -23.86
C THR G 76 21.15 1.47 -22.51
N GLU G 77 20.30 1.83 -21.54
CA GLU G 77 20.65 1.95 -20.13
C GLU G 77 20.87 0.54 -19.58
N ILE G 78 21.96 0.37 -18.86
CA ILE G 78 22.32 -0.90 -18.26
C ILE G 78 21.93 -0.84 -16.78
N PRO G 79 21.27 -1.88 -16.27
CA PRO G 79 21.01 -1.99 -14.84
C PRO G 79 22.24 -2.47 -14.08
N GLU G 80 22.29 -2.13 -12.80
CA GLU G 80 23.29 -2.66 -11.87
C GLU G 80 23.18 -4.18 -11.76
N PHE G 81 24.33 -4.89 -11.73
CA PHE G 81 24.30 -6.31 -11.42
C PHE G 81 24.19 -6.47 -9.91
N PRO G 82 23.07 -7.00 -9.39
CA PRO G 82 22.87 -7.04 -7.94
C PRO G 82 23.61 -8.21 -7.29
N ILE G 83 24.29 -7.94 -6.17
CA ILE G 83 24.98 -8.94 -5.39
C ILE G 83 24.62 -8.73 -3.92
N ALA G 84 23.99 -9.74 -3.36
CA ALA G 84 23.64 -9.72 -1.96
C ALA G 84 24.91 -9.76 -1.10
N PRO G 85 24.90 -9.01 0.02
CA PRO G 85 26.02 -9.08 0.97
C PRO G 85 26.49 -10.50 1.32
N GLU G 86 25.53 -11.44 1.45
CA GLU G 86 25.80 -12.79 1.93
C GLU G 86 26.63 -13.62 0.94
N ILE G 87 26.64 -13.25 -0.34
CA ILE G 87 27.23 -14.04 -1.42
C ILE G 87 28.53 -13.38 -1.93
N ALA G 88 28.82 -12.14 -1.51
CA ALA G 88 29.84 -11.31 -2.17
C ALA G 88 31.24 -11.95 -2.14
N LEU G 89 31.67 -12.38 -0.95
CA LEU G 89 33.01 -12.93 -0.76
C LEU G 89 33.21 -14.17 -1.65
N GLU G 90 32.25 -15.11 -1.57
CA GLU G 90 32.36 -16.34 -2.34
C GLU G 90 32.29 -16.06 -3.84
N LEU G 91 31.42 -15.12 -4.23
CA LEU G 91 31.32 -14.75 -5.65
C LEU G 91 32.62 -14.10 -6.13
N LEU G 92 33.26 -13.31 -5.26
CA LEU G 92 34.52 -12.67 -5.58
C LEU G 92 35.59 -13.72 -5.86
N MET G 93 35.70 -14.71 -4.95
CA MET G 93 36.65 -15.79 -5.16
C MET G 93 36.38 -16.54 -6.48
N ALA G 94 35.11 -16.85 -6.73
CA ALA G 94 34.74 -17.50 -7.97
C ALA G 94 35.11 -16.66 -9.20
N ALA G 95 34.78 -15.37 -9.18
CA ALA G 95 35.08 -14.51 -10.32
C ALA G 95 36.59 -14.50 -10.58
N ASN G 96 37.37 -14.46 -9.51
CA ASN G 96 38.82 -14.47 -9.61
C ASN G 96 39.32 -15.79 -10.20
N PHE G 97 38.75 -16.92 -9.75
CA PHE G 97 39.13 -18.21 -10.31
C PHE G 97 38.71 -18.34 -11.79
N LEU G 98 37.50 -17.88 -12.12
CA LEU G 98 36.91 -18.00 -13.44
C LEU G 98 37.49 -16.96 -14.43
N ASP G 99 38.07 -15.87 -13.87
CA ASP G 99 38.56 -14.78 -14.72
C ASP G 99 37.42 -14.21 -15.58
N CYS G 100 36.39 -13.68 -14.93
CA CYS G 100 35.35 -12.94 -15.62
C CYS G 100 34.89 -11.75 -14.77
N TYR H 3 43.61 34.31 -24.35
CA TYR H 3 43.18 33.71 -23.03
C TYR H 3 42.08 32.66 -23.25
N TYR H 4 41.93 31.77 -22.26
CA TYR H 4 41.15 30.54 -22.33
C TYR H 4 39.78 30.68 -21.65
N MET H 5 38.85 29.76 -21.96
CA MET H 5 37.54 29.70 -21.33
CA MET H 5 37.57 29.70 -21.28
C MET H 5 37.23 28.25 -20.97
N ALA H 6 37.01 27.98 -19.68
CA ALA H 6 36.66 26.67 -19.16
C ALA H 6 35.16 26.42 -19.33
N HYP H 7 34.72 25.15 -19.41
CA HYP H 7 33.29 24.82 -19.37
C HYP H 7 32.55 25.39 -18.16
O HYP H 7 33.12 25.47 -17.07
CB HYP H 7 33.29 23.28 -19.34
CG HYP H 7 34.58 22.89 -20.03
CD HYP H 7 35.57 23.96 -19.61
OD1 HYP H 7 34.40 22.89 -21.43
N GLU H 8 31.30 25.79 -18.35
CA GLU H 8 30.49 26.32 -17.25
C GLU H 8 29.03 25.89 -17.36
N HIS H 9 28.29 26.03 -16.25
CA HIS H 9 26.87 25.68 -16.16
C HIS H 9 25.96 26.89 -16.46
N PRO I 11 -45.71 -38.57 -10.98
CA PRO I 11 -44.67 -37.63 -10.47
C PRO I 11 -44.70 -36.29 -11.19
N VAL I 12 -44.50 -35.19 -10.44
CA VAL I 12 -44.53 -33.86 -11.06
C VAL I 12 -43.36 -33.67 -12.04
N LEU I 13 -42.12 -34.03 -11.65
CA LEU I 13 -40.94 -33.81 -12.47
C LEU I 13 -40.68 -35.00 -13.39
N ARG I 14 -41.03 -34.86 -14.66
CA ARG I 14 -41.02 -35.89 -15.68
C ARG I 14 -41.08 -35.25 -17.05
N SER I 15 -40.48 -35.92 -18.05
CA SER I 15 -40.63 -35.43 -19.40
C SER I 15 -42.05 -35.71 -19.88
N VAL I 16 -42.56 -34.84 -20.77
CA VAL I 16 -43.80 -35.12 -21.43
C VAL I 16 -43.50 -35.73 -22.80
N ASN I 17 -44.35 -36.67 -23.22
CA ASN I 17 -44.22 -37.34 -24.50
C ASN I 17 -44.74 -36.45 -25.62
N SER I 18 -43.95 -35.43 -25.99
CA SER I 18 -44.37 -34.42 -26.94
C SER I 18 -44.33 -34.95 -28.37
N ARG I 19 -43.36 -35.84 -28.61
CA ARG I 19 -43.01 -36.31 -29.94
C ARG I 19 -42.59 -35.19 -30.89
N GLU I 20 -42.19 -34.04 -30.32
CA GLU I 20 -41.80 -32.86 -31.08
C GLU I 20 -40.30 -32.67 -30.97
N PRO I 21 -39.52 -33.07 -32.00
CA PRO I 21 -38.06 -33.03 -31.89
C PRO I 21 -37.51 -31.64 -31.60
N SER I 22 -36.44 -31.60 -30.79
CA SER I 22 -35.70 -30.41 -30.47
C SER I 22 -34.22 -30.76 -30.52
N GLN I 23 -33.48 -30.12 -31.45
CA GLN I 23 -32.04 -30.31 -31.53
C GLN I 23 -31.35 -29.51 -30.41
N VAL I 24 -30.48 -30.17 -29.64
CA VAL I 24 -29.79 -29.58 -28.51
C VAL I 24 -28.30 -29.89 -28.61
N ILE I 25 -27.48 -28.99 -28.08
CA ILE I 25 -26.06 -29.21 -27.93
C ILE I 25 -25.66 -29.06 -26.47
N PHE I 26 -25.28 -30.19 -25.86
CA PHE I 26 -24.67 -30.22 -24.53
C PHE I 26 -23.25 -29.69 -24.65
N CYS I 27 -22.93 -28.61 -23.92
CA CYS I 27 -21.60 -28.01 -23.94
C CYS I 27 -21.06 -28.05 -22.50
N ASN I 28 -20.04 -28.87 -22.29
CA ASN I 28 -19.50 -29.05 -20.95
C ASN I 28 -18.46 -27.96 -20.71
N ARG I 29 -18.85 -26.94 -19.95
CA ARG I 29 -17.99 -25.83 -19.58
C ARG I 29 -17.60 -25.93 -18.12
N SER I 30 -17.27 -27.15 -17.70
CA SER I 30 -16.86 -27.47 -16.34
C SER I 30 -15.57 -28.28 -16.45
N PRO I 31 -14.81 -28.40 -15.34
CA PRO I 31 -13.64 -29.28 -15.32
C PRO I 31 -13.99 -30.74 -15.03
N ARG I 32 -15.28 -31.05 -14.83
CA ARG I 32 -15.72 -32.38 -14.45
C ARG I 32 -16.11 -33.19 -15.69
N VAL I 33 -16.06 -34.52 -15.53
CA VAL I 33 -16.76 -35.41 -16.45
C VAL I 33 -18.25 -35.31 -16.15
N VAL I 34 -19.05 -34.94 -17.14
CA VAL I 34 -20.46 -34.67 -16.93
C VAL I 34 -21.29 -35.89 -17.32
N LEU I 35 -22.25 -36.23 -16.45
CA LEU I 35 -23.29 -37.20 -16.74
C LEU I 35 -24.59 -36.47 -17.05
N PRO I 36 -25.06 -36.43 -18.30
CA PRO I 36 -26.40 -35.92 -18.58
C PRO I 36 -27.44 -36.96 -18.13
N VAL I 37 -28.48 -36.50 -17.44
CA VAL I 37 -29.47 -37.40 -16.87
C VAL I 37 -30.83 -36.94 -17.37
N TRP I 38 -31.54 -37.82 -18.08
CA TRP I 38 -32.85 -37.56 -18.64
C TRP I 38 -33.88 -38.10 -17.66
N LEU I 39 -34.89 -37.30 -17.34
CA LEU I 39 -36.02 -37.76 -16.57
C LEU I 39 -37.04 -38.33 -17.56
N ASN I 40 -37.35 -39.63 -17.40
CA ASN I 40 -38.16 -40.29 -18.42
C ASN I 40 -39.61 -39.95 -18.13
N PHE I 41 -40.54 -40.65 -18.79
CA PHE I 41 -41.95 -40.27 -18.76
C PHE I 41 -42.61 -40.66 -17.43
N ASP I 42 -41.89 -41.42 -16.60
CA ASP I 42 -42.31 -41.77 -15.26
C ASP I 42 -41.52 -41.01 -14.20
N GLY I 43 -40.70 -40.05 -14.62
CA GLY I 43 -39.92 -39.30 -13.66
C GLY I 43 -38.65 -40.00 -13.20
N GLU I 44 -38.33 -41.13 -13.84
CA GLU I 44 -37.18 -41.89 -13.40
C GLU I 44 -35.95 -41.36 -14.13
N PRO I 45 -34.84 -41.09 -13.41
CA PRO I 45 -33.61 -40.62 -14.06
C PRO I 45 -32.98 -41.72 -14.91
N GLN I 46 -32.60 -41.44 -16.16
CA GLN I 46 -31.95 -42.35 -17.09
C GLN I 46 -30.66 -41.69 -17.57
N PRO I 47 -29.46 -42.30 -17.39
CA PRO I 47 -28.21 -41.68 -17.80
C PRO I 47 -27.96 -41.76 -19.31
N TYR I 48 -27.41 -40.70 -19.92
CA TYR I 48 -26.95 -40.68 -21.29
C TYR I 48 -25.41 -40.68 -21.25
N PRO I 49 -24.70 -41.05 -22.33
CA PRO I 49 -23.23 -41.06 -22.28
C PRO I 49 -22.65 -39.75 -21.76
N THR I 50 -21.56 -39.86 -20.98
CA THR I 50 -20.80 -38.80 -20.37
C THR I 50 -20.07 -37.92 -21.39
N LEU I 51 -19.77 -36.69 -20.96
CA LEU I 51 -19.05 -35.68 -21.72
C LEU I 51 -17.74 -35.35 -21.02
N PRO I 52 -16.57 -35.57 -21.64
CA PRO I 52 -15.29 -35.11 -21.08
C PRO I 52 -15.31 -33.59 -20.86
N PRO I 53 -14.45 -33.03 -19.96
CA PRO I 53 -14.37 -31.58 -19.78
C PRO I 53 -14.05 -30.86 -21.09
N GLY I 54 -14.76 -29.75 -21.32
CA GLY I 54 -14.50 -28.86 -22.44
C GLY I 54 -14.90 -29.44 -23.79
N THR I 55 -15.76 -30.48 -23.78
CA THR I 55 -16.27 -31.07 -25.01
C THR I 55 -17.76 -30.78 -25.15
N GLY I 56 -18.26 -30.83 -26.37
CA GLY I 56 -19.66 -30.59 -26.60
C GLY I 56 -20.18 -31.63 -27.58
N ARG I 57 -21.51 -31.81 -27.65
CA ARG I 57 -22.14 -32.96 -28.26
C ARG I 57 -23.57 -32.65 -28.68
N ARG I 58 -23.94 -33.04 -29.90
CA ARG I 58 -25.29 -32.86 -30.39
C ARG I 58 -26.20 -33.98 -29.92
N ILE I 59 -27.39 -33.60 -29.45
CA ILE I 59 -28.42 -34.51 -28.97
C ILE I 59 -29.73 -34.25 -29.71
N HIS I 60 -30.42 -35.33 -30.06
CA HIS I 60 -31.80 -35.27 -30.50
C HIS I 60 -32.70 -35.54 -29.29
N SER I 61 -33.28 -34.46 -28.77
CA SER I 61 -34.19 -34.52 -27.64
C SER I 61 -35.54 -34.04 -28.15
N TYR I 62 -36.39 -33.56 -27.23
CA TYR I 62 -37.77 -33.28 -27.62
C TYR I 62 -38.32 -32.17 -26.75
N ARG I 63 -39.31 -31.46 -27.29
CA ARG I 63 -39.94 -30.40 -26.51
C ARG I 63 -40.55 -30.99 -25.23
N GLY I 64 -40.32 -30.27 -24.12
CA GLY I 64 -40.90 -30.62 -22.83
C GLY I 64 -40.21 -31.82 -22.16
N HIS I 65 -39.08 -32.28 -22.68
CA HIS I 65 -38.31 -33.27 -21.93
C HIS I 65 -37.48 -32.56 -20.87
N LEU I 66 -37.21 -33.23 -19.73
CA LEU I 66 -36.40 -32.65 -18.67
C LEU I 66 -35.06 -33.37 -18.58
N TRP I 67 -34.01 -32.57 -18.31
CA TRP I 67 -32.62 -32.97 -18.15
C TRP I 67 -32.03 -32.33 -16.90
N LEU I 68 -31.13 -33.07 -16.25
CA LEU I 68 -30.23 -32.42 -15.31
C LEU I 68 -28.84 -33.03 -15.49
N PHE I 69 -27.83 -32.42 -14.83
CA PHE I 69 -26.47 -32.80 -15.17
C PHE I 69 -25.62 -32.87 -13.91
N ARG I 70 -24.72 -33.86 -13.88
CA ARG I 70 -24.03 -34.20 -12.63
C ARG I 70 -22.60 -34.65 -12.93
N ASP I 71 -21.71 -34.47 -11.96
CA ASP I 71 -20.41 -35.13 -12.03
C ASP I 71 -20.67 -36.63 -12.13
N ALA I 72 -20.07 -37.26 -13.14
CA ALA I 72 -20.30 -38.66 -13.46
C ALA I 72 -19.72 -39.55 -12.37
N GLY I 73 -18.61 -39.09 -11.76
CA GLY I 73 -17.91 -39.88 -10.78
C GLY I 73 -18.47 -39.73 -9.38
N THR I 74 -18.95 -38.53 -9.04
CA THR I 74 -19.32 -38.22 -7.68
C THR I 74 -20.78 -37.81 -7.52
N HIS I 75 -21.46 -37.54 -8.61
CA HIS I 75 -22.84 -37.05 -8.61
C HIS I 75 -22.99 -35.67 -7.98
N ASP I 76 -21.89 -34.91 -7.86
CA ASP I 76 -22.00 -33.53 -7.40
C ASP I 76 -22.97 -32.83 -8.34
N GLY I 77 -23.85 -31.94 -7.82
CA GLY I 77 -24.71 -31.19 -8.70
C GLY I 77 -23.91 -30.21 -9.54
N LEU I 78 -24.33 -30.06 -10.82
CA LEU I 78 -23.89 -29.04 -11.77
C LEU I 78 -25.08 -28.20 -12.22
N LEU I 79 -24.78 -27.02 -12.78
CA LEU I 79 -25.79 -26.14 -13.35
C LEU I 79 -25.80 -26.32 -14.88
N VAL I 80 -26.99 -26.07 -15.47
CA VAL I 80 -27.17 -26.02 -16.90
C VAL I 80 -27.94 -24.73 -17.21
N ASN I 81 -27.38 -23.90 -18.09
CA ASN I 81 -27.85 -22.55 -18.32
C ASN I 81 -28.20 -21.87 -16.99
N GLN I 82 -27.29 -22.07 -16.03
CA GLN I 82 -27.32 -21.41 -14.73
C GLN I 82 -28.49 -21.87 -13.86
N THR I 83 -29.11 -23.01 -14.20
CA THR I 83 -30.18 -23.53 -13.34
C THR I 83 -30.06 -25.04 -13.15
N GLU I 84 -31.03 -25.64 -12.43
CA GLU I 84 -30.93 -27.04 -12.04
C GLU I 84 -31.35 -27.94 -13.20
N LEU I 85 -32.42 -27.53 -13.89
CA LEU I 85 -33.10 -28.33 -14.91
C LEU I 85 -33.06 -27.63 -16.25
N PHE I 86 -33.05 -28.44 -17.29
CA PHE I 86 -33.00 -28.01 -18.69
C PHE I 86 -34.14 -28.64 -19.49
N VAL I 87 -34.93 -27.80 -20.16
CA VAL I 87 -36.06 -28.24 -20.97
C VAL I 87 -35.90 -27.73 -22.41
N PRO I 88 -35.59 -28.60 -23.41
CA PRO I 88 -35.45 -28.17 -24.79
C PRO I 88 -36.73 -27.45 -25.24
N SER I 89 -36.57 -26.33 -25.96
CA SER I 89 -37.72 -25.58 -26.46
C SER I 89 -37.81 -25.79 -27.97
N LEU I 90 -38.72 -25.06 -28.61
CA LEU I 90 -38.83 -25.03 -30.07
C LEU I 90 -37.56 -24.43 -30.69
N ASN I 91 -37.06 -25.05 -31.76
CA ASN I 91 -35.86 -24.59 -32.45
C ASN I 91 -36.27 -23.47 -33.39
N VAL I 92 -35.77 -22.26 -33.14
CA VAL I 92 -36.32 -21.05 -33.76
C VAL I 92 -36.00 -20.90 -35.26
N ASP I 93 -34.83 -21.39 -35.71
CA ASP I 93 -34.64 -21.63 -37.14
C ASP I 93 -34.11 -23.05 -37.26
N GLY I 94 -33.20 -23.28 -38.22
CA GLY I 94 -32.34 -24.47 -38.22
C GLY I 94 -31.49 -24.59 -36.95
N GLN I 95 -31.57 -23.58 -36.07
CA GLN I 95 -30.58 -23.36 -35.02
C GLN I 95 -30.91 -24.18 -33.77
N PRO I 96 -29.94 -24.97 -33.26
CA PRO I 96 -30.09 -25.66 -32.01
C PRO I 96 -30.05 -24.83 -30.74
N ILE I 97 -30.50 -25.49 -29.66
CA ILE I 97 -30.50 -24.92 -28.33
C ILE I 97 -29.25 -25.40 -27.58
N PHE I 98 -28.59 -24.46 -26.87
CA PHE I 98 -27.40 -24.76 -26.10
C PHE I 98 -27.74 -25.06 -24.65
N ALA I 99 -27.21 -26.16 -24.13
CA ALA I 99 -27.21 -26.50 -22.72
C ALA I 99 -25.77 -26.32 -22.23
N ASN I 100 -25.51 -25.18 -21.58
CA ASN I 100 -24.19 -24.86 -21.07
C ASN I 100 -24.09 -25.33 -19.64
N ILE I 101 -23.26 -26.35 -19.42
CA ILE I 101 -23.12 -27.05 -18.14
C ILE I 101 -21.92 -26.46 -17.42
N THR I 102 -22.12 -26.01 -16.19
CA THR I 102 -21.07 -25.32 -15.46
C THR I 102 -21.03 -25.77 -14.02
N LEU I 103 -19.89 -25.48 -13.35
CA LEU I 103 -19.85 -25.53 -11.89
C LEU I 103 -20.73 -24.45 -11.30
N PRO I 104 -21.46 -24.81 -10.20
CA PRO I 104 -22.02 -23.78 -9.33
C PRO I 104 -20.90 -23.23 -8.45
N VAL I 105 -21.19 -22.10 -7.80
CA VAL I 105 -20.30 -21.70 -6.74
C VAL I 105 -20.80 -22.49 -5.52
N TYR I 106 -20.25 -23.69 -5.31
CA TYR I 106 -20.47 -24.44 -4.10
C TYR I 106 -20.20 -23.59 -2.85
N THR I 107 -20.85 -23.96 -1.75
CA THR I 107 -20.53 -23.40 -0.44
C THR I 107 -19.13 -23.86 -0.08
N LEU I 108 -18.42 -23.15 0.79
CA LEU I 108 -17.09 -23.62 1.12
C LEU I 108 -17.18 -24.98 1.82
N LYS I 109 -18.19 -25.17 2.68
CA LYS I 109 -18.47 -26.45 3.32
C LYS I 109 -18.65 -27.59 2.30
N GLU I 110 -19.59 -27.41 1.36
CA GLU I 110 -19.85 -28.46 0.37
C GLU I 110 -18.56 -28.77 -0.39
N ARG I 111 -17.80 -27.74 -0.76
CA ARG I 111 -16.57 -27.97 -1.50
C ARG I 111 -15.56 -28.76 -0.65
N CYS I 112 -15.47 -28.46 0.64
CA CYS I 112 -14.54 -29.22 1.47
C CYS I 112 -15.00 -30.68 1.56
N LEU I 113 -16.31 -30.91 1.66
CA LEU I 113 -16.81 -32.26 1.69
C LEU I 113 -16.45 -33.01 0.41
N GLN I 114 -16.54 -32.33 -0.74
CA GLN I 114 -16.19 -32.99 -2.00
C GLN I 114 -14.74 -33.45 -1.93
N VAL I 115 -13.85 -32.57 -1.48
CA VAL I 115 -12.43 -32.90 -1.47
C VAL I 115 -12.15 -34.01 -0.48
N VAL I 116 -12.77 -33.98 0.71
CA VAL I 116 -12.49 -35.03 1.68
C VAL I 116 -13.01 -36.36 1.15
N ARG I 117 -14.23 -36.37 0.58
CA ARG I 117 -14.75 -37.58 -0.04
C ARG I 117 -13.80 -38.14 -1.11
N SER I 118 -13.19 -37.28 -1.93
CA SER I 118 -12.33 -37.75 -3.01
C SER I 118 -11.06 -38.42 -2.46
N LEU I 119 -10.66 -38.10 -1.23
CA LEU I 119 -9.41 -38.57 -0.66
C LEU I 119 -9.57 -39.72 0.30
N VAL I 120 -10.77 -39.91 0.84
CA VAL I 120 -10.98 -40.88 1.90
C VAL I 120 -12.05 -41.85 1.41
N LYS I 121 -11.74 -43.15 1.57
CA LYS I 121 -12.66 -44.23 1.25
C LYS I 121 -13.79 -44.25 2.29
N PRO I 122 -15.06 -44.51 1.88
CA PRO I 122 -16.17 -44.39 2.84
C PRO I 122 -16.01 -45.24 4.11
N GLU I 123 -15.39 -46.42 4.00
CA GLU I 123 -15.16 -47.28 5.17
C GLU I 123 -14.37 -46.56 6.27
N ASN I 124 -13.64 -45.50 5.90
CA ASN I 124 -12.71 -44.84 6.79
C ASN I 124 -13.21 -43.47 7.25
N TYR I 125 -14.35 -43.00 6.71
CA TYR I 125 -14.86 -41.70 7.14
C TYR I 125 -14.84 -41.58 8.67
N ARG I 126 -15.19 -42.63 9.42
CA ARG I 126 -15.36 -42.51 10.85
C ARG I 126 -14.01 -42.60 11.59
N ARG I 127 -12.93 -42.82 10.83
CA ARG I 127 -11.59 -42.75 11.39
C ARG I 127 -10.98 -41.35 11.24
N LEU I 128 -11.78 -40.34 10.94
CA LEU I 128 -11.28 -38.96 10.86
C LEU I 128 -11.63 -38.28 12.18
N ASP I 129 -10.77 -37.36 12.65
CA ASP I 129 -11.07 -36.64 13.87
C ASP I 129 -11.88 -35.39 13.54
N ILE I 130 -13.21 -35.60 13.41
CA ILE I 130 -14.19 -34.56 13.20
C ILE I 130 -15.36 -34.86 14.13
N VAL I 131 -16.17 -33.82 14.36
CA VAL I 131 -17.36 -33.87 15.18
C VAL I 131 -18.41 -34.69 14.45
N ARG I 132 -19.39 -35.20 15.20
CA ARG I 132 -20.45 -36.11 14.75
C ARG I 132 -21.18 -35.60 13.51
N SER I 133 -21.57 -34.33 13.53
CA SER I 133 -22.41 -33.79 12.47
C SER I 133 -21.67 -33.81 11.13
N LEU I 134 -20.34 -33.75 11.14
CA LEU I 134 -19.63 -33.71 9.87
C LEU I 134 -19.41 -35.09 9.25
N TYR I 135 -19.31 -36.12 10.08
CA TYR I 135 -19.30 -37.51 9.62
C TYR I 135 -20.56 -37.78 8.79
N GLU I 136 -21.73 -37.44 9.36
CA GLU I 136 -23.03 -37.55 8.71
C GLU I 136 -23.04 -36.85 7.35
N ASP I 137 -22.51 -35.62 7.42
CA ASP I 137 -22.48 -34.75 6.25
C ASP I 137 -21.65 -35.45 5.17
N LEU I 138 -20.48 -35.97 5.54
CA LEU I 138 -19.61 -36.64 4.57
C LEU I 138 -20.31 -37.85 3.95
N GLU I 139 -21.02 -38.64 4.80
CA GLU I 139 -21.69 -39.89 4.39
C GLU I 139 -22.87 -39.66 3.47
N ASP I 140 -23.51 -38.50 3.60
CA ASP I 140 -24.69 -38.13 2.83
C ASP I 140 -24.27 -37.60 1.44
N HIS I 141 -23.74 -38.51 0.61
CA HIS I 141 -23.25 -38.23 -0.73
C HIS I 141 -24.34 -37.56 -1.56
N PRO I 142 -24.01 -36.68 -2.53
CA PRO I 142 -25.07 -36.11 -3.36
C PRO I 142 -25.67 -37.22 -4.21
N ASN I 143 -26.97 -37.05 -4.53
CA ASN I 143 -27.84 -38.15 -4.89
C ASN I 143 -28.95 -37.62 -5.80
N VAL I 144 -29.05 -38.14 -7.02
CA VAL I 144 -30.02 -37.59 -7.96
C VAL I 144 -31.45 -37.74 -7.42
N GLN I 145 -31.77 -38.91 -6.85
CA GLN I 145 -33.11 -39.19 -6.34
C GLN I 145 -33.48 -38.20 -5.23
N LYS I 146 -32.58 -37.93 -4.28
CA LYS I 146 -32.87 -36.95 -3.23
C LYS I 146 -33.01 -35.54 -3.84
N ASP I 147 -32.26 -35.23 -4.90
CA ASP I 147 -32.41 -33.91 -5.51
C ASP I 147 -33.80 -33.75 -6.13
N LEU I 148 -34.29 -34.77 -6.83
CA LEU I 148 -35.62 -34.69 -7.41
C LEU I 148 -36.69 -34.52 -6.33
N GLU I 149 -36.54 -35.20 -5.19
CA GLU I 149 -37.53 -35.02 -4.14
C GLU I 149 -37.50 -33.60 -3.60
N ARG I 150 -36.31 -33.02 -3.40
CA ARG I 150 -36.17 -31.64 -2.96
C ARG I 150 -36.79 -30.67 -3.99
N LEU I 151 -36.56 -30.92 -5.29
CA LEU I 151 -37.06 -30.02 -6.32
C LEU I 151 -38.59 -30.08 -6.38
N THR I 152 -39.17 -31.28 -6.27
CA THR I 152 -40.60 -31.46 -6.25
C THR I 152 -41.25 -30.73 -5.08
N GLN I 153 -40.73 -30.90 -3.85
CA GLN I 153 -41.11 -30.15 -2.66
C GLN I 153 -41.04 -28.64 -2.89
N GLU I 154 -39.94 -28.16 -3.48
CA GLU I 154 -39.82 -26.73 -3.74
C GLU I 154 -40.92 -26.24 -4.71
N ARG I 155 -41.24 -27.08 -5.71
CA ARG I 155 -42.15 -26.70 -6.79
C ARG I 155 -43.59 -26.79 -6.35
N ILE I 156 -43.90 -27.30 -5.16
CA ILE I 156 -45.22 -27.27 -4.56
C ILE I 156 -45.31 -25.98 -3.71
N ALA I 157 -46.17 -25.06 -4.19
CA ALA I 157 -46.26 -23.65 -3.81
C ALA I 157 -44.87 -22.96 -3.74
N MET J 5 -9.15 -6.27 -17.44
CA MET J 5 -9.24 -7.58 -16.70
C MET J 5 -8.67 -7.48 -15.27
N ASP J 6 -9.37 -8.15 -14.33
CA ASP J 6 -9.15 -8.00 -12.91
C ASP J 6 -8.06 -8.95 -12.43
N VAL J 7 -7.28 -8.48 -11.45
CA VAL J 7 -6.21 -9.23 -10.84
C VAL J 7 -6.44 -9.22 -9.33
N PHE J 8 -6.22 -10.37 -8.70
CA PHE J 8 -6.58 -10.56 -7.31
C PHE J 8 -5.30 -10.70 -6.50
N LEU J 9 -5.16 -9.90 -5.44
CA LEU J 9 -3.90 -9.75 -4.74
C LEU J 9 -4.05 -10.01 -3.24
N MET J 10 -2.91 -10.36 -2.64
CA MET J 10 -2.67 -10.28 -1.20
C MET J 10 -1.47 -9.35 -0.98
N ILE J 11 -1.71 -8.23 -0.29
CA ILE J 11 -0.66 -7.30 0.09
C ILE J 11 -0.28 -7.61 1.52
N ARG J 12 0.96 -8.05 1.70
CA ARG J 12 1.40 -8.65 2.96
C ARG J 12 2.61 -7.91 3.53
N ARG J 13 2.54 -7.58 4.82
CA ARG J 13 3.64 -7.04 5.56
C ARG J 13 3.52 -7.55 6.97
N HIS J 14 4.60 -8.11 7.49
CA HIS J 14 4.64 -8.66 8.84
C HIS J 14 3.53 -9.71 8.97
N LYS J 15 2.57 -9.47 9.88
CA LYS J 15 1.47 -10.37 10.13
C LYS J 15 0.15 -9.84 9.57
N THR J 16 0.22 -8.89 8.63
CA THR J 16 -0.95 -8.26 8.04
C THR J 16 -1.04 -8.72 6.60
N THR J 17 -2.24 -9.11 6.16
CA THR J 17 -2.50 -9.49 4.79
C THR J 17 -3.80 -8.82 4.34
N ILE J 18 -3.73 -7.99 3.27
CA ILE J 18 -4.86 -7.29 2.69
C ILE J 18 -5.28 -8.02 1.42
N PHE J 19 -6.54 -8.44 1.34
CA PHE J 19 -7.11 -9.03 0.14
C PHE J 19 -7.81 -7.95 -0.65
N THR J 20 -7.39 -7.73 -1.91
CA THR J 20 -8.00 -6.73 -2.75
C THR J 20 -7.78 -7.09 -4.21
N ASP J 21 -8.51 -6.38 -5.08
CA ASP J 21 -8.40 -6.55 -6.51
C ASP J 21 -8.11 -5.19 -7.12
N ALA J 22 -7.71 -5.20 -8.39
CA ALA J 22 -7.46 -4.01 -9.18
C ALA J 22 -7.39 -4.45 -10.63
N LYS J 23 -7.42 -3.46 -11.50
CA LYS J 23 -7.30 -3.74 -12.92
C LYS J 23 -5.83 -3.92 -13.31
N GLU J 24 -5.58 -4.84 -14.25
CA GLU J 24 -4.27 -5.08 -14.84
C GLU J 24 -3.67 -3.76 -15.34
N SER J 25 -4.52 -2.85 -15.82
CA SER J 25 -4.05 -1.60 -16.36
C SER J 25 -3.78 -0.52 -15.29
N SER J 26 -4.22 -0.76 -14.05
CA SER J 26 -4.02 0.22 -12.99
C SER J 26 -2.55 0.16 -12.53
N THR J 27 -2.14 1.21 -11.82
CA THR J 27 -0.71 1.34 -11.53
C THR J 27 -0.41 0.90 -10.08
N VAL J 28 0.90 0.67 -9.83
CA VAL J 28 1.40 0.45 -8.48
C VAL J 28 0.98 1.59 -7.53
N PHE J 29 1.08 2.84 -8.01
CA PHE J 29 0.72 3.99 -7.18
C PHE J 29 -0.75 3.93 -6.79
N GLU J 30 -1.63 3.59 -7.74
CA GLU J 30 -3.03 3.40 -7.43
C GLU J 30 -3.21 2.30 -6.39
N LEU J 31 -2.36 1.27 -6.43
CA LEU J 31 -2.46 0.23 -5.41
C LEU J 31 -2.02 0.76 -4.02
N LYS J 32 -0.99 1.61 -4.01
CA LYS J 32 -0.56 2.23 -2.76
C LYS J 32 -1.68 3.12 -2.19
N ARG J 33 -2.46 3.77 -3.08
CA ARG J 33 -3.62 4.53 -2.60
C ARG J 33 -4.62 3.61 -1.90
N ILE J 34 -4.91 2.43 -2.48
CA ILE J 34 -5.80 1.49 -1.82
C ILE J 34 -5.28 1.12 -0.42
N VAL J 35 -3.99 0.75 -0.30
CA VAL J 35 -3.35 0.46 0.99
C VAL J 35 -3.54 1.66 1.93
N GLU J 36 -3.34 2.88 1.39
CA GLU J 36 -3.42 4.09 2.20
C GLU J 36 -4.79 4.19 2.91
N GLY J 37 -5.87 3.93 2.17
CA GLY J 37 -7.20 3.97 2.76
C GLY J 37 -7.38 2.96 3.88
N ILE J 38 -6.68 1.81 3.81
CA ILE J 38 -6.85 0.77 4.84
C ILE J 38 -5.87 0.97 6.01
N LEU J 39 -4.60 1.20 5.69
CA LEU J 39 -3.60 1.18 6.76
C LEU J 39 -3.15 2.59 7.17
N LYS J 40 -3.70 3.65 6.56
CA LYS J 40 -3.55 5.05 6.99
C LYS J 40 -2.10 5.52 6.95
N ARG J 41 -1.36 5.05 5.94
CA ARG J 41 -0.01 5.50 5.63
C ARG J 41 0.00 5.93 4.17
N PRO J 42 0.47 7.18 3.87
CA PRO J 42 0.56 7.69 2.51
C PRO J 42 1.54 6.92 1.61
N PRO J 43 1.27 6.98 0.29
CA PRO J 43 2.13 6.34 -0.70
C PRO J 43 3.63 6.58 -0.63
N ASP J 44 4.00 7.80 -0.27
CA ASP J 44 5.43 8.11 -0.10
C ASP J 44 6.03 7.41 1.12
N GLU J 45 5.21 6.73 1.92
CA GLU J 45 5.70 5.94 3.06
C GLU J 45 5.45 4.44 2.86
N GLN J 46 5.14 4.00 1.65
CA GLN J 46 5.10 2.58 1.34
C GLN J 46 6.09 2.25 0.23
N ARG J 47 6.60 1.02 0.28
CA ARG J 47 7.19 0.38 -0.88
C ARG J 47 6.49 -0.96 -1.09
N LEU J 48 6.18 -1.24 -2.36
CA LEU J 48 5.55 -2.47 -2.79
C LEU J 48 6.52 -3.31 -3.61
N TYR J 49 6.46 -4.62 -3.43
CA TYR J 49 7.41 -5.57 -4.00
C TYR J 49 6.66 -6.70 -4.69
N LYS J 50 7.23 -7.18 -5.81
CA LYS J 50 6.93 -8.48 -6.32
C LYS J 50 8.16 -9.33 -6.11
N ASP J 51 8.05 -10.32 -5.22
CA ASP J 51 9.20 -11.05 -4.72
C ASP J 51 10.16 -10.06 -4.03
N ASP J 52 11.42 -10.00 -4.51
CA ASP J 52 12.39 -9.04 -4.00
C ASP J 52 12.51 -7.78 -4.84
N GLN J 53 11.63 -7.60 -5.81
CA GLN J 53 11.77 -6.51 -6.75
C GLN J 53 10.88 -5.33 -6.37
N LEU J 54 11.50 -4.19 -6.06
CA LEU J 54 10.78 -2.97 -5.72
C LEU J 54 10.03 -2.47 -6.96
N LEU J 55 8.72 -2.22 -6.83
CA LEU J 55 7.88 -1.86 -7.96
C LEU J 55 7.84 -0.33 -8.09
N ASP J 56 8.04 0.12 -9.35
CA ASP J 56 7.96 1.53 -9.74
C ASP J 56 6.51 2.01 -9.69
N ASP J 57 6.30 3.23 -9.17
CA ASP J 57 4.95 3.76 -8.98
C ASP J 57 4.18 3.85 -10.31
N GLY J 58 4.85 4.28 -11.38
CA GLY J 58 4.19 4.51 -12.65
C GLY J 58 3.81 3.25 -13.44
N LYS J 59 4.32 2.06 -13.06
CA LYS J 59 4.09 0.81 -13.79
C LYS J 59 2.69 0.27 -13.54
N THR J 60 2.12 -0.32 -14.62
CA THR J 60 0.88 -1.06 -14.43
C THR J 60 1.20 -2.38 -13.72
N LEU J 61 0.13 -2.92 -13.08
CA LEU J 61 0.21 -4.21 -12.43
C LEU J 61 0.53 -5.29 -13.44
N GLY J 62 -0.06 -5.21 -14.63
CA GLY J 62 0.23 -6.25 -15.62
C GLY J 62 1.68 -6.17 -16.05
N GLU J 63 2.20 -4.92 -16.10
CA GLU J 63 3.60 -4.75 -16.46
C GLU J 63 4.54 -5.39 -15.43
N ALA J 64 4.06 -5.37 -14.17
CA ALA J 64 4.85 -5.88 -13.06
C ALA J 64 4.76 -7.40 -12.87
N GLY J 65 3.93 -8.06 -13.69
CA GLY J 65 3.82 -9.50 -13.68
C GLY J 65 2.53 -10.05 -13.08
N PHE J 66 1.60 -9.19 -12.64
CA PHE J 66 0.32 -9.65 -12.12
C PHE J 66 -0.70 -9.70 -13.25
N THR J 67 -1.29 -10.84 -13.61
CA THR J 67 -2.20 -10.89 -14.73
C THR J 67 -3.37 -11.72 -14.29
N SER J 68 -4.41 -11.75 -15.10
CA SER J 68 -5.60 -12.57 -14.81
C SER J 68 -5.19 -14.03 -14.61
N GLN J 69 -4.15 -14.45 -15.32
CA GLN J 69 -3.78 -15.86 -15.25
C GLN J 69 -3.07 -16.22 -13.94
N THR J 70 -2.40 -15.24 -13.32
CA THR J 70 -1.41 -15.49 -12.28
C THR J 70 -1.93 -15.00 -10.94
N ALA J 71 -2.98 -14.20 -11.00
CA ALA J 71 -3.54 -13.51 -9.88
C ALA J 71 -5.04 -13.71 -9.85
N ARG J 72 -5.45 -14.91 -9.43
CA ARG J 72 -6.82 -15.38 -9.57
C ARG J 72 -7.56 -15.26 -8.23
N PRO J 73 -8.89 -15.10 -8.23
CA PRO J 73 -9.63 -14.97 -6.96
C PRO J 73 -9.28 -16.05 -5.94
N GLN J 74 -9.17 -17.31 -6.39
CA GLN J 74 -9.00 -18.47 -5.53
C GLN J 74 -7.52 -18.74 -5.21
N ALA J 75 -6.61 -18.00 -5.87
CA ALA J 75 -5.17 -18.18 -5.74
C ALA J 75 -4.51 -16.81 -6.01
N PRO J 76 -4.75 -15.80 -5.15
CA PRO J 76 -4.31 -14.43 -5.45
C PRO J 76 -2.80 -14.30 -5.34
N ALA J 77 -2.22 -13.36 -6.07
CA ALA J 77 -0.78 -13.12 -6.12
C ALA J 77 -0.37 -12.24 -4.93
N THR J 78 0.84 -12.45 -4.42
CA THR J 78 1.33 -11.72 -3.26
C THR J 78 2.12 -10.49 -3.70
N VAL J 79 1.81 -9.38 -3.06
CA VAL J 79 2.54 -8.14 -3.19
C VAL J 79 3.14 -7.83 -1.82
N GLY J 80 4.47 -7.75 -1.74
CA GLY J 80 5.13 -7.37 -0.50
C GLY J 80 4.97 -5.88 -0.21
N LEU J 81 4.79 -5.54 1.07
CA LEU J 81 4.69 -4.15 1.53
C LEU J 81 5.71 -3.89 2.64
N ALA J 82 6.48 -2.80 2.54
CA ALA J 82 7.27 -2.27 3.64
C ALA J 82 6.96 -0.79 3.88
N PHE J 83 6.93 -0.34 5.15
CA PHE J 83 6.69 1.04 5.53
C PHE J 83 7.98 1.82 5.78
N ARG J 84 7.90 3.15 5.64
CA ARG J 84 9.00 4.01 6.09
C ARG J 84 8.98 4.19 7.62
N ALA J 85 10.16 4.50 8.22
CA ALA J 85 10.30 4.70 9.64
C ALA J 85 11.43 5.70 9.84
N ASP J 86 11.10 6.91 10.32
CA ASP J 86 12.05 7.96 10.66
C ASP J 86 12.91 8.34 9.45
N ASP J 87 12.27 8.49 8.27
CA ASP J 87 12.89 9.01 7.05
C ASP J 87 13.79 7.98 6.37
N THR J 88 13.35 6.70 6.39
CA THR J 88 14.10 5.58 5.83
C THR J 88 13.28 4.29 6.02
N PHE J 89 13.48 3.33 5.12
CA PHE J 89 12.51 2.23 4.98
C PHE J 89 13.01 1.01 5.73
N GLU J 90 12.09 0.38 6.45
CA GLU J 90 12.23 -0.93 7.07
C GLU J 90 12.41 -2.03 6.00
N ALA J 91 13.06 -3.12 6.38
CA ALA J 91 13.26 -4.26 5.51
C ALA J 91 11.91 -4.93 5.22
N LEU J 92 11.73 -5.40 3.99
CA LEU J 92 10.60 -6.24 3.66
C LEU J 92 10.62 -7.53 4.49
N SER J 93 9.54 -7.77 5.24
CA SER J 93 9.48 -8.96 6.07
C SER J 93 8.05 -9.48 6.18
N ILE J 94 7.80 -10.64 5.57
CA ILE J 94 6.48 -11.26 5.57
C ILE J 94 6.52 -12.53 6.42
N GLU J 95 5.75 -12.56 7.51
CA GLU J 95 5.67 -13.73 8.40
C GLU J 95 4.85 -14.80 7.69
N PRO J 96 5.38 -16.04 7.59
CA PRO J 96 4.65 -17.12 6.92
C PRO J 96 3.36 -17.43 7.70
N PHE J 97 2.40 -18.02 6.99
CA PHE J 97 1.22 -18.61 7.59
C PHE J 97 1.62 -19.83 8.41
N SER J 98 0.68 -20.30 9.24
CA SER J 98 0.92 -21.46 10.05
C SER J 98 1.04 -22.70 9.18
N SER J 99 1.56 -23.77 9.81
CA SER J 99 1.85 -25.01 9.13
C SER J 99 0.74 -26.03 9.37
N PRO J 100 0.24 -26.73 8.33
CA PRO J 100 -0.82 -27.72 8.53
C PRO J 100 -0.24 -28.95 9.23
N PRO J 101 -1.06 -29.74 9.98
CA PRO J 101 -0.57 -30.96 10.64
C PRO J 101 -0.18 -31.99 9.59
N GLU J 102 0.53 -33.04 10.04
CA GLU J 102 0.80 -34.21 9.23
C GLU J 102 -0.51 -34.76 8.65
N LEU J 103 -0.51 -35.08 7.33
CA LEU J 103 -1.70 -35.53 6.64
C LEU J 103 -2.13 -36.85 7.26
N PRO J 104 -3.43 -37.06 7.63
CA PRO J 104 -3.84 -38.34 8.21
C PRO J 104 -3.70 -39.50 7.23
N ASP J 105 -3.37 -40.68 7.77
CA ASP J 105 -3.05 -41.85 6.97
C ASP J 105 -4.20 -42.18 6.04
N VAL J 106 -5.44 -42.04 6.52
CA VAL J 106 -6.64 -42.32 5.72
C VAL J 106 -6.78 -41.34 4.54
N MET J 107 -5.97 -40.27 4.54
CA MET J 107 -6.01 -39.29 3.45
C MET J 107 -4.78 -39.39 2.54
N LYS J 108 -3.88 -40.36 2.79
CA LYS J 108 -2.72 -40.56 1.95
C LYS J 108 -3.10 -41.41 0.75
N PRO J 109 -2.90 -40.94 -0.51
CA PRO J 109 -3.01 -41.80 -1.70
C PRO J 109 -2.25 -43.11 -1.42
N PRO K 2 -23.87 1.65 9.08
CA PRO K 2 -23.42 0.89 7.89
C PRO K 2 -22.08 0.17 8.06
N GLY K 3 -21.03 0.94 8.38
CA GLY K 3 -19.72 0.44 8.75
C GLY K 3 -18.70 0.54 7.62
N SER K 4 -17.40 0.54 7.99
CA SER K 4 -16.21 0.57 7.14
C SER K 4 -16.33 -0.30 5.88
N MET K 5 -15.47 -0.01 4.89
CA MET K 5 -15.41 -0.70 3.62
C MET K 5 -14.71 -2.06 3.76
N TYR K 6 -13.78 -2.15 4.74
CA TYR K 6 -12.97 -3.33 5.04
C TYR K 6 -13.13 -3.69 6.53
N VAL K 7 -12.79 -4.94 6.86
CA VAL K 7 -12.88 -5.45 8.22
C VAL K 7 -11.67 -6.36 8.44
N LYS K 8 -11.35 -6.60 9.73
CA LYS K 8 -10.16 -7.32 10.10
C LYS K 8 -10.56 -8.67 10.72
N LEU K 9 -10.11 -9.75 10.12
CA LEU K 9 -10.28 -11.08 10.72
C LEU K 9 -8.94 -11.56 11.28
N ILE K 10 -8.88 -11.97 12.53
CA ILE K 10 -7.63 -12.41 13.15
C ILE K 10 -7.72 -13.89 13.45
N SER K 11 -6.67 -14.57 13.00
CA SER K 11 -6.52 -15.99 13.24
C SER K 11 -5.94 -16.29 14.64
N SER K 12 -5.96 -17.59 15.00
CA SER K 12 -5.54 -18.03 16.31
C SER K 12 -4.05 -17.74 16.54
N ASP K 13 -3.26 -17.77 15.46
CA ASP K 13 -1.83 -17.51 15.53
C ASP K 13 -1.49 -16.03 15.31
N GLY K 14 -2.48 -15.14 15.28
CA GLY K 14 -2.20 -13.71 15.34
C GLY K 14 -2.15 -13.03 13.98
N HIS K 15 -2.30 -13.76 12.86
CA HIS K 15 -2.29 -13.13 11.55
C HIS K 15 -3.56 -12.33 11.41
N GLU K 16 -3.44 -11.12 10.85
CA GLU K 16 -4.57 -10.27 10.54
C GLU K 16 -4.82 -10.29 9.04
N PHE K 17 -6.09 -10.50 8.67
CA PHE K 17 -6.56 -10.48 7.30
C PHE K 17 -7.57 -9.35 7.14
N ILE K 18 -7.23 -8.43 6.25
CA ILE K 18 -8.14 -7.36 5.93
C ILE K 18 -8.78 -7.67 4.58
N VAL K 19 -10.13 -7.74 4.63
CA VAL K 19 -10.94 -8.11 3.50
C VAL K 19 -12.07 -7.13 3.37
N LYS K 20 -12.62 -7.00 2.15
CA LYS K 20 -13.79 -6.14 1.96
C LYS K 20 -14.88 -6.62 2.91
N ARG K 21 -15.61 -5.66 3.50
CA ARG K 21 -16.79 -6.00 4.30
C ARG K 21 -17.76 -6.88 3.52
N GLU K 22 -18.12 -6.46 2.30
CA GLU K 22 -19.02 -7.23 1.44
C GLU K 22 -18.61 -8.69 1.32
N HIS K 23 -17.31 -8.92 1.10
CA HIS K 23 -16.78 -10.26 0.96
C HIS K 23 -17.01 -11.04 2.26
N ALA K 24 -16.73 -10.39 3.38
CA ALA K 24 -16.84 -11.08 4.66
C ALA K 24 -18.27 -11.52 4.92
N LEU K 25 -19.25 -10.77 4.39
CA LEU K 25 -20.66 -11.10 4.58
C LEU K 25 -21.04 -12.42 3.91
N THR K 26 -20.13 -13.01 3.12
CA THR K 26 -20.33 -14.35 2.58
C THR K 26 -20.54 -15.35 3.73
N SER K 27 -19.89 -15.11 4.89
CA SER K 27 -20.13 -15.85 6.09
C SER K 27 -21.31 -15.27 6.86
N GLY K 28 -22.35 -16.08 7.08
CA GLY K 28 -23.44 -15.73 7.98
C GLY K 28 -22.93 -15.44 9.38
N THR K 29 -21.91 -16.24 9.81
CA THR K 29 -21.35 -16.05 11.14
C THR K 29 -20.66 -14.68 11.25
N ILE K 30 -19.82 -14.32 10.28
CA ILE K 30 -19.13 -13.05 10.34
C ILE K 30 -20.12 -11.90 10.21
N LYS K 31 -21.12 -12.08 9.32
CA LYS K 31 -22.11 -11.03 9.10
C LYS K 31 -22.83 -10.72 10.41
N ALA K 32 -23.25 -11.74 11.19
CA ALA K 32 -23.86 -11.50 12.49
C ALA K 32 -22.93 -10.75 13.49
N MET K 33 -21.66 -11.14 13.54
CA MET K 33 -20.69 -10.58 14.47
C MET K 33 -20.43 -9.10 14.21
N LEU K 34 -20.61 -8.69 12.96
CA LEU K 34 -20.38 -7.30 12.60
C LEU K 34 -21.77 -6.67 12.79
N SER K 35 -21.89 -5.77 13.79
CA SER K 35 -23.09 -5.06 14.24
C SER K 35 -23.27 -5.15 15.78
N ASN K 46 -14.25 -2.73 12.02
CA ASN K 46 -14.58 -3.78 13.02
C ASN K 46 -13.62 -4.98 12.90
N GLU K 47 -13.20 -5.46 14.07
CA GLU K 47 -12.34 -6.63 14.16
C GLU K 47 -13.19 -7.87 14.46
N VAL K 48 -12.66 -9.06 14.15
CA VAL K 48 -13.29 -10.31 14.56
C VAL K 48 -12.18 -11.34 14.80
N ASN K 49 -12.15 -11.92 16.02
CA ASN K 49 -11.07 -12.80 16.46
C ASN K 49 -11.53 -14.25 16.43
N PHE K 50 -10.74 -15.07 15.76
CA PHE K 50 -11.02 -16.47 15.59
C PHE K 50 -9.98 -17.31 16.30
N ARG K 51 -10.20 -17.55 17.60
CA ARG K 51 -9.27 -18.33 18.41
C ARG K 51 -9.10 -19.78 17.97
N GLU K 52 -9.98 -20.30 17.10
CA GLU K 52 -9.84 -21.71 16.74
C GLU K 52 -9.42 -21.90 15.28
N ILE K 53 -9.19 -20.82 14.55
CA ILE K 53 -8.93 -20.97 13.13
C ILE K 53 -7.50 -20.52 12.85
N PRO K 54 -6.54 -21.38 12.48
CA PRO K 54 -5.17 -20.92 12.24
C PRO K 54 -5.04 -20.21 10.89
N SER K 55 -3.99 -19.40 10.78
CA SER K 55 -3.74 -18.59 9.60
C SER K 55 -3.72 -19.38 8.31
N HIS K 56 -3.23 -20.62 8.32
CA HIS K 56 -3.22 -21.31 7.04
C HIS K 56 -4.63 -21.71 6.59
N VAL K 57 -5.60 -21.71 7.53
CA VAL K 57 -7.00 -21.99 7.17
C VAL K 57 -7.73 -20.68 6.85
N LEU K 58 -7.52 -19.67 7.69
CA LEU K 58 -8.30 -18.45 7.55
C LEU K 58 -7.91 -17.73 6.25
N SER K 59 -6.66 -17.86 5.81
CA SER K 59 -6.28 -17.29 4.52
C SER K 59 -7.09 -17.91 3.38
N LYS K 60 -7.28 -19.22 3.40
CA LYS K 60 -8.05 -19.93 2.39
C LYS K 60 -9.52 -19.52 2.41
N VAL K 61 -10.07 -19.38 3.61
CA VAL K 61 -11.43 -18.89 3.77
C VAL K 61 -11.59 -17.54 3.08
N CYS K 62 -10.62 -16.62 3.26
CA CYS K 62 -10.68 -15.33 2.57
C CYS K 62 -10.58 -15.49 1.05
N MET K 63 -9.75 -16.41 0.57
CA MET K 63 -9.71 -16.66 -0.86
C MET K 63 -11.11 -17.13 -1.31
N TYR K 64 -11.76 -17.96 -0.49
CA TYR K 64 -13.09 -18.41 -0.87
C TYR K 64 -14.05 -17.21 -0.96
N PHE K 65 -13.94 -16.26 -0.04
CA PHE K 65 -14.82 -15.09 -0.12
C PHE K 65 -14.64 -14.36 -1.45
N THR K 66 -13.38 -14.18 -1.89
CA THR K 66 -13.12 -13.53 -3.17
C THR K 66 -13.77 -14.31 -4.32
N TYR K 67 -13.54 -15.62 -4.32
CA TYR K 67 -14.01 -16.53 -5.35
C TYR K 67 -15.53 -16.46 -5.49
N LYS K 68 -16.21 -16.56 -4.34
CA LYS K 68 -17.66 -16.54 -4.25
C LYS K 68 -18.22 -15.25 -4.82
N VAL K 69 -17.68 -14.11 -4.37
CA VAL K 69 -18.19 -12.83 -4.84
C VAL K 69 -17.90 -12.65 -6.32
N ARG K 70 -16.74 -13.13 -6.79
CA ARG K 70 -16.44 -12.95 -8.21
C ARG K 70 -17.38 -13.76 -9.10
N TYR K 71 -17.61 -15.03 -8.74
CA TYR K 71 -18.25 -15.95 -9.68
C TYR K 71 -19.75 -16.19 -9.45
N THR K 72 -20.28 -15.80 -8.29
CA THR K 72 -21.73 -15.93 -8.14
C THR K 72 -22.45 -15.01 -9.12
N ASN K 73 -23.33 -15.59 -9.95
CA ASN K 73 -24.12 -14.87 -10.93
C ASN K 73 -23.27 -14.42 -12.11
N SER K 74 -22.27 -15.22 -12.50
CA SER K 74 -21.50 -14.90 -13.70
C SER K 74 -21.86 -15.88 -14.82
N SER K 75 -21.96 -15.38 -16.06
CA SER K 75 -22.27 -16.22 -17.22
C SER K 75 -21.01 -16.91 -17.75
N THR K 76 -19.85 -16.46 -17.23
CA THR K 76 -18.55 -17.03 -17.53
C THR K 76 -18.43 -18.47 -17.02
N GLU K 77 -17.36 -19.15 -17.48
CA GLU K 77 -16.93 -20.44 -16.98
C GLU K 77 -16.31 -20.21 -15.61
N ILE K 78 -16.70 -21.04 -14.66
CA ILE K 78 -16.23 -20.96 -13.29
C ILE K 78 -15.13 -21.99 -13.10
N PRO K 79 -14.00 -21.59 -12.50
CA PRO K 79 -12.96 -22.56 -12.18
C PRO K 79 -13.29 -23.28 -10.87
N GLU K 80 -12.69 -24.44 -10.71
CA GLU K 80 -12.71 -25.18 -9.47
C GLU K 80 -12.10 -24.37 -8.32
N PHE K 81 -12.70 -24.40 -7.12
CA PHE K 81 -12.03 -23.86 -5.97
C PHE K 81 -11.05 -24.92 -5.44
N PRO K 82 -9.73 -24.70 -5.50
CA PRO K 82 -8.77 -25.74 -5.12
C PRO K 82 -8.60 -25.82 -3.61
N ILE K 83 -8.58 -27.04 -3.07
CA ILE K 83 -8.31 -27.29 -1.66
C ILE K 83 -7.26 -28.40 -1.54
N ALA K 84 -6.13 -28.04 -0.99
CA ALA K 84 -5.06 -28.99 -0.75
C ALA K 84 -5.49 -30.02 0.30
N PRO K 85 -5.09 -31.30 0.09
CA PRO K 85 -5.37 -32.34 1.07
C PRO K 85 -5.07 -31.97 2.52
N GLU K 86 -3.96 -31.25 2.73
CA GLU K 86 -3.44 -30.96 4.07
C GLU K 86 -4.33 -29.99 4.86
N ILE K 87 -5.17 -29.23 4.18
CA ILE K 87 -5.96 -28.16 4.78
C ILE K 87 -7.46 -28.56 4.87
N ALA K 88 -7.87 -29.66 4.22
CA ALA K 88 -9.29 -29.92 3.94
C ALA K 88 -10.13 -30.03 5.22
N LEU K 89 -9.66 -30.85 6.17
CA LEU K 89 -10.40 -31.11 7.40
C LEU K 89 -10.62 -29.82 8.19
N GLU K 90 -9.52 -29.08 8.39
CA GLU K 90 -9.61 -27.83 9.15
C GLU K 90 -10.48 -26.79 8.42
N LEU K 91 -10.35 -26.73 7.09
CA LEU K 91 -11.18 -25.82 6.31
C LEU K 91 -12.65 -26.20 6.39
N LEU K 92 -12.93 -27.52 6.44
CA LEU K 92 -14.30 -28.01 6.58
C LEU K 92 -14.90 -27.54 7.90
N MET K 93 -14.14 -27.73 8.99
CA MET K 93 -14.59 -27.25 10.30
C MET K 93 -14.87 -25.74 10.29
N ALA K 94 -13.93 -24.98 9.71
CA ALA K 94 -14.12 -23.55 9.59
C ALA K 94 -15.36 -23.17 8.78
N ALA K 95 -15.55 -23.81 7.62
CA ALA K 95 -16.70 -23.51 6.79
C ALA K 95 -17.99 -23.77 7.55
N ASN K 96 -17.99 -24.86 8.33
CA ASN K 96 -19.15 -25.24 9.13
C ASN K 96 -19.41 -24.19 10.21
N PHE K 97 -18.34 -23.72 10.90
CA PHE K 97 -18.51 -22.65 11.88
C PHE K 97 -18.97 -21.32 11.25
N LEU K 98 -18.38 -20.96 10.10
CA LEU K 98 -18.62 -19.69 9.43
C LEU K 98 -19.96 -19.70 8.67
N ASP K 99 -20.47 -20.94 8.37
CA ASP K 99 -21.71 -21.02 7.57
C ASP K 99 -21.52 -20.36 6.20
N CYS K 100 -20.54 -20.84 5.43
CA CYS K 100 -20.40 -20.43 4.05
C CYS K 100 -19.87 -21.61 3.23
N LEU L 2 -47.14 -45.46 -24.95
CA LEU L 2 -47.61 -45.56 -26.38
C LEU L 2 -46.42 -45.36 -27.34
N TYR L 3 -45.68 -44.24 -27.23
CA TYR L 3 -44.54 -43.96 -28.09
C TYR L 3 -43.27 -43.61 -27.32
N TYR L 4 -42.28 -44.52 -27.41
CA TYR L 4 -40.95 -44.26 -26.89
C TYR L 4 -40.21 -43.32 -27.84
N MET L 5 -40.61 -42.05 -27.83
CA MET L 5 -39.80 -41.03 -28.48
C MET L 5 -38.90 -40.42 -27.41
N ALA L 6 -37.78 -41.12 -27.19
CA ALA L 6 -36.82 -40.88 -26.12
C ALA L 6 -35.53 -40.32 -26.73
N HYP L 7 -34.74 -39.51 -25.97
CA HYP L 7 -33.50 -38.94 -26.50
C HYP L 7 -32.27 -39.85 -26.63
O HYP L 7 -31.60 -40.29 -25.64
CB HYP L 7 -33.24 -37.70 -25.63
CG HYP L 7 -34.37 -37.64 -24.61
CD HYP L 7 -35.02 -38.99 -24.62
OD1 HYP L 7 -35.29 -36.66 -25.03
N GLU L 8 -31.95 -39.99 -27.93
CA GLU L 8 -30.70 -40.53 -28.42
C GLU L 8 -29.81 -39.43 -29.03
N HIS L 9 -28.49 -39.69 -28.99
CA HIS L 9 -27.46 -38.83 -29.54
C HIS L 9 -27.56 -38.81 -31.07
N LEU L 10 -27.44 -37.59 -31.62
CA LEU L 10 -27.25 -37.32 -33.04
C LEU L 10 -25.75 -37.25 -33.35
N PRO M 11 -68.77 2.92 -15.24
CA PRO M 11 -67.74 3.87 -14.75
C PRO M 11 -67.83 5.23 -15.44
N VAL M 12 -67.63 6.31 -14.69
CA VAL M 12 -67.68 7.64 -15.29
C VAL M 12 -66.53 7.85 -16.29
N LEU M 13 -65.28 7.52 -15.90
CA LEU M 13 -64.12 7.73 -16.75
C LEU M 13 -63.85 6.50 -17.63
N ARG M 14 -64.22 6.62 -18.92
CA ARG M 14 -64.17 5.57 -19.93
C ARG M 14 -64.26 6.23 -21.30
N SER M 15 -63.69 5.57 -22.31
CA SER M 15 -63.87 6.07 -23.66
C SER M 15 -65.29 5.81 -24.11
N VAL M 16 -65.80 6.69 -24.98
CA VAL M 16 -67.08 6.43 -25.62
C VAL M 16 -66.80 5.83 -26.99
N ASN M 17 -67.68 4.91 -27.41
CA ASN M 17 -67.56 4.30 -28.73
C ASN M 17 -68.11 5.23 -29.81
N SER M 18 -67.35 6.26 -30.14
CA SER M 18 -67.79 7.33 -31.04
C SER M 18 -67.82 6.87 -32.49
N ARG M 19 -66.85 6.00 -32.82
CA ARG M 19 -66.57 5.57 -34.18
C ARG M 19 -66.20 6.73 -35.10
N GLU M 20 -65.72 7.83 -34.51
CA GLU M 20 -65.26 8.99 -35.25
C GLU M 20 -63.74 9.06 -35.20
N PRO M 21 -62.99 8.60 -36.22
CA PRO M 21 -61.54 8.58 -36.15
C PRO M 21 -60.92 9.97 -35.92
N SER M 22 -59.84 9.99 -35.11
CA SER M 22 -59.09 11.18 -34.80
C SER M 22 -57.61 10.82 -34.85
N GLN M 23 -56.88 11.44 -35.78
CA GLN M 23 -55.44 11.24 -35.90
C GLN M 23 -54.72 12.04 -34.81
N VAL M 24 -53.85 11.37 -34.05
CA VAL M 24 -53.10 11.96 -32.95
C VAL M 24 -51.62 11.65 -33.09
N ILE M 25 -50.79 12.54 -32.57
CA ILE M 25 -49.36 12.29 -32.44
C ILE M 25 -48.95 12.46 -30.98
N PHE M 26 -48.58 11.33 -30.37
CA PHE M 26 -47.95 11.29 -29.04
C PHE M 26 -46.53 11.83 -29.18
N CYS M 27 -46.21 12.91 -28.46
CA CYS M 27 -44.88 13.51 -28.51
C CYS M 27 -44.29 13.49 -27.10
N ASN M 28 -43.27 12.66 -26.88
CA ASN M 28 -42.70 12.49 -25.57
C ASN M 28 -41.66 13.58 -25.34
N ARG M 29 -42.05 14.60 -24.57
CA ARG M 29 -41.20 15.73 -24.22
C ARG M 29 -40.78 15.61 -22.77
N SER M 30 -40.43 14.39 -22.33
CA SER M 30 -40.03 14.08 -20.98
C SER M 30 -38.75 13.27 -21.09
N PRO M 31 -37.99 13.12 -19.98
CA PRO M 31 -36.82 12.25 -19.99
C PRO M 31 -37.16 10.79 -19.69
N ARG M 32 -38.45 10.49 -19.47
CA ARG M 32 -38.90 9.17 -19.09
C ARG M 32 -39.31 8.36 -20.31
N VAL M 33 -39.25 7.03 -20.15
CA VAL M 33 -39.94 6.14 -21.06
C VAL M 33 -41.43 6.24 -20.75
N VAL M 34 -42.24 6.60 -21.75
CA VAL M 34 -43.65 6.86 -21.53
C VAL M 34 -44.49 5.63 -21.91
N LEU M 35 -45.43 5.29 -21.03
CA LEU M 35 -46.45 4.30 -21.30
C LEU M 35 -47.77 5.03 -21.58
N PRO M 36 -48.27 5.09 -22.84
CA PRO M 36 -49.61 5.60 -23.08
C PRO M 36 -50.65 4.56 -22.63
N VAL M 37 -51.68 5.03 -21.91
CA VAL M 37 -52.66 4.12 -21.34
C VAL M 37 -54.04 4.57 -21.82
N TRP M 38 -54.75 3.68 -22.53
CA TRP M 38 -56.07 3.94 -23.06
C TRP M 38 -57.07 3.37 -22.08
N LEU M 39 -58.09 4.18 -21.74
CA LEU M 39 -59.22 3.70 -20.96
C LEU M 39 -60.25 3.14 -21.93
N ASN M 40 -60.56 1.84 -21.79
CA ASN M 40 -61.39 1.20 -22.80
C ASN M 40 -62.84 1.55 -22.48
N PHE M 41 -63.77 0.86 -23.14
CA PHE M 41 -65.18 1.23 -23.07
C PHE M 41 -65.82 0.81 -21.75
N ASP M 42 -65.09 0.04 -20.93
CA ASP M 42 -65.47 -0.33 -19.59
C ASP M 42 -64.66 0.41 -18.53
N GLY M 43 -63.86 1.37 -18.95
CA GLY M 43 -63.05 2.12 -18.01
C GLY M 43 -61.78 1.39 -17.56
N GLU M 44 -61.47 0.27 -18.23
CA GLU M 44 -60.31 -0.51 -17.83
C GLU M 44 -59.10 0.03 -18.58
N PRO M 45 -57.97 0.29 -17.87
CA PRO M 45 -56.75 0.78 -18.52
C PRO M 45 -56.13 -0.29 -19.41
N GLN M 46 -55.77 0.03 -20.67
CA GLN M 46 -55.11 -0.86 -21.61
C GLN M 46 -53.82 -0.19 -22.08
N PRO M 47 -52.63 -0.78 -21.91
CA PRO M 47 -51.38 -0.16 -22.33
C PRO M 47 -51.15 -0.23 -23.84
N TYR M 48 -50.61 0.83 -24.44
CA TYR M 48 -50.16 0.86 -25.82
C TYR M 48 -48.62 0.83 -25.78
N PRO M 49 -47.92 0.46 -26.88
CA PRO M 49 -46.45 0.44 -26.82
C PRO M 49 -45.86 1.76 -26.30
N THR M 50 -44.77 1.64 -25.53
CA THR M 50 -43.99 2.70 -24.93
C THR M 50 -43.27 3.59 -25.96
N LEU M 51 -42.97 4.81 -25.53
CA LEU M 51 -42.27 5.83 -26.31
C LEU M 51 -40.95 6.17 -25.63
N PRO M 52 -39.79 5.97 -26.28
CA PRO M 52 -38.51 6.44 -25.75
C PRO M 52 -38.54 7.94 -25.53
N PRO M 53 -37.67 8.51 -24.63
CA PRO M 53 -37.58 9.96 -24.44
C PRO M 53 -37.28 10.67 -25.77
N GLY M 54 -37.99 11.78 -26.01
CA GLY M 54 -37.73 12.67 -27.12
C GLY M 54 -38.16 12.08 -28.47
N THR M 55 -39.02 11.05 -28.45
CA THR M 55 -39.56 10.46 -29.66
C THR M 55 -41.05 10.76 -29.78
N GLY M 56 -41.56 10.72 -31.00
CA GLY M 56 -42.99 10.93 -31.20
C GLY M 56 -43.50 9.86 -32.16
N ARG M 57 -44.83 9.69 -32.19
CA ARG M 57 -45.47 8.53 -32.80
C ARG M 57 -46.91 8.85 -33.21
N ARG M 58 -47.30 8.46 -34.43
CA ARG M 58 -48.65 8.67 -34.91
C ARG M 58 -49.57 7.55 -34.44
N ILE M 59 -50.75 7.94 -33.96
CA ILE M 59 -51.78 7.01 -33.49
C ILE M 59 -53.10 7.29 -34.19
N HIS M 60 -53.82 6.24 -34.54
CA HIS M 60 -55.23 6.32 -34.94
C HIS M 60 -56.10 6.03 -33.72
N SER M 61 -56.65 7.10 -33.16
CA SER M 61 -57.55 7.04 -32.03
C SER M 61 -58.91 7.54 -32.48
N TYR M 62 -59.75 8.02 -31.57
CA TYR M 62 -61.13 8.32 -31.92
C TYR M 62 -61.65 9.41 -31.00
N ARG M 63 -62.64 10.15 -31.50
CA ARG M 63 -63.24 11.19 -30.68
C ARG M 63 -63.84 10.61 -29.41
N GLY M 64 -63.57 11.30 -28.29
CA GLY M 64 -64.16 10.94 -27.01
C GLY M 64 -63.48 9.72 -26.37
N HIS M 65 -62.37 9.25 -26.92
CA HIS M 65 -61.58 8.26 -26.21
C HIS M 65 -60.72 8.95 -25.17
N LEU M 66 -60.44 8.25 -24.04
CA LEU M 66 -59.63 8.84 -22.96
C LEU M 66 -58.28 8.14 -22.90
N TRP M 67 -57.24 8.95 -22.64
CA TRP M 67 -55.85 8.54 -22.53
C TRP M 67 -55.22 9.19 -21.29
N LEU M 68 -54.32 8.44 -20.66
CA LEU M 68 -53.40 9.07 -19.74
C LEU M 68 -52.02 8.48 -19.95
N PHE M 69 -51.00 9.09 -19.31
CA PHE M 69 -49.63 8.73 -19.67
C PHE M 69 -48.76 8.64 -18.44
N ARG M 70 -47.88 7.64 -18.42
CA ARG M 70 -47.18 7.29 -17.18
C ARG M 70 -45.75 6.85 -17.50
N ASP M 71 -44.84 7.05 -16.54
CA ASP M 71 -43.56 6.39 -16.61
C ASP M 71 -43.79 4.89 -16.72
N ALA M 72 -43.20 4.27 -17.73
CA ALA M 72 -43.43 2.86 -18.04
C ALA M 72 -42.82 1.98 -16.95
N GLY M 73 -41.72 2.44 -16.35
CA GLY M 73 -41.00 1.66 -15.37
C GLY M 73 -41.57 1.81 -13.96
N THR M 74 -42.05 3.01 -13.64
CA THR M 74 -42.41 3.32 -12.26
C THR M 74 -43.87 3.73 -12.09
N HIS M 75 -44.56 3.99 -13.20
CA HIS M 75 -45.95 4.46 -13.19
C HIS M 75 -46.11 5.84 -12.56
N ASP M 76 -45.01 6.61 -12.46
CA ASP M 76 -45.12 7.98 -11.99
C ASP M 76 -46.11 8.69 -12.92
N GLY M 77 -46.98 9.57 -12.40
CA GLY M 77 -47.85 10.33 -13.29
C GLY M 77 -47.05 11.32 -14.13
N LEU M 78 -47.46 11.47 -15.39
CA LEU M 78 -47.03 12.48 -16.35
C LEU M 78 -48.22 13.32 -16.81
N LEU M 79 -47.90 14.50 -17.34
CA LEU M 79 -48.92 15.39 -17.91
C LEU M 79 -48.94 15.25 -19.43
N VAL M 80 -50.13 15.47 -20.01
CA VAL M 80 -50.33 15.53 -21.45
C VAL M 80 -51.10 16.82 -21.75
N ASN M 81 -50.54 17.66 -22.62
CA ASN M 81 -50.98 19.04 -22.84
C ASN M 81 -51.30 19.69 -21.51
N GLN M 82 -50.39 19.47 -20.56
CA GLN M 82 -50.40 20.11 -19.24
C GLN M 82 -51.58 19.66 -18.36
N THR M 83 -52.22 18.54 -18.70
CA THR M 83 -53.28 18.02 -17.83
C THR M 83 -53.17 16.51 -17.65
N GLU M 84 -54.09 15.90 -16.87
CA GLU M 84 -53.97 14.50 -16.50
C GLU M 84 -54.44 13.59 -17.63
N LEU M 85 -55.54 13.99 -18.27
CA LEU M 85 -56.24 13.20 -19.28
C LEU M 85 -56.22 13.90 -20.63
N PHE M 86 -56.21 13.09 -21.68
CA PHE M 86 -56.19 13.51 -23.07
C PHE M 86 -57.36 12.87 -23.83
N VAL M 87 -58.15 13.73 -24.49
CA VAL M 87 -59.31 13.30 -25.28
C VAL M 87 -59.17 13.83 -26.70
N PRO M 88 -58.88 12.96 -27.72
CA PRO M 88 -58.74 13.41 -29.11
C PRO M 88 -59.99 14.16 -29.53
N SER M 89 -59.81 15.29 -30.23
CA SER M 89 -60.93 16.08 -30.70
C SER M 89 -61.07 15.87 -32.20
N LEU M 90 -61.99 16.61 -32.83
CA LEU M 90 -62.15 16.56 -34.27
C LEU M 90 -60.91 17.11 -34.99
N ASN M 91 -60.45 16.43 -36.05
CA ASN M 91 -59.30 16.91 -36.81
C ASN M 91 -59.76 18.07 -37.70
N VAL M 92 -59.28 19.29 -37.42
CA VAL M 92 -59.71 20.39 -38.29
C VAL M 92 -58.79 20.40 -39.50
N ASP M 93 -59.36 20.38 -40.71
CA ASP M 93 -58.53 20.53 -41.91
C ASP M 93 -57.54 19.35 -42.01
N GLY M 94 -57.99 18.17 -41.57
CA GLY M 94 -57.23 16.93 -41.70
C GLY M 94 -55.94 16.94 -40.89
N GLN M 95 -55.69 18.02 -40.13
CA GLN M 95 -54.46 18.21 -39.36
C GLN M 95 -54.51 17.42 -38.05
N PRO M 96 -53.50 16.58 -37.76
CA PRO M 96 -53.49 15.84 -36.52
C PRO M 96 -53.34 16.67 -35.25
N ILE M 97 -53.80 16.06 -34.16
CA ILE M 97 -53.76 16.65 -32.82
C ILE M 97 -52.52 16.15 -32.09
N PHE M 98 -51.86 17.08 -31.39
CA PHE M 98 -50.65 16.79 -30.63
C PHE M 98 -50.99 16.49 -29.17
N ALA M 99 -50.45 15.40 -28.65
CA ALA M 99 -50.43 15.06 -27.23
C ALA M 99 -48.99 15.24 -26.76
N ASN M 100 -48.72 16.38 -26.13
CA ASN M 100 -47.40 16.69 -25.62
C ASN M 100 -47.27 16.21 -24.18
N ILE M 101 -46.46 15.19 -23.98
CA ILE M 101 -46.31 14.48 -22.71
C ILE M 101 -45.08 15.06 -21.99
N THR M 102 -45.27 15.52 -20.76
CA THR M 102 -44.22 16.23 -20.04
C THR M 102 -44.17 15.77 -18.60
N LEU M 103 -43.03 16.06 -17.94
CA LEU M 103 -43.00 16.03 -16.47
C LEU M 103 -43.89 17.11 -15.88
N PRO M 104 -44.61 16.76 -14.79
CA PRO M 104 -45.15 17.81 -13.91
C PRO M 104 -44.02 18.34 -13.03
N VAL M 105 -44.29 19.47 -12.38
CA VAL M 105 -43.40 19.88 -11.34
C VAL M 105 -43.85 19.11 -10.10
N TYR M 106 -43.29 17.90 -9.90
CA TYR M 106 -43.57 17.16 -8.70
C TYR M 106 -43.27 17.99 -7.45
N THR M 107 -43.93 17.63 -6.35
CA THR M 107 -43.60 18.18 -5.05
C THR M 107 -42.20 17.68 -4.68
N LEU M 108 -41.49 18.37 -3.81
CA LEU M 108 -40.17 17.89 -3.46
C LEU M 108 -40.28 16.53 -2.79
N LYS M 109 -41.29 16.34 -1.92
CA LYS M 109 -41.58 15.07 -1.29
C LYS M 109 -41.79 13.94 -2.31
N GLU M 110 -42.74 14.14 -3.25
CA GLU M 110 -43.02 13.10 -4.23
C GLU M 110 -41.74 12.76 -5.00
N ARG M 111 -40.96 13.78 -5.37
CA ARG M 111 -39.74 13.50 -6.11
C ARG M 111 -38.75 12.70 -5.28
N CYS M 112 -38.64 12.99 -3.97
CA CYS M 112 -37.73 12.22 -3.14
C CYS M 112 -38.21 10.77 -3.04
N LEU M 113 -39.53 10.57 -2.93
CA LEU M 113 -40.07 9.22 -2.91
C LEU M 113 -39.72 8.47 -4.19
N GLN M 114 -39.80 9.16 -5.35
CA GLN M 114 -39.47 8.49 -6.60
C GLN M 114 -38.02 8.00 -6.54
N VAL M 115 -37.12 8.86 -6.08
CA VAL M 115 -35.71 8.50 -6.10
C VAL M 115 -35.45 7.37 -5.11
N VAL M 116 -36.06 7.43 -3.92
CA VAL M 116 -35.79 6.37 -2.96
C VAL M 116 -36.35 5.04 -3.48
N ARG M 117 -37.58 5.07 -4.03
CA ARG M 117 -38.14 3.87 -4.65
C ARG M 117 -37.20 3.28 -5.71
N SER M 118 -36.58 4.13 -6.54
CA SER M 118 -35.72 3.63 -7.62
C SER M 118 -34.47 2.93 -7.08
N LEU M 119 -34.06 3.24 -5.85
CA LEU M 119 -32.82 2.74 -5.28
C LEU M 119 -33.03 1.59 -4.31
N VAL M 120 -34.23 1.44 -3.76
CA VAL M 120 -34.47 0.48 -2.70
C VAL M 120 -35.59 -0.45 -3.17
N LYS M 121 -35.32 -1.75 -3.02
CA LYS M 121 -36.27 -2.80 -3.33
C LYS M 121 -37.38 -2.80 -2.29
N PRO M 122 -38.65 -3.03 -2.69
CA PRO M 122 -39.75 -2.91 -1.72
C PRO M 122 -39.60 -3.76 -0.46
N GLU M 123 -38.99 -4.95 -0.56
CA GLU M 123 -38.78 -5.81 0.60
C GLU M 123 -37.96 -5.10 1.68
N ASN M 124 -37.21 -4.05 1.32
CA ASN M 124 -36.27 -3.40 2.21
C ASN M 124 -36.77 -2.02 2.68
N TYR M 125 -37.90 -1.55 2.14
CA TYR M 125 -38.40 -0.23 2.56
C TYR M 125 -38.36 -0.08 4.07
N ARG M 126 -38.74 -1.11 4.84
CA ARG M 126 -38.91 -0.98 6.28
C ARG M 126 -37.57 -1.08 7.01
N ARG M 127 -36.48 -1.33 6.27
CA ARG M 127 -35.15 -1.27 6.84
C ARG M 127 -34.51 0.11 6.69
N LEU M 128 -35.29 1.14 6.36
CA LEU M 128 -34.80 2.50 6.30
C LEU M 128 -35.16 3.20 7.60
N ASP M 129 -34.29 4.12 8.07
CA ASP M 129 -34.56 4.80 9.32
C ASP M 129 -35.38 6.06 9.07
N ILE M 130 -36.69 5.87 8.93
CA ILE M 130 -37.66 6.92 8.71
C ILE M 130 -38.86 6.64 9.62
N VAL M 131 -39.65 7.69 9.84
CA VAL M 131 -40.87 7.66 10.64
C VAL M 131 -41.92 6.84 9.90
N ARG M 132 -42.92 6.36 10.63
CA ARG M 132 -43.99 5.48 10.19
C ARG M 132 -44.69 5.99 8.92
N SER M 133 -45.04 7.29 8.93
CA SER M 133 -45.84 7.83 7.84
C SER M 133 -45.09 7.76 6.51
N LEU M 134 -43.77 7.77 6.55
CA LEU M 134 -43.02 7.78 5.28
C LEU M 134 -42.84 6.38 4.69
N TYR M 135 -42.79 5.35 5.53
CA TYR M 135 -42.83 3.97 5.06
C TYR M 135 -44.09 3.74 4.21
N GLU M 136 -45.26 4.13 4.77
CA GLU M 136 -46.55 4.03 4.09
C GLU M 136 -46.52 4.75 2.74
N ASP M 137 -45.95 5.96 2.82
CA ASP M 137 -45.87 6.82 1.64
C ASP M 137 -45.06 6.09 0.58
N LEU M 138 -43.90 5.55 0.95
CA LEU M 138 -43.03 4.85 0.00
C LEU M 138 -43.77 3.66 -0.63
N GLU M 139 -44.52 2.89 0.20
CA GLU M 139 -45.21 1.66 -0.20
C GLU M 139 -46.37 1.92 -1.15
N ASP M 140 -46.98 3.08 -1.02
CA ASP M 140 -48.14 3.50 -1.81
C ASP M 140 -47.68 4.02 -3.19
N HIS M 141 -47.18 3.08 -4.01
CA HIS M 141 -46.63 3.35 -5.33
C HIS M 141 -47.64 4.09 -6.19
N PRO M 142 -47.22 4.96 -7.14
CA PRO M 142 -48.22 5.57 -8.00
C PRO M 142 -48.84 4.48 -8.89
N ASN M 143 -50.10 4.68 -9.27
CA ASN M 143 -50.99 3.56 -9.56
C ASN M 143 -52.13 4.05 -10.45
N VAL M 144 -52.29 3.48 -11.64
CA VAL M 144 -53.30 3.98 -12.57
C VAL M 144 -54.70 3.88 -11.95
N GLN M 145 -54.98 2.73 -11.34
CA GLN M 145 -56.31 2.46 -10.79
C GLN M 145 -56.63 3.46 -9.68
N LYS M 146 -55.70 3.74 -8.78
CA LYS M 146 -55.95 4.73 -7.74
C LYS M 146 -56.13 6.13 -8.35
N ASP M 147 -55.41 6.44 -9.44
CA ASP M 147 -55.58 7.75 -10.05
C ASP M 147 -56.98 7.90 -10.62
N LEU M 148 -57.49 6.88 -11.29
CA LEU M 148 -58.85 6.97 -11.83
C LEU M 148 -59.87 7.16 -10.71
N GLU M 149 -59.70 6.47 -9.58
CA GLU M 149 -60.65 6.66 -8.49
C GLU M 149 -60.61 8.09 -7.96
N ARG M 150 -59.39 8.64 -7.80
CA ARG M 150 -59.23 10.03 -7.35
C ARG M 150 -59.86 11.01 -8.35
N LEU M 151 -59.68 10.77 -9.65
CA LEU M 151 -60.20 11.69 -10.67
C LEU M 151 -61.72 11.65 -10.70
N THR M 152 -62.31 10.45 -10.58
CA THR M 152 -63.75 10.28 -10.53
C THR M 152 -64.35 11.03 -9.34
N GLN M 153 -63.81 10.84 -8.14
CA GLN M 153 -64.18 11.58 -6.95
C GLN M 153 -64.09 13.09 -7.16
N GLU M 154 -62.98 13.56 -7.74
CA GLU M 154 -62.80 14.99 -7.95
C GLU M 154 -63.81 15.55 -8.93
N ARG M 155 -64.28 14.71 -9.89
CA ARG M 155 -65.18 15.16 -10.93
C ARG M 155 -66.56 15.43 -10.36
N ILE M 156 -66.82 15.12 -9.09
CA ILE M 156 -68.03 15.54 -8.38
C ILE M 156 -68.20 17.06 -8.49
N ALA M 157 -69.35 17.54 -8.99
CA ALA M 157 -69.56 18.96 -9.22
C ALA M 157 -71.01 19.30 -8.86
N ASP N 6 -31.70 33.37 -18.91
CA ASP N 6 -31.60 33.41 -17.44
C ASP N 6 -30.59 32.39 -16.94
N VAL N 7 -29.84 32.79 -15.91
CA VAL N 7 -28.78 31.97 -15.33
C VAL N 7 -29.02 31.96 -13.82
N PHE N 8 -28.82 30.78 -13.21
CA PHE N 8 -29.17 30.59 -11.82
C PHE N 8 -27.89 30.38 -11.05
N LEU N 9 -27.70 31.16 -9.98
CA LEU N 9 -26.44 31.24 -9.29
C LEU N 9 -26.58 30.95 -7.79
N MET N 10 -25.45 30.55 -7.20
CA MET N 10 -25.20 30.58 -5.77
C MET N 10 -23.96 31.44 -5.53
N ILE N 11 -24.15 32.56 -4.82
CA ILE N 11 -23.05 33.43 -4.43
C ILE N 11 -22.66 33.06 -3.00
N ARG N 12 -21.45 32.55 -2.83
CA ARG N 12 -21.05 31.89 -1.60
C ARG N 12 -19.78 32.53 -1.03
N ARG N 13 -19.81 32.79 0.26
CA ARG N 13 -18.67 33.26 1.01
C ARG N 13 -18.80 32.69 2.40
N HIS N 14 -17.73 32.04 2.88
CA HIS N 14 -17.73 31.43 4.20
C HIS N 14 -18.91 30.47 4.31
N LYS N 15 -19.82 30.72 5.26
CA LYS N 15 -20.99 29.88 5.48
C LYS N 15 -22.27 30.56 4.98
N THR N 16 -22.15 31.53 4.08
CA THR N 16 -23.29 32.29 3.54
C THR N 16 -23.43 31.90 2.08
N THR N 17 -24.66 31.61 1.65
CA THR N 17 -24.98 31.26 0.28
C THR N 17 -26.23 32.03 -0.15
N ILE N 18 -26.11 32.85 -1.21
CA ILE N 18 -27.21 33.61 -1.77
C ILE N 18 -27.67 32.91 -3.04
N PHE N 19 -28.95 32.55 -3.12
CA PHE N 19 -29.55 32.02 -4.34
C PHE N 19 -30.21 33.16 -5.10
N THR N 20 -29.79 33.36 -6.36
CA THR N 20 -30.31 34.43 -7.18
C THR N 20 -30.16 34.07 -8.65
N ASP N 21 -30.87 34.84 -9.48
CA ASP N 21 -30.83 34.67 -10.91
C ASP N 21 -30.49 36.03 -11.52
N ALA N 22 -30.13 36.02 -12.80
CA ALA N 22 -29.76 37.21 -13.55
C ALA N 22 -29.72 36.81 -15.01
N LYS N 23 -29.65 37.86 -15.82
CA LYS N 23 -29.53 37.64 -17.26
C LYS N 23 -28.08 37.37 -17.66
N GLU N 24 -27.92 36.46 -18.64
CA GLU N 24 -26.63 36.16 -19.25
C GLU N 24 -25.93 37.45 -19.71
N SER N 25 -26.71 38.41 -20.15
CA SER N 25 -26.18 39.65 -20.68
C SER N 25 -25.82 40.67 -19.58
N SER N 26 -26.27 40.44 -18.33
CA SER N 26 -25.97 41.37 -17.26
C SER N 26 -24.50 41.20 -16.84
N THR N 27 -23.99 42.20 -16.13
CA THR N 27 -22.56 42.24 -15.86
C THR N 27 -22.26 41.77 -14.43
N VAL N 28 -20.97 41.46 -14.19
CA VAL N 28 -20.46 41.19 -12.86
C VAL N 28 -20.80 42.33 -11.89
N PHE N 29 -20.62 43.57 -12.35
CA PHE N 29 -20.89 44.73 -11.51
C PHE N 29 -22.37 44.78 -11.09
N GLU N 30 -23.26 44.53 -12.05
CA GLU N 30 -24.68 44.44 -11.73
C GLU N 30 -24.92 43.34 -10.71
N LEU N 31 -24.15 42.24 -10.76
CA LEU N 31 -24.31 41.19 -9.76
C LEU N 31 -23.84 41.66 -8.37
N LYS N 32 -22.75 42.44 -8.36
CA LYS N 32 -22.28 43.01 -7.10
C LYS N 32 -23.32 43.95 -6.51
N ARG N 33 -24.06 44.68 -7.38
CA ARG N 33 -25.15 45.52 -6.87
C ARG N 33 -26.21 44.66 -6.19
N ILE N 34 -26.58 43.52 -6.79
CA ILE N 34 -27.54 42.63 -6.14
C ILE N 34 -27.05 42.17 -4.76
N VAL N 35 -25.79 41.72 -4.66
CA VAL N 35 -25.17 41.35 -3.38
C VAL N 35 -25.27 42.55 -2.42
N GLU N 36 -24.98 43.75 -2.92
CA GLU N 36 -24.99 44.94 -2.08
C GLU N 36 -26.35 45.11 -1.36
N GLY N 37 -27.45 44.95 -2.11
CA GLY N 37 -28.77 45.06 -1.52
C GLY N 37 -29.01 44.03 -0.42
N ILE N 38 -28.39 42.84 -0.52
CA ILE N 38 -28.63 41.77 0.46
C ILE N 38 -27.64 41.87 1.64
N LEU N 39 -26.36 42.04 1.34
CA LEU N 39 -25.35 41.93 2.40
C LEU N 39 -24.83 43.29 2.85
N LYS N 40 -25.33 44.41 2.27
CA LYS N 40 -25.08 45.77 2.74
C LYS N 40 -23.58 46.16 2.71
N ARG N 41 -22.88 45.66 1.68
CA ARG N 41 -21.49 45.99 1.41
C ARG N 41 -21.43 46.46 -0.04
N PRO N 42 -20.85 47.66 -0.31
CA PRO N 42 -20.74 48.22 -1.65
C PRO N 42 -19.84 47.40 -2.58
N PRO N 43 -20.09 47.54 -3.90
CA PRO N 43 -19.29 46.85 -4.91
C PRO N 43 -17.77 47.00 -4.85
N ASP N 44 -17.32 48.19 -4.45
CA ASP N 44 -15.89 48.39 -4.27
C ASP N 44 -15.32 47.63 -3.07
N GLU N 45 -16.19 46.98 -2.28
CA GLU N 45 -15.73 46.13 -1.18
C GLU N 45 -16.09 44.65 -1.41
N GLN N 46 -16.44 44.27 -2.64
CA GLN N 46 -16.57 42.87 -2.99
C GLN N 46 -15.61 42.49 -4.10
N ARG N 47 -15.19 41.23 -4.09
CA ARG N 47 -14.62 40.58 -5.25
C ARG N 47 -15.43 39.30 -5.50
N LEU N 48 -15.77 39.09 -6.77
CA LEU N 48 -16.50 37.92 -7.23
C LEU N 48 -15.60 37.03 -8.09
N TYR N 49 -15.75 35.72 -7.94
CA TYR N 49 -14.89 34.71 -8.54
C TYR N 49 -15.72 33.66 -9.25
N LYS N 50 -15.20 33.16 -10.38
CA LYS N 50 -15.61 31.89 -10.91
C LYS N 50 -14.45 30.94 -10.73
N ASP N 51 -14.64 29.95 -9.87
CA ASP N 51 -13.55 29.12 -9.37
C ASP N 51 -12.52 30.01 -8.67
N ASP N 52 -11.25 30.01 -9.12
CA ASP N 52 -10.25 30.91 -8.58
C ASP N 52 -10.01 32.14 -9.43
N GLN N 53 -10.86 32.39 -10.40
CA GLN N 53 -10.64 33.49 -11.33
C GLN N 53 -11.43 34.73 -10.94
N LEU N 54 -10.72 35.82 -10.61
CA LEU N 54 -11.34 37.09 -10.25
C LEU N 54 -12.06 37.65 -11.48
N LEU N 55 -13.33 38.00 -11.31
CA LEU N 55 -14.15 38.44 -12.42
C LEU N 55 -14.08 39.96 -12.54
N ASP N 56 -13.87 40.41 -13.80
CA ASP N 56 -13.86 41.82 -14.19
C ASP N 56 -15.27 42.41 -14.11
N ASP N 57 -15.39 43.64 -13.57
CA ASP N 57 -16.71 44.23 -13.37
C ASP N 57 -17.48 44.39 -14.68
N GLY N 58 -16.78 44.79 -15.75
CA GLY N 58 -17.43 45.08 -17.02
C GLY N 58 -17.93 43.86 -17.80
N LYS N 59 -17.50 42.62 -17.44
CA LYS N 59 -17.83 41.41 -18.20
C LYS N 59 -19.27 40.96 -17.94
N THR N 60 -19.91 40.45 -18.99
CA THR N 60 -21.19 39.79 -18.81
C THR N 60 -20.95 38.44 -18.13
N LEU N 61 -22.03 37.95 -17.50
CA LEU N 61 -22.05 36.63 -16.88
C LEU N 61 -21.80 35.55 -17.95
N GLY N 62 -22.42 35.72 -19.13
CA GLY N 62 -22.22 34.71 -20.16
C GLY N 62 -20.78 34.71 -20.63
N GLU N 63 -20.17 35.91 -20.63
CA GLU N 63 -18.77 36.03 -21.02
C GLU N 63 -17.86 35.30 -20.03
N ALA N 64 -18.30 35.29 -18.76
CA ALA N 64 -17.54 34.68 -17.69
C ALA N 64 -17.73 33.16 -17.57
N GLY N 65 -18.60 32.59 -18.39
CA GLY N 65 -18.82 31.16 -18.43
C GLY N 65 -20.13 30.68 -17.81
N PHE N 66 -20.98 31.57 -17.29
CA PHE N 66 -22.26 31.18 -16.75
C PHE N 66 -23.34 31.24 -17.82
N THR N 67 -24.00 30.14 -18.20
CA THR N 67 -24.94 30.20 -19.30
C THR N 67 -26.14 29.42 -18.87
N SER N 68 -27.20 29.44 -19.67
CA SER N 68 -28.41 28.67 -19.41
C SER N 68 -28.08 27.20 -19.21
N GLN N 69 -27.07 26.73 -19.95
CA GLN N 69 -26.77 25.31 -19.91
C GLN N 69 -26.07 24.90 -18.61
N THR N 70 -25.33 25.83 -18.02
CA THR N 70 -24.32 25.53 -17.01
C THR N 70 -24.78 25.99 -15.64
N ALA N 71 -25.81 26.85 -15.66
CA ALA N 71 -26.30 27.54 -14.49
C ALA N 71 -27.81 27.42 -14.44
N ARG N 72 -28.29 26.24 -14.06
CA ARG N 72 -29.68 25.85 -14.18
C ARG N 72 -30.40 25.98 -12.84
N PRO N 73 -31.72 26.19 -12.82
CA PRO N 73 -32.44 26.31 -11.55
C PRO N 73 -32.12 25.20 -10.54
N GLN N 74 -32.08 23.94 -11.03
CA GLN N 74 -31.94 22.77 -10.19
C GLN N 74 -30.47 22.43 -9.89
N ALA N 75 -29.55 23.13 -10.54
CA ALA N 75 -28.11 22.90 -10.42
C ALA N 75 -27.39 24.24 -10.69
N PRO N 76 -27.58 25.24 -9.81
CA PRO N 76 -27.09 26.60 -10.07
C PRO N 76 -25.57 26.65 -9.97
N ALA N 77 -24.94 27.57 -10.70
CA ALA N 77 -23.50 27.73 -10.75
C ALA N 77 -23.04 28.56 -9.55
N THR N 78 -21.84 28.29 -9.06
CA THR N 78 -21.31 28.97 -7.88
C THR N 78 -20.45 30.16 -8.30
N VAL N 79 -20.71 31.28 -7.63
CA VAL N 79 -19.90 32.48 -7.75
C VAL N 79 -19.27 32.72 -6.37
N GLY N 80 -17.95 32.70 -6.30
CA GLY N 80 -17.25 33.01 -5.06
C GLY N 80 -17.31 34.50 -4.74
N LEU N 81 -17.46 34.82 -3.44
CA LEU N 81 -17.45 36.19 -2.94
C LEU N 81 -16.41 36.35 -1.84
N ALA N 82 -15.56 37.38 -1.92
CA ALA N 82 -14.72 37.82 -0.81
C ALA N 82 -14.92 39.31 -0.53
N PHE N 83 -14.92 39.70 0.77
CA PHE N 83 -15.08 41.08 1.19
C PHE N 83 -13.74 41.79 1.44
N ARG N 84 -13.75 43.13 1.34
CA ARG N 84 -12.60 43.89 1.83
C ARG N 84 -12.64 44.07 3.36
N ALA N 85 -11.46 44.26 3.98
CA ALA N 85 -11.34 44.39 5.42
C ALA N 85 -10.05 45.16 5.71
N ASP N 86 -10.18 46.38 6.23
CA ASP N 86 -9.10 47.18 6.77
C ASP N 86 -7.99 47.41 5.73
N ASP N 87 -8.41 47.79 4.51
CA ASP N 87 -7.54 48.32 3.45
C ASP N 87 -7.17 47.26 2.41
N THR N 88 -7.22 45.96 2.76
CA THR N 88 -6.96 44.87 1.82
C THR N 88 -8.01 43.77 1.97
N PHE N 89 -8.15 42.99 0.89
CA PHE N 89 -9.18 41.98 0.71
C PHE N 89 -8.75 40.66 1.35
N GLU N 90 -9.73 40.05 2.05
CA GLU N 90 -9.66 38.71 2.62
C GLU N 90 -9.57 37.67 1.51
N ALA N 91 -8.97 36.51 1.82
CA ALA N 91 -8.87 35.41 0.89
C ALA N 91 -10.27 34.85 0.60
N LEU N 92 -10.50 34.46 -0.66
CA LEU N 92 -11.69 33.69 -1.01
C LEU N 92 -11.72 32.37 -0.22
N SER N 93 -12.81 32.16 0.52
CA SER N 93 -12.95 30.95 1.31
C SER N 93 -14.41 30.53 1.40
N ILE N 94 -14.74 29.40 0.79
CA ILE N 94 -16.10 28.86 0.81
C ILE N 94 -16.10 27.57 1.63
N GLU N 95 -16.82 27.56 2.77
CA GLU N 95 -16.94 26.39 3.63
C GLU N 95 -17.86 25.39 2.93
N PRO N 96 -17.44 24.11 2.78
CA PRO N 96 -18.28 23.12 2.12
C PRO N 96 -19.53 22.88 2.97
N PHE N 97 -20.59 22.39 2.32
CA PHE N 97 -21.80 21.96 2.99
C PHE N 97 -21.48 20.68 3.76
N SER N 98 -22.40 20.29 4.66
CA SER N 98 -22.14 19.17 5.54
C SER N 98 -22.04 17.91 4.71
N SER N 99 -21.58 16.83 5.39
CA SER N 99 -21.31 15.58 4.67
C SER N 99 -22.47 14.61 4.86
N PRO N 100 -23.02 13.99 3.77
CA PRO N 100 -24.11 13.03 3.94
C PRO N 100 -23.56 11.76 4.60
N PRO N 101 -24.40 10.96 5.33
CA PRO N 101 -23.92 9.74 5.97
C PRO N 101 -23.53 8.73 4.90
N GLU N 102 -22.81 7.67 5.33
CA GLU N 102 -22.58 6.53 4.47
C GLU N 102 -23.92 6.02 3.92
N LEU N 103 -23.98 5.77 2.59
CA LEU N 103 -25.21 5.34 1.92
C LEU N 103 -25.59 3.98 2.51
N PRO N 104 -26.87 3.75 2.92
CA PRO N 104 -27.26 2.46 3.48
C PRO N 104 -27.15 1.34 2.44
N ASP N 105 -26.83 0.13 2.94
CA ASP N 105 -26.62 -1.02 2.09
C ASP N 105 -27.83 -1.29 1.21
N VAL N 106 -29.04 -1.10 1.77
CA VAL N 106 -30.29 -1.29 1.04
C VAL N 106 -30.43 -0.28 -0.11
N MET N 107 -29.59 0.76 -0.14
CA MET N 107 -29.65 1.76 -1.21
C MET N 107 -28.45 1.65 -2.17
N LYS N 108 -27.59 0.63 -1.99
CA LYS N 108 -26.45 0.44 -2.87
C LYS N 108 -26.87 -0.30 -4.14
N PRO N 109 -26.67 0.31 -5.35
CA PRO N 109 -26.96 -0.38 -6.62
C PRO N 109 -26.04 -1.59 -6.88
N SER O 4 -36.86 41.77 -5.59
CA SER O 4 -37.63 41.02 -4.54
C SER O 4 -36.94 41.11 -3.18
N MET O 5 -37.77 40.98 -2.13
CA MET O 5 -37.37 40.78 -0.74
C MET O 5 -36.89 39.34 -0.56
N TYR O 6 -35.97 39.19 0.41
CA TYR O 6 -35.20 37.99 0.71
C TYR O 6 -35.36 37.61 2.18
N VAL O 7 -35.09 36.33 2.47
CA VAL O 7 -35.20 35.80 3.82
C VAL O 7 -34.06 34.82 4.02
N LYS O 8 -33.74 34.53 5.29
CA LYS O 8 -32.57 33.76 5.66
C LYS O 8 -33.03 32.43 6.24
N LEU O 9 -32.61 31.34 5.62
CA LEU O 9 -32.82 30.02 6.21
C LEU O 9 -31.50 29.49 6.76
N ILE O 10 -31.45 29.05 8.01
CA ILE O 10 -30.22 28.54 8.61
C ILE O 10 -30.39 27.06 8.89
N SER O 11 -29.37 26.34 8.44
CA SER O 11 -29.28 24.92 8.67
C SER O 11 -28.72 24.58 10.06
N SER O 12 -28.80 23.29 10.42
CA SER O 12 -28.40 22.81 11.73
C SER O 12 -26.91 23.03 11.97
N ASP O 13 -26.11 22.96 10.89
CA ASP O 13 -24.67 23.16 10.97
C ASP O 13 -24.26 24.62 10.74
N GLY O 14 -25.20 25.55 10.72
CA GLY O 14 -24.85 26.96 10.78
C GLY O 14 -24.79 27.66 9.42
N HIS O 15 -24.99 26.93 8.30
CA HIS O 15 -24.95 27.56 6.99
C HIS O 15 -26.18 28.44 6.83
N GLU O 16 -25.97 29.65 6.29
CA GLU O 16 -27.07 30.57 6.01
C GLU O 16 -27.33 30.60 4.52
N PHE O 17 -28.62 30.46 4.16
CA PHE O 17 -29.10 30.52 2.80
C PHE O 17 -30.05 31.70 2.65
N ILE O 18 -29.68 32.62 1.76
CA ILE O 18 -30.54 33.73 1.46
C ILE O 18 -31.23 33.49 0.12
N VAL O 19 -32.57 33.45 0.19
CA VAL O 19 -33.42 33.14 -0.95
C VAL O 19 -34.51 34.18 -1.06
N LYS O 20 -35.04 34.35 -2.27
CA LYS O 20 -36.18 35.24 -2.47
C LYS O 20 -37.31 34.77 -1.55
N ARG O 21 -38.00 35.76 -0.95
CA ARG O 21 -39.19 35.47 -0.15
C ARG O 21 -40.21 34.62 -0.93
N GLU O 22 -40.55 35.04 -2.16
CA GLU O 22 -41.54 34.30 -2.95
C GLU O 22 -41.13 32.83 -3.11
N HIS O 23 -39.85 32.58 -3.35
CA HIS O 23 -39.36 31.21 -3.49
C HIS O 23 -39.59 30.44 -2.19
N ALA O 24 -39.29 31.07 -1.06
CA ALA O 24 -39.42 30.38 0.21
C ALA O 24 -40.86 29.99 0.48
N LEU O 25 -41.82 30.76 -0.04
CA LEU O 25 -43.22 30.47 0.16
C LEU O 25 -43.65 29.17 -0.53
N THR O 26 -42.76 28.57 -1.34
CA THR O 26 -43.01 27.23 -1.88
C THR O 26 -43.24 26.23 -0.74
N SER O 27 -42.59 26.45 0.42
CA SER O 27 -42.85 25.69 1.62
C SER O 27 -44.03 26.31 2.39
N GLY O 28 -45.09 25.53 2.60
CA GLY O 28 -46.17 25.93 3.49
C GLY O 28 -45.66 26.19 4.90
N THR O 29 -44.67 25.35 5.34
CA THR O 29 -44.11 25.53 6.68
C THR O 29 -43.39 26.87 6.79
N ILE O 30 -42.53 27.19 5.81
CA ILE O 30 -41.79 28.43 5.88
C ILE O 30 -42.75 29.62 5.73
N LYS O 31 -43.75 29.48 4.86
CA LYS O 31 -44.71 30.55 4.62
C LYS O 31 -45.44 30.89 5.93
N ALA O 32 -45.89 29.89 6.70
CA ALA O 32 -46.49 30.17 8.01
C ALA O 32 -45.56 30.90 9.00
N MET O 33 -44.28 30.47 9.06
CA MET O 33 -43.30 31.01 9.98
C MET O 33 -43.00 32.47 9.71
N LEU O 34 -43.16 32.88 8.44
CA LEU O 34 -42.89 34.25 8.05
C LEU O 34 -44.25 34.94 8.23
N SER O 35 -44.33 35.87 9.19
CA SER O 35 -45.50 36.71 9.47
C SER O 35 -45.64 36.96 11.00
N ASN O 46 -36.19 38.59 7.75
CA ASN O 46 -36.72 37.53 8.65
C ASN O 46 -35.90 36.23 8.50
N GLU O 47 -35.54 35.67 9.67
CA GLU O 47 -34.72 34.48 9.72
C GLU O 47 -35.61 33.28 10.01
N VAL O 48 -35.12 32.07 9.69
CA VAL O 48 -35.78 30.84 10.10
C VAL O 48 -34.70 29.78 10.34
N ASN O 49 -34.67 29.19 11.56
CA ASN O 49 -33.65 28.25 11.96
C ASN O 49 -34.17 26.83 11.93
N PHE O 50 -33.42 25.99 11.24
CA PHE O 50 -33.76 24.59 11.07
C PHE O 50 -32.75 23.71 11.77
N ARG O 51 -32.94 23.49 13.06
CA ARG O 51 -32.04 22.65 13.85
C ARG O 51 -31.98 21.18 13.39
N GLU O 52 -32.90 20.72 12.53
CA GLU O 52 -32.85 19.32 12.14
C GLU O 52 -32.42 19.12 10.69
N ILE O 53 -32.15 20.18 9.96
CA ILE O 53 -31.89 20.03 8.54
C ILE O 53 -30.46 20.43 8.25
N PRO O 54 -29.54 19.53 7.86
CA PRO O 54 -28.16 19.92 7.62
C PRO O 54 -27.98 20.65 6.29
N SER O 55 -26.89 21.41 6.19
CA SER O 55 -26.58 22.23 5.02
C SER O 55 -26.61 21.45 3.71
N HIS O 56 -26.18 20.19 3.71
CA HIS O 56 -26.21 19.52 2.42
C HIS O 56 -27.63 19.19 1.98
N VAL O 57 -28.60 19.23 2.91
CA VAL O 57 -30.02 19.02 2.56
C VAL O 57 -30.69 20.37 2.27
N LEU O 58 -30.42 21.37 3.10
CA LEU O 58 -31.14 22.62 2.97
C LEU O 58 -30.72 23.35 1.70
N SER O 59 -29.48 23.15 1.25
CA SER O 59 -29.08 23.72 -0.03
C SER O 59 -29.93 23.17 -1.18
N LYS O 60 -30.17 21.85 -1.16
CA LYS O 60 -30.96 21.20 -2.19
C LYS O 60 -32.43 21.67 -2.15
N VAL O 61 -32.96 21.84 -0.95
CA VAL O 61 -34.31 22.38 -0.78
C VAL O 61 -34.40 23.74 -1.45
N CYS O 62 -33.39 24.62 -1.27
CA CYS O 62 -33.40 25.91 -1.94
C CYS O 62 -33.33 25.76 -3.46
N MET O 63 -32.53 24.81 -3.96
CA MET O 63 -32.53 24.58 -5.39
C MET O 63 -33.93 24.18 -5.84
N TYR O 64 -34.62 23.36 -5.01
CA TYR O 64 -35.97 22.96 -5.39
C TYR O 64 -36.87 24.19 -5.47
N PHE O 65 -36.74 25.13 -4.53
CA PHE O 65 -37.57 26.33 -4.60
C PHE O 65 -37.38 27.06 -5.92
N THR O 66 -36.12 27.21 -6.38
CA THR O 66 -35.85 27.86 -7.66
C THR O 66 -36.54 27.09 -8.80
N TYR O 67 -36.35 25.78 -8.81
CA TYR O 67 -36.84 24.89 -9.85
C TYR O 67 -38.38 24.99 -9.96
N LYS O 68 -39.05 24.92 -8.81
CA LYS O 68 -40.50 24.98 -8.71
C LYS O 68 -41.02 26.30 -9.26
N VAL O 69 -40.44 27.42 -8.83
CA VAL O 69 -40.92 28.71 -9.29
C VAL O 69 -40.64 28.88 -10.77
N ARG O 70 -39.49 28.37 -11.25
CA ARG O 70 -39.20 28.55 -12.67
C ARG O 70 -40.17 27.76 -13.56
N TYR O 71 -40.45 26.49 -13.20
CA TYR O 71 -41.14 25.59 -14.12
C TYR O 71 -42.65 25.40 -13.86
N THR O 72 -43.15 25.82 -12.70
CA THR O 72 -44.60 25.76 -12.54
C THR O 72 -45.28 26.72 -13.52
N ASN O 73 -46.17 26.17 -14.35
CA ASN O 73 -46.92 26.94 -15.35
C ASN O 73 -46.04 27.36 -16.52
N SER O 74 -45.09 26.51 -16.91
CA SER O 74 -44.28 26.79 -18.09
C SER O 74 -44.69 25.86 -19.23
N SER O 75 -44.75 26.40 -20.46
CA SER O 75 -45.16 25.64 -21.64
C SER O 75 -43.98 24.85 -22.19
N THR O 76 -42.78 25.21 -21.70
CA THR O 76 -41.52 24.59 -22.02
C THR O 76 -41.47 23.13 -21.55
N GLU O 77 -40.43 22.42 -22.01
CA GLU O 77 -40.03 21.11 -21.53
C GLU O 77 -39.42 21.30 -20.16
N ILE O 78 -39.83 20.45 -19.21
CA ILE O 78 -39.35 20.53 -17.85
C ILE O 78 -38.25 19.49 -17.66
N PRO O 79 -37.11 19.88 -17.10
CA PRO O 79 -36.07 18.91 -16.78
C PRO O 79 -36.37 18.21 -15.46
N GLU O 80 -35.79 17.03 -15.31
CA GLU O 80 -35.81 16.26 -14.07
C GLU O 80 -35.19 17.06 -12.92
N PHE O 81 -35.79 17.03 -11.72
CA PHE O 81 -35.10 17.54 -10.55
C PHE O 81 -34.14 16.46 -10.06
N PRO O 82 -32.82 16.67 -10.12
CA PRO O 82 -31.86 15.61 -9.76
C PRO O 82 -31.69 15.50 -8.24
N ILE O 83 -31.70 14.25 -7.73
CA ILE O 83 -31.46 13.99 -6.31
C ILE O 83 -30.44 12.87 -6.17
N ALA O 84 -29.30 13.22 -5.61
CA ALA O 84 -28.24 12.27 -5.37
C ALA O 84 -28.69 11.21 -4.36
N PRO O 85 -28.28 9.93 -4.60
CA PRO O 85 -28.64 8.85 -3.68
C PRO O 85 -28.36 9.17 -2.21
N GLU O 86 -27.24 9.85 -1.94
CA GLU O 86 -26.75 10.04 -0.59
C GLU O 86 -27.61 11.01 0.22
N ILE O 87 -28.41 11.84 -0.45
CA ILE O 87 -29.17 12.90 0.23
C ILE O 87 -30.68 12.59 0.24
N ALA O 88 -31.12 11.52 -0.44
CA ALA O 88 -32.54 11.31 -0.73
C ALA O 88 -33.41 11.21 0.55
N LEU O 89 -32.97 10.34 1.48
CA LEU O 89 -33.70 10.07 2.71
C LEU O 89 -33.90 11.36 3.52
N GLU O 90 -32.78 12.06 3.74
CA GLU O 90 -32.83 13.28 4.53
C GLU O 90 -33.64 14.38 3.83
N LEU O 91 -33.51 14.46 2.50
CA LEU O 91 -34.30 15.44 1.73
C LEU O 91 -35.79 15.10 1.82
N LEU O 92 -36.11 13.80 1.83
CA LEU O 92 -37.50 13.36 1.94
C LEU O 92 -38.09 13.82 3.28
N MET O 93 -37.34 13.57 4.38
CA MET O 93 -37.77 14.04 5.69
C MET O 93 -37.98 15.57 5.71
N ALA O 94 -37.02 16.30 5.16
CA ALA O 94 -37.14 17.75 5.07
C ALA O 94 -38.37 18.18 4.27
N ALA O 95 -38.59 17.57 3.09
CA ALA O 95 -39.73 17.94 2.26
C ALA O 95 -41.03 17.71 3.02
N ASN O 96 -41.07 16.61 3.78
CA ASN O 96 -42.24 16.28 4.59
C ASN O 96 -42.46 17.32 5.68
N PHE O 97 -41.37 17.74 6.37
CA PHE O 97 -41.51 18.79 7.37
C PHE O 97 -41.90 20.15 6.74
N LEU O 98 -41.32 20.50 5.61
CA LEU O 98 -41.50 21.77 4.94
C LEU O 98 -42.84 21.83 4.18
N ASP O 99 -43.41 20.63 3.88
CA ASP O 99 -44.64 20.59 3.08
C ASP O 99 -44.43 21.25 1.71
N CYS O 100 -43.48 20.71 0.93
CA CYS O 100 -43.34 21.14 -0.45
C CYS O 100 -42.96 19.97 -1.35
N TYR P 3 -68.62 -1.90 -30.78
CA TYR P 3 -67.62 -2.19 -31.85
C TYR P 3 -66.21 -2.12 -31.26
N TYR P 4 -65.30 -2.89 -31.87
CA TYR P 4 -63.88 -2.81 -31.58
C TYR P 4 -63.28 -1.70 -32.46
N MET P 5 -63.93 -0.54 -32.43
CA MET P 5 -63.29 0.70 -32.86
C MET P 5 -62.39 1.15 -31.72
N ALA P 6 -61.23 0.50 -31.60
CA ALA P 6 -60.25 0.74 -30.55
C ALA P 6 -58.92 1.24 -31.15
N HYP P 7 -58.11 2.03 -30.41
CA HYP P 7 -56.82 2.51 -30.93
C HYP P 7 -55.62 1.57 -31.09
O HYP P 7 -54.85 1.25 -30.12
CB HYP P 7 -56.55 3.79 -30.12
CG HYP P 7 -57.63 3.89 -29.05
CD HYP P 7 -58.39 2.58 -29.08
OD1 HYP P 7 -58.47 4.98 -29.38
N GLU P 8 -55.46 1.19 -32.39
CA GLU P 8 -54.25 0.67 -33.01
C GLU P 8 -53.46 1.81 -33.68
N HIS P 9 -52.16 1.56 -33.96
CA HIS P 9 -51.21 2.56 -34.42
C HIS P 9 -51.44 2.91 -35.91
C1 GOL Q . 24.69 -1.59 -5.65
O1 GOL Q . 23.33 -1.19 -5.43
C2 GOL Q . 25.68 -0.75 -4.87
O2 GOL Q . 26.32 0.21 -5.73
C3 GOL Q . 26.73 -1.56 -4.16
O3 GOL Q . 28.05 -1.08 -4.45
C1 GOL R . -12.73 -33.28 -7.89
O1 GOL R . -13.25 -32.61 -9.02
C2 GOL R . -12.23 -32.31 -6.84
O2 GOL R . -12.68 -32.68 -5.54
C3 GOL R . -10.74 -32.08 -6.86
O3 GOL R . -10.35 -31.15 -7.88
#